data_7ELA
#
_entry.id   7ELA
#
_cell.length_a   1.00
_cell.length_b   1.00
_cell.length_c   1.00
_cell.angle_alpha   90.00
_cell.angle_beta   90.00
_cell.angle_gamma   90.00
#
_symmetry.space_group_name_H-M   'P 1'
#
loop_
_entity.id
_entity.type
_entity.pdbx_description
1 polymer 'RING finger protein Z'
2 polymer "3-'vRNA promoter"
3 polymer 'RNA-directed RNA polymerase L'
4 non-polymer 'ZINC ION'
5 non-polymer 'MANGANESE (II) ION'
#
loop_
_entity_poly.entity_id
_entity_poly.type
_entity_poly.pdbx_seq_one_letter_code
_entity_poly.pdbx_strand_id
1 'polypeptide(L)'
;MGNKQVKAPEARNSPRASLIPDATHLGPQFCKSCWAENKGLVECNNHYLCLNCLTLLLGVSSRCPICKMPLPTRLRPSAA
PTAPPAEAGDNTRPPPYSP
;
B
2 'polyribonucleotide' GCCUAGGAUCCACUGUGCG C
3 'polypeptide(L)'
;MEEDIACVKDLVSKYLANNERLSRQKLAFLVQTEPRMLLMEGLKLLSLCIEVDSCNANGCEHNSEDKSVERILHDHGVLT
PSLCFVVPDGYKLTGNVLILLECFVRSSPANFEQKYVEDFKKLEQLKEDLKSVDINLIPLIDGRTSFYNEQIPDWVNDKL
RDTLFSLLKYAQESNSLFEESEYSRLCESLSMTSGRLSGVESLNALLDNRSNHYEEVIASCHQGINNKLTAHEVKLQIEE
EYQVFRNRLRKGEIEGQFLKVEKNQLLNEFNNLYADKVAEKDSVEHLTHQFKRASPILRFLYANISKGDNGEGNLIIGEC
QMQCWRSFLNKVKSMRILNTRRKLLLIFDALILLASKHDQVRKKPLRGWLGTCFVSVNDRLVSLESTKKDLKKWVERRQQ
VERSRTMQSFQCPSKNQILNSIFQKTISKATTALRDVGISVDHYKIDMEVICPDGYDLIMDFDVSGVTPTISYQRSEEEA
FPYIMGDVDLLKTTDLERLSSLSLALVNSMKTSSTVKLRQNEFGPARYQVVKCKEAYCQEFSLGETEFQLIYQKTGECSK
CYAINDNRVGEVCSFYADPKRYFPAIFSAEVLQTTVSTMISWIEDCNELEEQLDKIRSLTKMILILILAHPSKRSQKLLQ
NLRYFIMAYVSDYYHKDLIDKVREELITDVEFLLYRLLRTLMGLVLSEDVKSMMTNRFKFILNISYMCHFITKETPDRLT
DQIKCFEKFLEPKVKFGHVSINPADTATEEELDDMVYNAKKFLSKGGCTSAKGPSYKKPGVSKKYLSLLTSSFNNGSLFK
EREVKKEIKDPLITSGCATALDLASNKSVVVNKYTDGSRVLNYDFNKLTALAVSQLTEVFSRKGKHLLNKQDYEYKVQQA
MSNLVLGSKQHKGDADEADLDEILLDGGASTYFNQLKETVEKIVDQYREPVKMGSGSNDGDQPSINDLDEIVSNKFYIRL
IKGELSNHMVEDFDHDVLPDKFYEEFCDAVYENSKLKEKYFYCGHMSQCPIGELTKAVSTRTYLDHEYFQCFKSILLIMN
ANALMGKYTHYKSRNLNFKFDMGKLSDDARISERESNSEALSKALSLTNCTTAMLKNLCFYSQESPQSYNSVGPDTGRLK
FSLSYKEQVGGNRELYIGDLRTKMFTRLIEDYFEALSSQLSGSCLNNEKEFENAILSMKLNVSMAHVSYSMDHSKWGPMM
CPFLFLTVLQNLIFLSKDLQADIKGRDYLSTLLMWHMHKMVEIPFNVVSAMMKSFIKAQLGLRKKTKQSITEDFFYSNFQ
IGVVPSHISSILDMGQGILHNTSDFYALITERFINYAISCVCGGTIDAYTSSDDQISLFDQTLTELLHRDPEEFRALMEF
HYYMSDQLNKFVSPKSVIGRFVAEFKSRFFVWGDEVPLLTKFVAAALHNIKCKEPHQLAETIDTIVDQSVANGVPVHLCN
LIQIRTLSLLQYARYPIDPFLLNCETDVRDWVDGNRSYRIMRQIEGLIPDACSKIRSMLRRLYNRLKTGQLHEEFTTNYL
SSEHLSSLKNLCELLGVEPPSESDLEYSWLNLAAHHPLRMVLRQKIIYSGAVNLDDEKIPTIVKTIQNKLSSTFTRGAQK
LLSEAINKSAFQSSIASGFVGLCRTLGSKCVRGPNKENLYIKSIQSLITGTQGIELLTNSIGVQYWRVPLGLRNKSESVV
SYFRPLLWDYMCISLSTAIELGAWVLGDPKTTKALDFFKHNPCDYFPLKPTASKLLEDRVGLNHIIHSLRRLYPSVFEKH
ILPFMSDLASTKMKWSPRIKFLDLCVALDVNCEALSLVSHIVKWKREEHYIVLSSELRFSHTRTHEPMVEERVVSTSDAV
DNFMRQIYFESYVRPFVATTRTLGSFTWFPHRTSIPEGEGLHRLGPFSSFVEKVIHKGVERPMFKHDLMMGYAWIDFDIE
PARFNQNQLIASGLVDSKFDSLEDFFDAVASLPTGSAKLSQTVRFRIKSQDASFRESFAIHLDYIGSMNQQAKYLVHDVT
AMYSGAVSPCVLSDCWRLVLSGPTFKGKPVWYVDTEVINEFLVDTNQLGHVTPVEVVVDMEKLQFAEYDFMLVGPCAEPV
PLVVRRGGLWECEKKLASFTPVIQDQDLEMFVREVGDTSSDLLIRALSDMITDRLGLRMQWSGVDIVSTLRAAAPGNAEV
LSAVLEVVDNWVEFKGYALCYSKSRGRVMVQSSSGKLRLKGRTCEELTEGGEHVEDIE
;
A
#
# COMPACT_ATOMS: atom_id res chain seq x y z
N HIS A 25 -23.55 12.05 -40.79
CA HIS A 25 -23.27 12.48 -39.42
C HIS A 25 -22.62 11.36 -38.62
N LEU A 26 -21.30 11.39 -38.54
CA LEU A 26 -20.52 10.41 -37.79
C LEU A 26 -19.73 11.16 -36.72
N GLY A 27 -20.33 11.30 -35.54
CA GLY A 27 -19.70 11.97 -34.43
C GLY A 27 -19.64 13.48 -34.62
N PRO A 28 -18.72 14.13 -33.93
CA PRO A 28 -18.60 15.58 -34.03
C PRO A 28 -17.78 16.01 -35.24
N GLN A 29 -17.95 17.29 -35.61
CA GLN A 29 -17.29 17.84 -36.79
C GLN A 29 -16.01 18.56 -36.35
N PHE A 30 -14.96 17.77 -36.16
CA PHE A 30 -13.66 18.29 -35.79
C PHE A 30 -12.56 17.48 -36.46
N CYS A 31 -11.36 18.06 -36.52
CA CYS A 31 -10.18 17.36 -37.01
C CYS A 31 -9.64 16.53 -35.86
N LYS A 32 -9.82 15.20 -35.95
CA LYS A 32 -9.47 14.32 -34.85
C LYS A 32 -8.00 14.42 -34.47
N SER A 33 -7.15 14.93 -35.38
CA SER A 33 -5.74 15.08 -35.07
C SER A 33 -5.39 16.48 -34.56
N CYS A 34 -6.25 17.47 -34.77
CA CYS A 34 -6.00 18.83 -34.31
C CYS A 34 -6.69 19.15 -33.00
N TRP A 35 -7.99 18.83 -32.90
CA TRP A 35 -8.92 19.32 -31.88
C TRP A 35 -9.23 20.80 -32.05
N ALA A 36 -8.88 21.39 -33.18
CA ALA A 36 -9.06 22.82 -33.35
C ALA A 36 -9.84 23.19 -34.60
N GLU A 37 -9.70 22.43 -35.68
CA GLU A 37 -10.33 22.80 -36.93
C GLU A 37 -11.81 22.40 -36.94
N ASN A 38 -12.66 23.32 -37.39
CA ASN A 38 -14.09 23.09 -37.47
C ASN A 38 -14.65 23.49 -38.84
N LYS A 39 -13.80 23.94 -39.75
CA LYS A 39 -14.22 24.41 -41.06
C LYS A 39 -13.33 23.80 -42.13
N GLY A 40 -13.91 23.54 -43.30
CA GLY A 40 -13.19 22.96 -44.41
C GLY A 40 -12.52 21.66 -44.05
N LEU A 41 -13.31 20.65 -43.68
CA LEU A 41 -12.81 19.38 -43.20
C LEU A 41 -13.19 18.26 -44.17
N VAL A 42 -12.29 17.29 -44.29
CA VAL A 42 -12.54 16.11 -45.12
C VAL A 42 -13.03 14.98 -44.22
N GLU A 43 -13.68 14.00 -44.82
CA GLU A 43 -14.30 12.89 -44.10
C GLU A 43 -13.46 11.64 -44.26
N CYS A 44 -13.11 11.02 -43.14
CA CYS A 44 -12.46 9.71 -43.14
C CYS A 44 -13.53 8.63 -43.19
N ASN A 45 -13.13 7.38 -42.94
CA ASN A 45 -14.10 6.29 -42.93
C ASN A 45 -15.09 6.41 -41.78
N ASN A 46 -14.64 6.93 -40.63
CA ASN A 46 -15.54 7.06 -39.49
C ASN A 46 -15.38 8.37 -38.72
N HIS A 47 -14.64 9.34 -39.24
CA HIS A 47 -14.49 10.64 -38.57
C HIS A 47 -14.02 11.66 -39.59
N TYR A 48 -13.62 12.83 -39.10
CA TYR A 48 -13.18 13.94 -39.94
C TYR A 48 -11.71 14.25 -39.68
N LEU A 49 -11.08 14.85 -40.69
CA LEU A 49 -9.74 15.43 -40.57
C LEU A 49 -9.74 16.80 -41.24
N CYS A 50 -8.63 17.50 -41.09
CA CYS A 50 -8.44 18.80 -41.74
C CYS A 50 -7.61 18.63 -43.01
N LEU A 51 -7.65 19.65 -43.86
CA LEU A 51 -6.87 19.62 -45.09
C LEU A 51 -5.37 19.60 -44.78
N ASN A 52 -4.94 20.45 -43.83
CA ASN A 52 -3.55 20.42 -43.40
C ASN A 52 -3.20 19.06 -42.81
N CYS A 53 -4.10 18.48 -42.02
CA CYS A 53 -3.85 17.18 -41.43
C CYS A 53 -3.82 16.09 -42.48
N LEU A 54 -4.66 16.21 -43.52
CA LEU A 54 -4.65 15.20 -44.58
C LEU A 54 -3.34 15.26 -45.37
N THR A 55 -2.86 16.47 -45.67
CA THR A 55 -1.58 16.58 -46.36
C THR A 55 -0.40 16.23 -45.47
N LEU A 56 -0.55 16.32 -44.14
CA LEU A 56 0.56 16.02 -43.24
C LEU A 56 0.62 14.55 -42.83
N LEU A 57 -0.51 13.86 -42.82
CA LEU A 57 -0.54 12.45 -42.46
C LEU A 57 -0.33 11.53 -43.66
N LEU A 58 -0.55 12.03 -44.88
CA LEU A 58 -0.25 11.24 -46.07
C LEU A 58 1.24 11.17 -46.36
N GLY A 59 2.08 11.84 -45.56
CA GLY A 59 3.51 11.84 -45.79
C GLY A 59 4.22 10.70 -45.12
N VAL A 60 3.57 10.06 -44.14
CA VAL A 60 4.17 8.96 -43.40
C VAL A 60 3.70 7.61 -43.91
N SER A 61 2.40 7.45 -44.17
CA SER A 61 1.86 6.19 -44.66
C SER A 61 0.44 6.44 -45.17
N SER A 62 -0.08 5.46 -45.90
CA SER A 62 -1.45 5.56 -46.40
C SER A 62 -2.48 5.14 -45.37
N ARG A 63 -2.09 4.36 -44.37
CA ARG A 63 -3.01 3.91 -43.33
C ARG A 63 -3.33 5.05 -42.38
N CYS A 64 -4.61 5.17 -42.03
CA CYS A 64 -5.03 6.20 -41.10
C CYS A 64 -4.45 5.93 -39.72
N PRO A 65 -3.75 6.89 -39.12
CA PRO A 65 -3.21 6.68 -37.77
C PRO A 65 -4.25 6.69 -36.66
N ILE A 66 -5.54 6.76 -37.01
CA ILE A 66 -6.63 6.79 -36.03
C ILE A 66 -7.52 5.56 -36.15
N CYS A 67 -8.06 5.31 -37.34
CA CYS A 67 -8.96 4.18 -37.56
C CYS A 67 -8.29 3.03 -38.31
N LYS A 68 -7.02 3.18 -38.69
CA LYS A 68 -6.22 2.11 -39.30
C LYS A 68 -6.88 1.61 -40.59
N MET A 69 -6.97 2.50 -41.57
CA MET A 69 -7.49 2.19 -42.89
C MET A 69 -6.96 3.24 -43.87
N PRO A 70 -6.92 2.93 -45.16
CA PRO A 70 -6.37 3.90 -46.12
C PRO A 70 -7.18 5.18 -46.15
N LEU A 71 -6.46 6.30 -46.21
CA LEU A 71 -7.10 7.62 -46.24
C LEU A 71 -7.62 7.91 -47.64
N PRO A 72 -8.87 8.37 -47.78
CA PRO A 72 -9.38 8.71 -49.11
C PRO A 72 -8.64 9.92 -49.68
N THR A 73 -8.55 9.95 -51.00
CA THR A 73 -7.85 11.02 -51.70
C THR A 73 -8.62 11.46 -52.94
N MET C 1 -39.35 -19.80 46.14
CA MET C 1 -38.22 -18.91 45.88
C MET C 1 -36.91 -19.69 45.90
N GLU C 2 -36.79 -20.61 46.86
CA GLU C 2 -35.59 -21.41 47.02
C GLU C 2 -35.58 -22.66 46.14
N GLU C 3 -36.64 -22.91 45.37
CA GLU C 3 -36.70 -24.11 44.55
C GLU C 3 -35.64 -24.06 43.44
N ASP C 4 -35.54 -22.92 42.75
CA ASP C 4 -34.51 -22.78 41.73
C ASP C 4 -33.12 -22.82 42.33
N ILE C 5 -32.94 -22.24 43.52
CA ILE C 5 -31.63 -22.28 44.17
C ILE C 5 -31.24 -23.71 44.46
N ALA C 6 -32.15 -24.50 45.03
CA ALA C 6 -31.83 -25.89 45.35
C ALA C 6 -31.58 -26.72 44.10
N CYS C 7 -32.39 -26.51 43.05
CA CYS C 7 -32.20 -27.28 41.83
C CYS C 7 -30.87 -26.94 41.17
N VAL C 8 -30.50 -25.66 41.13
CA VAL C 8 -29.25 -25.26 40.51
C VAL C 8 -28.07 -25.70 41.36
N LYS C 9 -28.22 -25.73 42.68
CA LYS C 9 -27.19 -26.32 43.52
C LYS C 9 -26.99 -27.80 43.21
N ASP C 10 -28.10 -28.52 42.98
CA ASP C 10 -27.99 -29.91 42.56
C ASP C 10 -27.26 -30.04 41.24
N LEU C 11 -27.60 -29.18 40.27
CA LEU C 11 -26.95 -29.26 38.95
C LEU C 11 -25.47 -28.95 39.03
N VAL C 12 -25.08 -27.92 39.80
CA VAL C 12 -23.68 -27.59 39.93
C VAL C 12 -22.95 -28.57 40.85
N SER C 13 -23.68 -29.38 41.60
CA SER C 13 -23.05 -30.46 42.36
C SER C 13 -22.83 -31.70 41.50
N LYS C 14 -23.70 -31.94 40.52
CA LYS C 14 -23.58 -33.16 39.72
C LYS C 14 -22.70 -32.95 38.47
N TYR C 15 -22.76 -31.78 37.86
CA TYR C 15 -22.07 -31.54 36.59
C TYR C 15 -20.71 -30.87 36.75
N LEU C 16 -20.26 -30.61 37.98
CA LEU C 16 -19.00 -29.90 38.18
C LEU C 16 -17.82 -30.86 38.12
N ALA C 17 -16.73 -30.37 37.55
CA ALA C 17 -15.49 -31.16 37.50
C ALA C 17 -14.87 -31.27 38.88
N ASN C 18 -14.08 -32.32 39.07
CA ASN C 18 -13.45 -32.60 40.35
C ASN C 18 -12.14 -31.82 40.46
N ASN C 19 -12.11 -30.83 41.35
CA ASN C 19 -10.90 -30.06 41.60
C ASN C 19 -10.85 -29.76 43.10
N GLU C 20 -9.67 -29.34 43.57
CA GLU C 20 -9.45 -29.10 44.99
C GLU C 20 -9.68 -27.64 45.38
N ARG C 21 -9.27 -26.68 44.55
CA ARG C 21 -9.58 -25.28 44.83
C ARG C 21 -11.02 -24.97 44.47
N LEU C 22 -11.50 -25.53 43.35
CA LEU C 22 -12.91 -25.40 43.02
C LEU C 22 -13.80 -25.99 44.10
N SER C 23 -13.35 -27.05 44.77
CA SER C 23 -14.12 -27.60 45.89
C SER C 23 -14.13 -26.63 47.06
N ARG C 24 -13.03 -25.91 47.29
CA ARG C 24 -13.01 -24.92 48.36
C ARG C 24 -13.95 -23.77 48.06
N GLN C 25 -13.91 -23.24 46.83
CA GLN C 25 -14.85 -22.18 46.47
C GLN C 25 -16.28 -22.69 46.49
N LYS C 26 -16.49 -23.98 46.20
CA LYS C 26 -17.82 -24.56 46.27
C LYS C 26 -18.33 -24.60 47.71
N LEU C 27 -17.51 -25.09 48.62
CA LEU C 27 -17.92 -25.14 50.03
C LEU C 27 -18.06 -23.73 50.60
N ALA C 28 -17.36 -22.75 50.03
CA ALA C 28 -17.61 -21.35 50.38
C ALA C 28 -18.86 -20.80 49.70
N PHE C 29 -19.36 -21.48 48.66
CA PHE C 29 -20.51 -21.01 47.90
C PHE C 29 -21.82 -21.62 48.42
N LEU C 30 -21.82 -22.91 48.75
CA LEU C 30 -23.04 -23.59 49.19
C LEU C 30 -23.48 -23.18 50.59
N VAL C 31 -22.60 -22.53 51.37
CA VAL C 31 -22.94 -22.19 52.75
C VAL C 31 -23.75 -20.92 52.88
N GLN C 32 -23.85 -20.12 51.82
CA GLN C 32 -24.55 -18.84 51.88
C GLN C 32 -26.00 -19.01 51.46
N THR C 33 -26.88 -18.19 52.06
CA THR C 33 -28.30 -18.23 51.77
C THR C 33 -28.85 -16.95 51.16
N GLU C 34 -28.10 -15.86 51.15
CA GLU C 34 -28.59 -14.60 50.60
C GLU C 34 -28.47 -14.62 49.07
N PRO C 35 -29.56 -14.35 48.35
CA PRO C 35 -29.52 -14.53 46.88
C PRO C 35 -28.52 -13.65 46.17
N ARG C 36 -28.33 -12.40 46.63
CA ARG C 36 -27.32 -11.55 46.02
C ARG C 36 -25.92 -12.13 46.19
N MET C 37 -25.62 -12.65 47.39
CA MET C 37 -24.33 -13.30 47.58
C MET C 37 -24.23 -14.59 46.78
N LEU C 38 -25.35 -15.27 46.52
CA LEU C 38 -25.33 -16.41 45.60
C LEU C 38 -24.92 -15.96 44.20
N LEU C 39 -25.48 -14.84 43.74
CA LEU C 39 -25.07 -14.31 42.43
C LEU C 39 -23.58 -13.98 42.41
N MET C 40 -23.10 -13.31 43.46
CA MET C 40 -21.68 -12.94 43.51
C MET C 40 -20.79 -14.18 43.52
N GLU C 41 -21.16 -15.19 44.32
CA GLU C 41 -20.33 -16.39 44.38
C GLU C 41 -20.41 -17.21 43.10
N GLY C 42 -21.54 -17.16 42.40
CA GLY C 42 -21.62 -17.84 41.12
C GLY C 42 -20.76 -17.19 40.06
N LEU C 43 -20.80 -15.86 39.98
CA LEU C 43 -19.92 -15.18 39.04
C LEU C 43 -18.45 -15.35 39.44
N LYS C 44 -18.18 -15.44 40.74
CA LYS C 44 -16.81 -15.73 41.19
C LYS C 44 -16.38 -17.12 40.77
N LEU C 45 -17.27 -18.11 40.88
CA LEU C 45 -16.97 -19.46 40.42
C LEU C 45 -16.66 -19.45 38.93
N LEU C 46 -17.48 -18.77 38.13
CA LEU C 46 -17.24 -18.71 36.70
C LEU C 46 -15.91 -18.03 36.38
N SER C 47 -15.61 -16.93 37.08
CA SER C 47 -14.35 -16.23 36.88
C SER C 47 -13.16 -17.11 37.24
N LEU C 48 -13.26 -17.88 38.33
CA LEU C 48 -12.15 -18.74 38.72
C LEU C 48 -11.98 -19.89 37.75
N CYS C 49 -13.08 -20.45 37.23
CA CYS C 49 -12.95 -21.46 36.18
C CYS C 49 -12.21 -20.89 34.98
N ILE C 50 -12.61 -19.69 34.53
CA ILE C 50 -11.94 -19.05 33.41
C ILE C 50 -10.45 -18.86 33.71
N GLU C 51 -10.14 -18.39 34.92
CA GLU C 51 -8.76 -18.10 35.29
C GLU C 51 -7.91 -19.36 35.28
N VAL C 52 -8.40 -20.45 35.88
CA VAL C 52 -7.58 -21.65 35.97
C VAL C 52 -7.49 -22.35 34.61
N ASP C 53 -8.54 -22.23 33.77
CA ASP C 53 -8.40 -22.73 32.41
C ASP C 53 -7.32 -21.98 31.65
N SER C 54 -7.31 -20.65 31.75
CA SER C 54 -6.27 -19.87 31.11
C SER C 54 -4.88 -20.24 31.66
N CYS C 55 -4.80 -20.46 32.97
CA CYS C 55 -3.51 -20.74 33.59
C CYS C 55 -2.97 -22.11 33.20
N ASN C 56 -3.84 -23.11 33.09
CA ASN C 56 -3.38 -24.43 32.65
C ASN C 56 -3.18 -24.50 31.14
N ALA C 57 -3.81 -23.61 30.38
CA ALA C 57 -3.57 -23.56 28.94
C ALA C 57 -2.29 -22.78 28.61
N ASN C 58 -1.89 -21.85 29.47
CA ASN C 58 -0.70 -21.05 29.25
C ASN C 58 0.49 -21.52 30.08
N GLY C 59 0.31 -22.53 30.92
CA GLY C 59 1.43 -23.07 31.69
C GLY C 59 1.99 -22.15 32.75
N CYS C 60 1.23 -21.16 33.19
CA CYS C 60 1.67 -20.22 34.20
C CYS C 60 1.00 -20.52 35.54
N GLU C 61 1.65 -20.09 36.62
CA GLU C 61 1.15 -20.32 37.96
C GLU C 61 0.01 -19.34 38.26
N HIS C 62 -1.08 -19.86 38.81
CA HIS C 62 -2.25 -19.04 39.07
C HIS C 62 -2.02 -18.11 40.25
N ASN C 63 -2.34 -16.83 40.07
CA ASN C 63 -2.23 -15.83 41.14
C ASN C 63 -3.62 -15.61 41.71
N SER C 64 -3.94 -16.36 42.76
CA SER C 64 -5.22 -16.25 43.45
C SER C 64 -5.18 -15.34 44.66
N GLU C 65 -4.00 -15.12 45.25
CA GLU C 65 -3.85 -14.30 46.44
C GLU C 65 -3.86 -12.81 46.16
N ASP C 66 -4.24 -12.41 44.93
CA ASP C 66 -4.28 -11.00 44.54
C ASP C 66 -2.94 -10.33 44.74
N LYS C 67 -1.86 -11.05 44.42
CA LYS C 67 -0.51 -10.52 44.57
C LYS C 67 -0.17 -9.59 43.42
N SER C 68 0.23 -8.37 43.74
CA SER C 68 0.62 -7.41 42.72
C SER C 68 2.05 -7.69 42.26
N VAL C 69 2.56 -6.85 41.36
CA VAL C 69 3.90 -7.07 40.82
C VAL C 69 4.96 -6.88 41.90
N GLU C 70 4.75 -5.90 42.80
CA GLU C 70 5.72 -5.68 43.86
C GLU C 70 5.81 -6.88 44.79
N ARG C 71 4.69 -7.56 45.04
CA ARG C 71 4.72 -8.76 45.88
C ARG C 71 5.53 -9.87 45.22
N ILE C 72 5.35 -10.07 43.91
CA ILE C 72 6.11 -11.09 43.21
C ILE C 72 7.60 -10.76 43.19
N LEU C 73 7.94 -9.47 43.03
CA LEU C 73 9.35 -9.09 43.05
C LEU C 73 9.97 -9.17 44.43
N HIS C 74 9.16 -8.98 45.49
CA HIS C 74 9.71 -9.05 46.84
C HIS C 74 9.80 -10.47 47.36
N ASP C 75 8.91 -11.36 46.90
CA ASP C 75 9.00 -12.77 47.29
C ASP C 75 10.20 -13.47 46.67
N HIS C 76 10.86 -12.85 45.69
CA HIS C 76 12.04 -13.42 45.05
C HIS C 76 13.31 -12.65 45.36
N GLY C 77 13.21 -11.54 46.08
CA GLY C 77 14.39 -10.80 46.49
C GLY C 77 14.85 -9.70 45.56
N VAL C 78 13.97 -9.20 44.69
CA VAL C 78 14.32 -8.12 43.78
C VAL C 78 13.65 -6.84 44.29
N LEU C 79 14.48 -5.89 44.72
CA LEU C 79 13.99 -4.62 45.26
C LEU C 79 13.83 -3.62 44.13
N THR C 80 12.62 -3.10 43.96
CA THR C 80 12.31 -2.13 42.93
C THR C 80 11.71 -0.87 43.55
N PRO C 81 11.86 0.28 42.90
CA PRO C 81 11.24 1.51 43.43
C PRO C 81 9.74 1.52 43.24
N SER C 82 9.10 2.65 43.56
CA SER C 82 7.65 2.77 43.42
C SER C 82 7.28 2.74 41.94
N LEU C 83 6.69 1.63 41.51
CA LEU C 83 6.22 1.46 40.14
C LEU C 83 4.70 1.32 40.14
N CYS C 84 4.14 1.01 38.98
CA CYS C 84 2.70 0.86 38.84
C CYS C 84 2.21 -0.35 39.62
N PHE C 85 1.06 -0.21 40.27
CA PHE C 85 0.45 -1.29 41.04
C PHE C 85 -0.53 -2.03 40.15
N VAL C 86 -0.12 -3.19 39.65
CA VAL C 86 -0.93 -4.00 38.75
C VAL C 86 -0.96 -5.42 39.29
N VAL C 87 -2.16 -5.97 39.44
CA VAL C 87 -2.36 -7.35 39.88
C VAL C 87 -2.71 -8.19 38.66
N PRO C 88 -1.82 -9.07 38.21
CA PRO C 88 -2.12 -9.91 37.05
C PRO C 88 -2.87 -11.17 37.45
N ASP C 89 -3.30 -11.92 36.43
CA ASP C 89 -3.98 -13.19 36.65
C ASP C 89 -2.99 -14.30 36.97
N GLY C 90 -1.84 -14.32 36.29
CA GLY C 90 -0.86 -15.36 36.54
C GLY C 90 0.54 -14.86 36.29
N TYR C 91 1.51 -15.54 36.90
CA TYR C 91 2.92 -15.18 36.75
C TYR C 91 3.74 -16.45 36.59
N LYS C 92 4.82 -16.32 35.82
CA LYS C 92 5.71 -17.44 35.53
C LYS C 92 7.15 -16.94 35.56
N LEU C 93 7.98 -17.53 36.42
CA LEU C 93 9.35 -17.12 36.63
C LEU C 93 10.30 -18.14 36.01
N THR C 94 11.16 -17.67 35.10
CA THR C 94 12.23 -18.48 34.52
C THR C 94 13.47 -17.58 34.51
N GLY C 95 14.24 -17.63 35.60
CA GLY C 95 15.41 -16.79 35.74
C GLY C 95 15.09 -15.31 35.67
N ASN C 96 15.59 -14.64 34.62
CA ASN C 96 15.33 -13.23 34.40
C ASN C 96 14.17 -13.00 33.44
N VAL C 97 13.29 -13.99 33.28
CA VAL C 97 12.18 -13.91 32.33
C VAL C 97 10.88 -14.12 33.10
N LEU C 98 10.03 -13.11 33.10
CA LEU C 98 8.71 -13.20 33.71
C LEU C 98 7.63 -13.23 32.62
N ILE C 99 6.68 -14.14 32.77
CA ILE C 99 5.53 -14.24 31.90
C ILE C 99 4.31 -13.83 32.72
N LEU C 100 3.62 -12.79 32.28
CA LEU C 100 2.47 -12.25 32.99
C LEU C 100 1.20 -12.55 32.21
N LEU C 101 0.14 -12.88 32.92
CA LEU C 101 -1.15 -13.25 32.35
C LEU C 101 -2.25 -12.40 32.99
N GLU C 102 -3.09 -11.81 32.14
CA GLU C 102 -4.30 -11.13 32.56
C GLU C 102 -5.44 -11.59 31.67
N CYS C 103 -6.55 -12.01 32.28
CA CYS C 103 -7.70 -12.55 31.57
C CYS C 103 -8.91 -11.67 31.79
N PHE C 104 -9.80 -11.63 30.79
CA PHE C 104 -11.04 -10.88 30.89
C PHE C 104 -12.03 -11.40 29.87
N VAL C 105 -13.31 -11.14 30.14
CA VAL C 105 -14.41 -11.52 29.27
C VAL C 105 -15.26 -10.28 29.00
N ARG C 106 -15.61 -10.08 27.74
CA ARG C 106 -16.44 -8.94 27.32
C ARG C 106 -17.39 -9.38 26.23
N SER C 107 -18.62 -8.89 26.29
CA SER C 107 -19.66 -9.28 25.34
C SER C 107 -19.67 -8.39 24.10
N SER C 108 -19.44 -7.09 24.27
CA SER C 108 -19.46 -6.19 23.12
C SER C 108 -18.07 -6.03 22.53
N PRO C 109 -17.96 -5.98 21.19
CA PRO C 109 -16.64 -5.83 20.58
C PRO C 109 -15.95 -4.53 20.95
N ALA C 110 -16.70 -3.44 21.12
CA ALA C 110 -16.10 -2.16 21.46
C ALA C 110 -15.47 -2.21 22.85
N ASN C 111 -16.22 -2.72 23.84
CA ASN C 111 -15.65 -2.85 25.18
C ASN C 111 -14.52 -3.87 25.19
N PHE C 112 -14.63 -4.93 24.39
CA PHE C 112 -13.56 -5.91 24.32
C PHE C 112 -12.27 -5.27 23.84
N GLU C 113 -12.34 -4.49 22.76
CA GLU C 113 -11.14 -3.84 22.24
C GLU C 113 -10.65 -2.73 23.17
N GLN C 114 -11.57 -2.05 23.87
CA GLN C 114 -11.15 -1.05 24.85
C GLN C 114 -10.32 -1.69 25.96
N LYS C 115 -10.85 -2.78 26.55
CA LYS C 115 -10.10 -3.49 27.58
C LYS C 115 -8.81 -4.06 27.02
N TYR C 116 -8.82 -4.53 25.77
CA TYR C 116 -7.61 -5.07 25.17
C TYR C 116 -6.53 -4.01 25.06
N VAL C 117 -6.90 -2.82 24.59
CA VAL C 117 -5.88 -1.79 24.40
C VAL C 117 -5.44 -1.19 25.72
N GLU C 118 -6.31 -1.08 26.72
CA GLU C 118 -5.83 -0.58 28.01
C GLU C 118 -4.92 -1.59 28.68
N ASP C 119 -5.24 -2.89 28.56
CA ASP C 119 -4.35 -3.92 29.07
C ASP C 119 -3.02 -3.91 28.34
N PHE C 120 -3.05 -3.73 27.03
CA PHE C 120 -1.81 -3.62 26.25
C PHE C 120 -0.98 -2.44 26.72
N LYS C 121 -1.63 -1.28 26.94
CA LYS C 121 -0.91 -0.08 27.36
C LYS C 121 -0.28 -0.27 28.73
N LYS C 122 -1.06 -0.79 29.70
CA LYS C 122 -0.50 -0.99 31.03
C LYS C 122 0.58 -2.06 31.02
N LEU C 123 0.46 -3.07 30.17
CA LEU C 123 1.51 -4.07 30.06
C LEU C 123 2.79 -3.46 29.51
N GLU C 124 2.69 -2.59 28.49
CA GLU C 124 3.89 -1.94 27.98
C GLU C 124 4.49 -0.99 29.01
N GLN C 125 3.66 -0.31 29.81
CA GLN C 125 4.20 0.51 30.89
C GLN C 125 4.95 -0.33 31.91
N LEU C 126 4.39 -1.49 32.26
CA LEU C 126 5.10 -2.38 33.20
C LEU C 126 6.39 -2.90 32.59
N LYS C 127 6.39 -3.19 31.28
CA LYS C 127 7.63 -3.61 30.63
C LYS C 127 8.69 -2.51 30.71
N GLU C 128 8.29 -1.27 30.42
CA GLU C 128 9.23 -0.16 30.46
C GLU C 128 9.75 0.07 31.87
N ASP C 129 8.90 -0.12 32.88
CA ASP C 129 9.35 0.02 34.26
C ASP C 129 10.32 -1.11 34.64
N LEU C 130 10.06 -2.32 34.17
CA LEU C 130 10.89 -3.45 34.53
C LEU C 130 12.21 -3.49 33.74
N LYS C 131 12.29 -2.81 32.60
CA LYS C 131 13.58 -2.70 31.92
C LYS C 131 14.49 -1.70 32.62
N SER C 132 13.92 -0.73 33.34
CA SER C 132 14.73 0.20 34.11
C SER C 132 15.43 -0.48 35.28
N VAL C 133 14.96 -1.66 35.70
CA VAL C 133 15.60 -2.45 36.75
C VAL C 133 16.26 -3.70 36.15
N ASP C 134 16.26 -3.80 34.82
CA ASP C 134 16.92 -4.90 34.09
C ASP C 134 16.27 -6.24 34.43
N ILE C 135 14.96 -6.33 34.18
CA ILE C 135 14.22 -7.58 34.26
C ILE C 135 13.41 -7.72 32.98
N ASN C 136 13.59 -8.82 32.27
CA ASN C 136 12.89 -9.07 31.01
C ASN C 136 11.51 -9.61 31.30
N LEU C 137 10.49 -8.99 30.72
CA LEU C 137 9.11 -9.43 30.84
C LEU C 137 8.51 -9.64 29.46
N ILE C 138 7.55 -10.57 29.39
CA ILE C 138 6.81 -10.85 28.17
C ILE C 138 5.32 -10.73 28.48
N PRO C 139 4.54 -10.05 27.64
CA PRO C 139 3.11 -9.88 27.93
C PRO C 139 2.26 -11.02 27.37
N LEU C 140 1.11 -11.19 28.00
CA LEU C 140 0.12 -12.16 27.54
C LEU C 140 -1.25 -11.68 28.02
N ILE C 141 -2.20 -11.62 27.10
CA ILE C 141 -3.55 -11.15 27.39
C ILE C 141 -4.55 -12.18 26.87
N ASP C 142 -5.54 -12.52 27.70
CA ASP C 142 -6.54 -13.52 27.36
C ASP C 142 -7.92 -12.86 27.38
N GLY C 143 -8.34 -12.36 26.21
CA GLY C 143 -9.66 -11.79 26.05
C GLY C 143 -10.60 -12.80 25.43
N ARG C 144 -11.64 -13.16 26.18
CA ARG C 144 -12.57 -14.20 25.77
C ARG C 144 -13.91 -13.55 25.40
N THR C 145 -14.35 -13.76 24.17
CA THR C 145 -15.62 -13.19 23.73
C THR C 145 -16.82 -13.94 24.30
N SER C 146 -16.62 -15.15 24.80
CA SER C 146 -17.70 -15.97 25.35
C SER C 146 -17.41 -16.34 26.79
N PHE C 147 -18.39 -17.00 27.41
CA PHE C 147 -18.30 -17.46 28.79
C PHE C 147 -18.05 -18.96 28.90
N TYR C 148 -17.68 -19.62 27.80
CA TYR C 148 -17.48 -21.05 27.83
C TYR C 148 -16.18 -21.40 28.56
N ASN C 149 -16.09 -22.65 28.99
CA ASN C 149 -14.92 -23.15 29.70
C ASN C 149 -14.90 -24.68 29.55
N GLU C 150 -13.91 -25.32 30.15
CA GLU C 150 -13.68 -26.76 29.99
C GLU C 150 -13.90 -27.53 31.29
N GLN C 151 -14.70 -27.00 32.20
CA GLN C 151 -15.00 -27.69 33.45
C GLN C 151 -16.49 -27.96 33.64
N ILE C 152 -17.34 -27.02 33.25
CA ILE C 152 -18.78 -27.20 33.35
C ILE C 152 -19.34 -27.33 31.93
N PRO C 153 -20.27 -28.25 31.69
CA PRO C 153 -20.83 -28.38 30.33
C PRO C 153 -21.51 -27.10 29.88
N ASP C 154 -21.72 -27.02 28.56
CA ASP C 154 -22.27 -25.81 27.96
C ASP C 154 -23.71 -25.57 28.37
N TRP C 155 -24.57 -26.57 28.21
CA TRP C 155 -26.00 -26.37 28.43
C TRP C 155 -26.33 -26.12 29.90
N VAL C 156 -25.62 -26.78 30.82
CA VAL C 156 -25.85 -26.51 32.24
C VAL C 156 -25.37 -25.10 32.60
N ASN C 157 -24.29 -24.63 31.96
CA ASN C 157 -23.86 -23.26 32.18
C ASN C 157 -24.88 -22.25 31.66
N ASP C 158 -25.48 -22.56 30.50
CA ASP C 158 -26.55 -21.70 30.00
C ASP C 158 -27.75 -21.71 30.95
N LYS C 159 -28.08 -22.88 31.50
CA LYS C 159 -29.17 -22.95 32.47
C LYS C 159 -28.84 -22.15 33.73
N LEU C 160 -27.57 -22.17 34.16
CA LEU C 160 -27.15 -21.33 35.28
C LEU C 160 -27.33 -19.86 34.96
N ARG C 161 -26.94 -19.44 33.75
CA ARG C 161 -27.12 -18.04 33.37
C ARG C 161 -28.60 -17.67 33.34
N ASP C 162 -29.45 -18.57 32.82
CA ASP C 162 -30.88 -18.29 32.77
C ASP C 162 -31.50 -18.23 34.15
N THR C 163 -31.06 -19.09 35.08
CA THR C 163 -31.63 -19.03 36.42
C THR C 163 -31.13 -17.81 37.18
N LEU C 164 -29.90 -17.36 36.91
CA LEU C 164 -29.45 -16.11 37.50
C LEU C 164 -30.25 -14.93 36.96
N PHE C 165 -30.58 -14.96 35.66
CA PHE C 165 -31.43 -13.92 35.09
C PHE C 165 -32.84 -13.97 35.68
N SER C 166 -33.36 -15.18 35.90
CA SER C 166 -34.70 -15.33 36.48
C SER C 166 -34.73 -14.96 37.95
N LEU C 167 -33.61 -15.04 38.65
CA LEU C 167 -33.54 -14.49 40.01
C LEU C 167 -33.38 -12.97 40.00
N LEU C 168 -33.01 -12.38 38.87
CA LEU C 168 -33.05 -10.93 38.71
C LEU C 168 -34.44 -10.42 38.31
N LYS C 169 -35.41 -11.31 38.15
CA LYS C 169 -36.78 -10.90 37.93
C LYS C 169 -37.38 -10.20 39.15
N TYR C 170 -36.90 -10.53 40.35
CA TYR C 170 -37.43 -9.95 41.57
C TYR C 170 -36.94 -8.50 41.71
N ALA C 171 -37.44 -7.83 42.74
CA ALA C 171 -37.10 -6.43 42.99
C ALA C 171 -36.45 -6.19 44.35
N GLN C 172 -36.44 -7.18 45.25
CA GLN C 172 -35.81 -6.99 46.55
C GLN C 172 -34.32 -6.74 46.39
N GLU C 173 -33.66 -7.46 45.47
CA GLU C 173 -32.27 -7.18 45.17
C GLU C 173 -32.11 -5.81 44.53
N SER C 174 -33.17 -5.32 43.88
CA SER C 174 -33.08 -4.05 43.16
C SER C 174 -33.12 -2.84 44.10
N ASN C 175 -33.93 -2.90 45.15
CA ASN C 175 -33.97 -1.79 46.10
C ASN C 175 -33.06 -2.00 47.30
N SER C 176 -32.59 -3.23 47.54
CA SER C 176 -31.60 -3.43 48.59
C SER C 176 -30.21 -2.98 48.14
N LEU C 177 -29.78 -3.45 46.97
CA LEU C 177 -28.48 -3.09 46.41
C LEU C 177 -28.65 -2.96 44.90
N PHE C 178 -27.54 -2.94 44.17
CA PHE C 178 -27.53 -2.91 42.70
C PHE C 178 -28.27 -1.68 42.17
N GLU C 179 -27.66 -0.52 42.41
CA GLU C 179 -28.16 0.75 41.92
C GLU C 179 -28.34 0.71 40.40
N GLU C 180 -29.11 1.66 39.87
CA GLU C 180 -29.49 1.63 38.45
C GLU C 180 -28.28 1.49 37.55
N SER C 181 -27.21 2.23 37.84
CA SER C 181 -25.99 2.14 37.01
C SER C 181 -25.40 0.75 37.07
N GLU C 182 -25.08 0.27 38.27
CA GLU C 182 -24.48 -1.05 38.43
C GLU C 182 -25.42 -2.16 37.97
N TYR C 183 -26.73 -2.00 38.22
CA TYR C 183 -27.69 -2.99 37.77
C TYR C 183 -27.72 -3.08 36.25
N SER C 184 -27.71 -1.93 35.58
CA SER C 184 -27.69 -1.94 34.11
C SER C 184 -26.39 -2.53 33.58
N ARG C 185 -25.26 -2.19 34.21
CA ARG C 185 -23.99 -2.77 33.79
C ARG C 185 -23.99 -4.28 33.94
N LEU C 186 -24.54 -4.78 35.05
CA LEU C 186 -24.58 -6.23 35.27
C LEU C 186 -25.52 -6.91 34.29
N CYS C 187 -26.68 -6.31 34.03
CA CYS C 187 -27.63 -6.89 33.08
C CYS C 187 -27.07 -6.89 31.67
N GLU C 188 -26.24 -5.90 31.32
CA GLU C 188 -25.61 -5.89 30.01
C GLU C 188 -24.45 -6.88 29.95
N SER C 189 -23.76 -7.10 31.06
CA SER C 189 -22.68 -8.09 31.08
C SER C 189 -23.23 -9.51 30.98
N LEU C 190 -24.48 -9.72 31.39
CA LEU C 190 -25.13 -11.01 31.25
C LEU C 190 -25.89 -11.14 29.93
N SER C 191 -26.23 -10.03 29.29
CA SER C 191 -26.96 -10.07 28.04
C SER C 191 -26.03 -10.43 26.89
N MET C 192 -26.61 -10.57 25.69
CA MET C 192 -25.90 -10.99 24.49
C MET C 192 -26.08 -9.97 23.37
N THR C 193 -25.81 -8.71 23.68
CA THR C 193 -25.89 -7.66 22.67
C THR C 193 -24.57 -7.50 21.93
N GLU C 201 -28.34 -1.95 15.90
CA GLU C 201 -27.50 -1.11 15.06
C GLU C 201 -27.55 0.34 15.52
N SER C 202 -28.47 0.65 16.42
CA SER C 202 -28.63 2.00 16.93
C SER C 202 -28.39 2.10 18.43
N LEU C 203 -28.91 1.17 19.22
CA LEU C 203 -28.74 1.16 20.67
C LEU C 203 -29.18 2.48 21.29
N ASN C 204 -30.46 2.79 21.08
CA ASN C 204 -31.04 4.01 21.64
C ASN C 204 -31.33 3.90 23.13
N ALA C 205 -31.09 2.74 23.74
CA ALA C 205 -31.32 2.56 25.17
C ALA C 205 -30.17 3.19 25.98
N LEU C 206 -30.03 4.50 25.81
CA LEU C 206 -29.00 5.27 26.47
C LEU C 206 -29.65 6.38 27.29
N LEU C 207 -28.97 6.79 28.36
CA LEU C 207 -29.49 7.82 29.26
C LEU C 207 -29.36 9.17 28.56
N ASP C 208 -30.41 9.54 27.84
CA ASP C 208 -30.43 10.78 27.07
C ASP C 208 -30.57 11.96 28.04
N ASN C 209 -29.46 12.62 28.31
CA ASN C 209 -29.46 13.84 29.12
C ASN C 209 -28.90 15.02 28.32
N ARG C 210 -29.34 15.14 27.08
CA ARG C 210 -28.92 16.26 26.24
C ARG C 210 -29.50 17.55 26.79
N SER C 211 -28.63 18.49 27.15
CA SER C 211 -29.04 19.73 27.77
C SER C 211 -29.58 20.69 26.72
N ASN C 212 -29.77 21.96 27.11
CA ASN C 212 -30.27 22.97 26.19
C ASN C 212 -29.31 23.25 25.04
N HIS C 213 -28.05 22.80 25.14
CA HIS C 213 -27.09 23.06 24.07
C HIS C 213 -27.50 22.36 22.78
N TYR C 214 -28.04 21.14 22.88
CA TYR C 214 -28.52 20.44 21.70
C TYR C 214 -29.61 21.25 21.00
N GLU C 215 -30.60 21.71 21.76
CA GLU C 215 -31.68 22.48 21.17
C GLU C 215 -31.19 23.80 20.61
N GLU C 216 -30.18 24.40 21.26
CA GLU C 216 -29.62 25.65 20.76
C GLU C 216 -28.94 25.44 19.42
N VAL C 217 -28.12 24.40 19.31
CA VAL C 217 -27.45 24.11 18.04
C VAL C 217 -28.46 23.74 16.96
N ILE C 218 -29.51 23.01 17.33
CA ILE C 218 -30.54 22.64 16.36
C ILE C 218 -31.25 23.89 15.85
N ALA C 219 -31.58 24.81 16.76
CA ALA C 219 -32.19 26.07 16.34
C ALA C 219 -31.24 26.88 15.48
N SER C 220 -29.94 26.74 15.69
CA SER C 220 -28.97 27.41 14.83
C SER C 220 -29.04 26.87 13.40
N CYS C 221 -29.41 25.60 13.23
CA CYS C 221 -29.58 25.02 11.92
C CYS C 221 -30.92 25.36 11.29
N HIS C 222 -31.80 26.06 12.00
CA HIS C 222 -33.14 26.36 11.52
C HIS C 222 -33.39 27.84 11.29
N GLN C 223 -32.88 28.71 12.15
CA GLN C 223 -33.13 30.13 12.00
C GLN C 223 -32.46 30.67 10.73
N GLY C 224 -33.20 31.52 10.01
CA GLY C 224 -32.75 32.03 8.74
C GLY C 224 -32.95 31.11 7.56
N ILE C 225 -33.05 29.81 7.78
CA ILE C 225 -33.21 28.83 6.72
C ILE C 225 -34.68 28.46 6.62
N ASN C 226 -35.23 28.52 5.40
CA ASN C 226 -36.65 28.26 5.19
C ASN C 226 -36.92 26.78 4.97
N ASN C 227 -36.26 26.16 4.00
CA ASN C 227 -36.33 24.74 3.67
C ASN C 227 -37.74 24.28 3.33
N LYS C 228 -38.68 25.19 3.15
CA LYS C 228 -40.04 24.83 2.76
C LYS C 228 -40.56 25.78 1.69
N LEU C 229 -39.72 26.10 0.71
CA LEU C 229 -40.08 26.99 -0.37
C LEU C 229 -40.75 26.20 -1.49
N THR C 230 -41.31 26.94 -2.45
CA THR C 230 -41.99 26.34 -3.59
C THR C 230 -41.02 26.08 -4.72
N ALA C 231 -41.34 25.08 -5.54
CA ALA C 231 -40.51 24.77 -6.70
C ALA C 231 -40.41 25.93 -7.68
N HIS C 232 -41.36 26.86 -7.64
CA HIS C 232 -41.30 28.06 -8.46
C HIS C 232 -40.58 29.20 -7.75
N GLU C 233 -40.78 29.32 -6.43
CA GLU C 233 -40.11 30.37 -5.67
C GLU C 233 -38.61 30.18 -5.67
N VAL C 234 -38.16 28.93 -5.55
CA VAL C 234 -36.72 28.65 -5.57
C VAL C 234 -36.14 29.01 -6.94
N LYS C 235 -36.85 28.67 -8.02
CA LYS C 235 -36.37 29.02 -9.35
C LYS C 235 -36.31 30.53 -9.53
N LEU C 236 -37.31 31.25 -8.99
CA LEU C 236 -37.28 32.70 -9.08
C LEU C 236 -36.10 33.28 -8.33
N GLN C 237 -35.84 32.78 -7.12
CA GLN C 237 -34.71 33.27 -6.34
C GLN C 237 -33.39 32.99 -7.06
N ILE C 238 -33.26 31.80 -7.64
CA ILE C 238 -32.03 31.45 -8.35
C ILE C 238 -31.85 32.35 -9.57
N GLU C 239 -32.94 32.63 -10.29
CA GLU C 239 -32.82 33.49 -11.46
C GLU C 239 -32.43 34.92 -11.08
N GLU C 240 -33.05 35.46 -10.02
CA GLU C 240 -32.68 36.81 -9.59
C GLU C 240 -31.24 36.86 -9.07
N GLU C 241 -30.81 35.82 -8.35
CA GLU C 241 -29.44 35.78 -7.88
C GLU C 241 -28.45 35.69 -9.04
N TYR C 242 -28.80 34.93 -10.08
CA TYR C 242 -27.95 34.87 -11.26
C TYR C 242 -27.91 36.21 -11.98
N GLN C 243 -29.04 36.90 -12.05
CA GLN C 243 -29.06 38.23 -12.65
C GLN C 243 -28.13 39.18 -11.89
N VAL C 244 -28.22 39.18 -10.56
CA VAL C 244 -27.38 40.06 -9.76
C VAL C 244 -25.91 39.68 -9.92
N PHE C 245 -25.60 38.39 -9.91
CA PHE C 245 -24.22 37.94 -10.04
C PHE C 245 -23.66 38.30 -11.41
N ARG C 246 -24.44 38.09 -12.47
CA ARG C 246 -23.96 38.42 -13.82
C ARG C 246 -23.78 39.92 -13.98
N ASN C 247 -24.64 40.72 -13.36
CA ASN C 247 -24.46 42.17 -13.38
C ASN C 247 -23.17 42.56 -12.69
N ARG C 248 -22.97 42.08 -11.45
CA ARG C 248 -21.76 42.42 -10.72
C ARG C 248 -20.51 41.83 -11.35
N LEU C 249 -20.64 40.81 -12.19
CA LEU C 249 -19.50 40.26 -12.91
C LEU C 249 -19.16 41.11 -14.13
N ARG C 250 -20.17 41.48 -14.91
CA ARG C 250 -19.93 42.35 -16.07
C ARG C 250 -19.43 43.72 -15.63
N LYS C 251 -19.82 44.18 -14.44
CA LYS C 251 -19.31 45.44 -13.93
C LYS C 251 -17.85 45.29 -13.50
N GLY C 252 -17.56 44.34 -12.63
CA GLY C 252 -16.21 44.12 -12.16
C GLY C 252 -16.11 43.93 -10.67
N GLU C 253 -17.26 44.04 -9.97
CA GLU C 253 -17.28 43.87 -8.53
C GLU C 253 -16.95 42.44 -8.10
N ILE C 254 -17.11 41.47 -8.99
CA ILE C 254 -16.82 40.08 -8.71
C ILE C 254 -15.75 39.62 -9.68
N GLU C 255 -14.60 39.20 -9.16
CA GLU C 255 -13.49 38.80 -10.00
C GLU C 255 -13.77 37.47 -10.69
N GLY C 256 -13.46 37.41 -11.98
CA GLY C 256 -13.62 36.17 -12.72
C GLY C 256 -12.52 35.19 -12.39
N GLN C 257 -12.90 33.91 -12.33
CA GLN C 257 -11.96 32.84 -11.97
C GLN C 257 -11.54 31.99 -13.14
N PHE C 258 -12.26 32.05 -14.27
CA PHE C 258 -12.03 31.16 -15.40
C PHE C 258 -11.56 31.96 -16.60
N LEU C 259 -10.42 31.56 -17.17
CA LEU C 259 -9.82 32.18 -18.33
C LEU C 259 -9.86 31.22 -19.50
N LYS C 260 -10.15 31.75 -20.69
CA LYS C 260 -10.12 30.94 -21.89
C LYS C 260 -8.71 30.43 -22.14
N VAL C 261 -8.62 29.16 -22.54
CA VAL C 261 -7.32 28.51 -22.71
C VAL C 261 -6.69 29.01 -24.01
N GLU C 262 -5.58 29.72 -23.89
CA GLU C 262 -4.73 30.07 -25.01
C GLU C 262 -3.46 29.25 -24.87
N LYS C 263 -3.27 28.27 -25.77
CA LYS C 263 -2.15 27.37 -25.66
C LYS C 263 -0.82 28.12 -25.71
N ASN C 264 -0.72 29.12 -26.57
CA ASN C 264 0.48 29.94 -26.61
C ASN C 264 0.73 30.62 -25.27
N GLN C 265 -0.30 31.26 -24.72
CA GLN C 265 -0.15 31.95 -23.45
C GLN C 265 0.09 30.97 -22.31
N LEU C 266 -0.54 29.79 -22.37
CA LEU C 266 -0.31 28.79 -21.33
C LEU C 266 1.14 28.32 -21.33
N LEU C 267 1.69 28.05 -22.51
CA LEU C 267 3.08 27.65 -22.59
C LEU C 267 4.01 28.77 -22.16
N ASN C 268 3.68 30.02 -22.52
CA ASN C 268 4.51 31.14 -22.11
C ASN C 268 4.45 31.37 -20.61
N GLU C 269 3.34 31.01 -19.97
CA GLU C 269 3.24 31.09 -18.52
C GLU C 269 3.97 29.94 -17.85
N PHE C 270 4.00 28.76 -18.47
CA PHE C 270 4.72 27.65 -17.89
C PHE C 270 6.23 27.82 -18.01
N ASN C 271 6.69 28.35 -19.15
CA ASN C 271 8.12 28.54 -19.34
C ASN C 271 8.67 29.60 -18.39
N ASN C 272 7.89 30.64 -18.12
CA ASN C 272 8.30 31.71 -17.22
C ASN C 272 8.23 31.30 -15.76
N LEU C 273 7.92 30.05 -15.47
CA LEU C 273 7.96 29.57 -14.09
C LEU C 273 9.40 29.56 -13.59
N TYR C 274 9.58 29.98 -12.34
CA TYR C 274 10.91 30.09 -11.74
C TYR C 274 11.82 30.97 -12.59
N ALA C 275 11.28 32.10 -13.05
CA ALA C 275 12.05 33.00 -13.90
C ALA C 275 13.21 33.64 -13.15
N ASP C 276 13.12 33.76 -11.83
CA ASP C 276 14.19 34.36 -11.04
C ASP C 276 15.32 33.38 -10.73
N LYS C 277 15.13 32.09 -10.99
CA LYS C 277 16.13 31.08 -10.72
C LYS C 277 16.52 30.25 -11.92
N VAL C 278 15.70 30.22 -12.97
CA VAL C 278 16.04 29.60 -14.24
C VAL C 278 16.23 30.70 -15.27
N ALA C 279 17.26 30.57 -16.10
CA ALA C 279 17.65 31.67 -16.96
C ALA C 279 16.67 31.91 -18.10
N GLU C 280 16.58 30.97 -19.02
CA GLU C 280 15.77 31.13 -20.23
C GLU C 280 15.65 29.75 -20.89
N LYS C 281 15.14 29.73 -22.11
CA LYS C 281 15.01 28.47 -22.84
C LYS C 281 16.40 27.85 -23.07
N ASP C 282 16.46 26.53 -22.91
CA ASP C 282 17.69 25.77 -23.09
C ASP C 282 17.50 24.74 -24.19
N SER C 283 18.51 24.58 -25.03
CA SER C 283 18.47 23.57 -26.08
C SER C 283 18.69 22.18 -25.49
N VAL C 284 18.35 21.17 -26.28
CA VAL C 284 18.51 19.80 -25.82
C VAL C 284 19.99 19.44 -25.69
N GLU C 285 20.84 20.02 -26.52
CA GLU C 285 22.27 19.73 -26.45
C GLU C 285 22.87 20.24 -25.15
N HIS C 286 22.58 21.48 -24.78
CA HIS C 286 23.05 22.01 -23.51
C HIS C 286 22.47 21.24 -22.34
N LEU C 287 21.24 20.73 -22.47
CA LEU C 287 20.65 19.95 -21.40
C LEU C 287 21.35 18.61 -21.24
N THR C 288 21.66 17.93 -22.34
CA THR C 288 22.43 16.70 -22.24
C THR C 288 23.83 16.97 -21.72
N HIS C 289 24.39 18.14 -22.01
CA HIS C 289 25.72 18.47 -21.52
C HIS C 289 25.70 18.67 -20.01
N GLN C 290 24.79 19.49 -19.51
CA GLN C 290 24.70 19.76 -18.08
C GLN C 290 24.10 18.60 -17.29
N PHE C 291 23.42 17.67 -17.97
CA PHE C 291 22.73 16.58 -17.28
C PHE C 291 23.70 15.46 -16.92
N LYS C 292 24.55 15.05 -17.86
CA LYS C 292 25.49 13.96 -17.63
C LYS C 292 26.55 14.29 -16.59
N ARG C 293 26.60 15.54 -16.11
CA ARG C 293 27.55 15.93 -15.08
C ARG C 293 26.90 16.84 -14.04
N ALA C 294 25.60 16.64 -13.78
CA ALA C 294 24.86 17.53 -12.89
C ALA C 294 25.22 17.28 -11.43
N SER C 295 24.90 16.09 -10.93
CA SER C 295 25.08 15.74 -9.53
C SER C 295 25.97 14.50 -9.41
N PRO C 296 26.55 14.27 -8.23
CA PRO C 296 27.45 13.11 -8.06
C PRO C 296 26.88 11.79 -8.58
N ILE C 297 25.62 11.48 -8.28
CA ILE C 297 25.03 10.24 -8.79
C ILE C 297 24.93 10.28 -10.31
N LEU C 298 24.65 11.45 -10.88
CA LEU C 298 24.60 11.59 -12.33
C LEU C 298 25.98 11.75 -12.94
N ARG C 299 26.97 12.23 -12.18
CA ARG C 299 28.33 12.23 -12.67
C ARG C 299 28.89 10.82 -12.75
N PHE C 300 28.51 9.97 -11.79
CA PHE C 300 28.97 8.59 -11.81
C PHE C 300 28.49 7.87 -13.07
N LEU C 301 27.21 7.97 -13.38
CA LEU C 301 26.72 7.54 -14.67
C LEU C 301 27.32 8.43 -15.75
N TYR C 302 27.40 7.89 -16.96
CA TYR C 302 28.05 8.57 -18.08
C TYR C 302 29.44 9.07 -17.69
N ALA C 303 30.32 8.12 -17.39
CA ALA C 303 31.66 8.47 -16.93
C ALA C 303 32.78 7.88 -17.77
N ASN C 304 32.48 7.03 -18.74
CA ASN C 304 33.48 6.39 -19.59
C ASN C 304 34.57 5.73 -18.75
N ILE C 305 34.14 4.72 -17.98
CA ILE C 305 35.03 3.98 -17.11
C ILE C 305 35.37 2.67 -17.82
N SER C 306 36.49 2.68 -18.55
CA SER C 306 36.94 1.55 -19.35
C SER C 306 35.82 0.99 -20.24
N GLU C 319 37.26 -20.32 -8.15
CA GLU C 319 37.98 -19.06 -8.30
C GLU C 319 37.53 -18.06 -7.23
N CYS C 320 38.27 -16.95 -7.12
CA CYS C 320 37.97 -15.89 -6.17
C CYS C 320 37.95 -16.42 -4.73
N GLN C 321 39.09 -16.93 -4.30
CA GLN C 321 39.20 -17.49 -2.96
C GLN C 321 38.85 -16.48 -1.87
N MET C 322 39.20 -15.21 -2.08
CA MET C 322 38.85 -14.18 -1.10
C MET C 322 37.34 -14.06 -0.95
N GLN C 323 36.62 -14.07 -2.07
CA GLN C 323 35.16 -13.95 -2.01
C GLN C 323 34.53 -15.16 -1.34
N CYS C 324 35.02 -16.36 -1.65
CA CYS C 324 34.47 -17.57 -1.02
C CYS C 324 34.71 -17.56 0.47
N TRP C 325 35.92 -17.20 0.90
CA TRP C 325 36.19 -17.14 2.34
C TRP C 325 35.37 -16.05 3.01
N ARG C 326 35.20 -14.91 2.35
CA ARG C 326 34.40 -13.83 2.92
C ARG C 326 32.96 -14.26 3.10
N SER C 327 32.38 -14.94 2.10
CA SER C 327 31.01 -15.43 2.23
C SER C 327 30.90 -16.47 3.34
N PHE C 328 31.84 -17.41 3.38
CA PHE C 328 31.81 -18.44 4.41
C PHE C 328 31.86 -17.82 5.81
N LEU C 329 32.74 -16.84 6.00
CA LEU C 329 32.86 -16.21 7.32
C LEU C 329 31.67 -15.31 7.62
N ASN C 330 31.03 -14.74 6.59
CA ASN C 330 29.80 -14.00 6.79
C ASN C 330 28.67 -14.91 7.22
N LYS C 331 28.72 -16.17 6.82
CA LYS C 331 27.67 -17.10 7.24
C LYS C 331 27.81 -17.47 8.71
N VAL C 332 29.04 -17.59 9.20
CA VAL C 332 29.29 -18.08 10.55
C VAL C 332 29.58 -16.93 11.52
N LYS C 333 29.34 -15.68 11.11
CA LYS C 333 29.52 -14.56 12.02
C LYS C 333 28.27 -14.26 12.85
N SER C 334 27.12 -14.75 12.41
CA SER C 334 25.89 -14.55 13.17
C SER C 334 25.66 -15.64 14.20
N MET C 335 26.27 -16.82 14.03
CA MET C 335 26.11 -17.91 14.97
C MET C 335 26.94 -17.73 16.23
N ARG C 336 27.81 -16.73 16.27
CA ARG C 336 28.59 -16.38 17.45
C ARG C 336 29.38 -17.58 17.98
N ILE C 337 30.32 -18.05 17.14
CA ILE C 337 31.11 -19.21 17.49
C ILE C 337 32.11 -18.95 18.60
N LEU C 338 32.23 -17.70 19.06
CA LEU C 338 33.13 -17.38 20.15
C LEU C 338 32.73 -16.03 20.73
N ASN C 339 32.73 -15.94 22.06
CA ASN C 339 32.32 -14.71 22.74
C ASN C 339 33.47 -13.70 22.81
N THR C 340 34.08 -13.44 21.66
CA THR C 340 35.21 -12.53 21.54
C THR C 340 35.01 -11.62 20.33
N ARG C 341 33.86 -10.94 20.30
CA ARG C 341 33.39 -10.18 19.13
C ARG C 341 34.52 -9.46 18.40
N ARG C 342 35.30 -8.65 19.12
CA ARG C 342 36.42 -7.96 18.49
C ARG C 342 37.48 -8.95 18.04
N LYS C 343 37.84 -9.91 18.89
CA LYS C 343 38.85 -10.89 18.52
C LYS C 343 38.35 -11.82 17.42
N LEU C 344 37.05 -12.13 17.42
CA LEU C 344 36.49 -12.93 16.35
C LEU C 344 36.54 -12.18 15.02
N LEU C 345 36.18 -10.89 15.04
CA LEU C 345 36.31 -10.07 13.84
C LEU C 345 37.77 -10.01 13.37
N LEU C 346 38.71 -9.94 14.32
CA LEU C 346 40.12 -9.92 13.95
C LEU C 346 40.54 -11.22 13.27
N ILE C 347 40.11 -12.36 13.82
CA ILE C 347 40.39 -13.65 13.20
C ILE C 347 39.80 -13.69 11.80
N PHE C 348 38.61 -13.13 11.62
CA PHE C 348 37.99 -13.11 10.30
C PHE C 348 38.78 -12.25 9.32
N ASP C 349 39.22 -11.06 9.77
CA ASP C 349 40.04 -10.21 8.92
C ASP C 349 41.32 -10.92 8.52
N ALA C 350 41.95 -11.62 9.46
CA ALA C 350 43.20 -12.32 9.14
C ALA C 350 42.95 -13.44 8.14
N LEU C 351 41.86 -14.19 8.32
CA LEU C 351 41.53 -15.24 7.37
C LEU C 351 41.29 -14.66 5.97
N ILE C 352 40.61 -13.52 5.90
CA ILE C 352 40.34 -12.92 4.59
C ILE C 352 41.62 -12.37 3.97
N LEU C 353 42.55 -11.85 4.80
CA LEU C 353 43.84 -11.43 4.27
C LEU C 353 44.61 -12.61 3.69
N LEU C 354 44.63 -13.73 4.42
CA LEU C 354 45.28 -14.93 3.90
C LEU C 354 44.65 -15.39 2.60
N ALA C 355 43.32 -15.35 2.52
CA ALA C 355 42.64 -15.75 1.29
C ALA C 355 42.98 -14.82 0.14
N SER C 356 43.03 -13.52 0.41
CA SER C 356 43.37 -12.56 -0.64
C SER C 356 44.80 -12.77 -1.14
N LYS C 357 45.72 -13.05 -0.22
CA LYS C 357 47.11 -13.29 -0.65
C LYS C 357 47.21 -14.58 -1.46
N HIS C 358 46.56 -15.65 -1.00
CA HIS C 358 46.57 -16.90 -1.76
C HIS C 358 45.92 -16.72 -3.12
N ASP C 359 44.95 -15.81 -3.23
CA ASP C 359 44.32 -15.55 -4.52
C ASP C 359 45.22 -14.73 -5.42
N GLN C 360 45.96 -13.78 -4.85
CA GLN C 360 46.78 -12.89 -5.66
C GLN C 360 48.08 -13.54 -6.11
N VAL C 361 48.58 -14.52 -5.36
CA VAL C 361 49.83 -15.17 -5.78
C VAL C 361 49.58 -16.11 -6.97
N ARG C 362 48.45 -16.82 -6.98
CA ARG C 362 48.25 -17.80 -8.03
C ARG C 362 48.14 -17.16 -9.42
N LYS C 363 47.00 -16.53 -9.71
CA LYS C 363 46.87 -15.73 -10.92
C LYS C 363 46.03 -14.47 -10.76
N LYS C 364 45.11 -14.42 -9.81
CA LYS C 364 44.00 -13.47 -9.86
C LYS C 364 44.43 -12.10 -9.32
N PRO C 365 43.85 -11.03 -9.85
CA PRO C 365 44.17 -9.68 -9.37
C PRO C 365 43.42 -9.38 -8.08
N LEU C 366 43.60 -8.16 -7.58
CA LEU C 366 42.92 -7.72 -6.37
C LEU C 366 41.47 -7.40 -6.69
N ARG C 367 40.55 -8.18 -6.11
CA ARG C 367 39.13 -8.05 -6.36
C ARG C 367 38.38 -7.36 -5.24
N GLY C 368 38.59 -7.78 -4.00
CA GLY C 368 37.93 -7.16 -2.87
C GLY C 368 38.81 -6.17 -2.15
N TRP C 369 39.70 -5.52 -2.90
CA TRP C 369 40.64 -4.56 -2.35
C TRP C 369 40.29 -3.15 -2.83
N LEU C 370 40.73 -2.16 -2.06
CA LEU C 370 40.53 -0.77 -2.41
C LEU C 370 41.77 0.08 -2.15
N GLY C 371 42.82 -0.49 -1.58
CA GLY C 371 44.01 0.27 -1.26
C GLY C 371 44.13 0.56 0.22
N THR C 372 44.98 -0.22 0.91
CA THR C 372 45.14 -0.14 2.37
C THR C 372 43.81 -0.35 3.10
N CYS C 373 42.84 -0.95 2.43
CA CYS C 373 41.52 -1.21 3.00
C CYS C 373 40.88 -2.35 2.23
N PHE C 374 40.39 -3.35 2.96
CA PHE C 374 39.77 -4.52 2.34
C PHE C 374 38.38 -4.73 2.91
N VAL C 375 37.54 -5.40 2.12
CA VAL C 375 36.15 -5.67 2.50
C VAL C 375 36.13 -6.97 3.27
N SER C 376 36.06 -6.87 4.59
CA SER C 376 36.03 -8.03 5.46
C SER C 376 34.60 -8.52 5.64
N VAL C 377 34.37 -9.38 6.63
CA VAL C 377 33.03 -9.86 6.92
C VAL C 377 32.15 -8.70 7.38
N ASN C 378 30.83 -8.93 7.35
CA ASN C 378 29.85 -7.92 7.72
C ASN C 378 29.99 -6.68 6.85
N ASP C 379 30.37 -6.88 5.59
CA ASP C 379 30.55 -5.85 4.55
C ASP C 379 31.09 -4.55 5.11
N ARG C 380 32.21 -4.61 5.82
CA ARG C 380 32.85 -3.44 6.41
C ARG C 380 34.27 -3.32 5.91
N LEU C 381 34.71 -2.08 5.69
CA LEU C 381 36.08 -1.81 5.26
C LEU C 381 37.00 -1.84 6.49
N VAL C 382 38.03 -2.66 6.42
CA VAL C 382 39.04 -2.74 7.48
C VAL C 382 40.38 -2.36 6.89
N SER C 383 41.11 -1.52 7.60
CA SER C 383 42.40 -1.04 7.12
C SER C 383 43.48 -2.09 7.37
N LEU C 384 44.42 -2.18 6.43
CA LEU C 384 45.48 -3.17 6.54
C LEU C 384 46.43 -2.85 7.69
N GLU C 385 46.77 -1.57 7.86
CA GLU C 385 47.72 -1.20 8.90
C GLU C 385 47.16 -1.48 10.29
N SER C 386 45.90 -1.09 10.53
CA SER C 386 45.29 -1.35 11.82
C SER C 386 45.11 -2.84 12.05
N THR C 387 44.79 -3.59 11.00
CA THR C 387 44.64 -5.03 11.12
C THR C 387 45.96 -5.68 11.51
N LYS C 388 47.05 -5.31 10.83
CA LYS C 388 48.35 -5.86 11.15
C LYS C 388 48.79 -5.49 12.56
N LYS C 389 48.54 -4.23 12.96
CA LYS C 389 48.93 -3.81 14.30
C LYS C 389 48.17 -4.59 15.36
N ASP C 390 46.85 -4.72 15.19
CA ASP C 390 46.04 -5.43 16.19
C ASP C 390 46.38 -6.92 16.23
N LEU C 391 46.63 -7.52 15.07
CA LEU C 391 47.01 -8.92 15.04
C LEU C 391 48.37 -9.15 15.69
N LYS C 392 49.32 -8.25 15.43
CA LYS C 392 50.63 -8.35 16.08
C LYS C 392 50.50 -8.21 17.58
N LYS C 393 49.68 -7.26 18.04
CA LYS C 393 49.47 -7.09 19.48
C LYS C 393 48.84 -8.34 20.08
N TRP C 394 47.84 -8.92 19.41
CA TRP C 394 47.17 -10.11 19.93
C TRP C 394 48.13 -11.29 20.02
N VAL C 395 48.87 -11.55 18.95
CA VAL C 395 49.79 -12.69 18.96
C VAL C 395 50.92 -12.47 19.95
N GLU C 396 51.39 -11.22 20.10
CA GLU C 396 52.43 -10.93 21.09
C GLU C 396 51.92 -11.20 22.49
N ARG C 397 50.71 -10.71 22.80
CA ARG C 397 50.14 -10.94 24.12
C ARG C 397 49.90 -12.42 24.37
N ARG C 398 49.54 -13.17 23.34
CA ARG C 398 49.35 -14.62 23.51
C ARG C 398 50.68 -15.34 23.69
N GLN C 399 51.75 -14.81 23.11
CA GLN C 399 53.08 -15.39 23.30
C GLN C 399 53.71 -14.98 24.63
N GLN C 400 53.23 -13.90 25.25
CA GLN C 400 53.73 -13.53 26.56
C GLN C 400 53.48 -14.62 27.59
N VAL C 401 52.37 -15.34 27.44
CA VAL C 401 52.06 -16.48 28.30
C VAL C 401 52.57 -17.74 27.61
N GLU C 402 53.15 -18.64 28.41
CA GLU C 402 53.73 -19.87 27.88
C GLU C 402 53.38 -21.05 28.76
N CYS C 412 58.30 -24.37 21.88
CA CYS C 412 57.51 -23.14 21.97
C CYS C 412 57.08 -22.68 20.58
N PRO C 413 55.83 -22.22 20.46
CA PRO C 413 55.35 -21.71 19.17
C PRO C 413 56.17 -20.51 18.71
N SER C 414 56.65 -20.58 17.47
CA SER C 414 57.52 -19.54 16.91
C SER C 414 56.69 -18.48 16.20
N LYS C 415 55.79 -17.86 16.97
CA LYS C 415 55.00 -16.72 16.53
C LYS C 415 54.07 -17.06 15.37
N ASN C 416 54.02 -18.34 14.99
CA ASN C 416 53.21 -18.75 13.85
C ASN C 416 52.36 -19.96 14.18
N GLN C 417 52.81 -20.76 15.14
CA GLN C 417 52.03 -21.93 15.53
C GLN C 417 50.78 -21.54 16.30
N ILE C 418 50.84 -20.46 17.08
CA ILE C 418 49.68 -20.02 17.84
C ILE C 418 48.58 -19.53 16.90
N LEU C 419 48.95 -18.75 15.89
CA LEU C 419 47.98 -18.27 14.92
C LEU C 419 47.38 -19.43 14.11
N ASN C 420 48.23 -20.38 13.70
CA ASN C 420 47.73 -21.55 12.98
C ASN C 420 46.75 -22.34 13.84
N SER C 421 47.08 -22.50 15.13
CA SER C 421 46.21 -23.27 16.02
C SER C 421 44.87 -22.56 16.23
N ILE C 422 44.89 -21.24 16.44
CA ILE C 422 43.63 -20.54 16.66
C ILE C 422 42.80 -20.52 15.37
N PHE C 423 43.45 -20.44 14.21
CA PHE C 423 42.71 -20.48 12.96
C PHE C 423 42.08 -21.86 12.75
N GLN C 424 42.82 -22.93 13.04
CA GLN C 424 42.24 -24.26 12.97
C GLN C 424 41.06 -24.40 13.91
N LYS C 425 41.18 -23.84 15.12
CA LYS C 425 40.09 -23.91 16.09
C LYS C 425 38.84 -23.23 15.55
N THR C 426 38.98 -21.99 15.07
CA THR C 426 37.80 -21.25 14.60
C THR C 426 37.22 -21.89 13.35
N ILE C 427 38.06 -22.41 12.45
CA ILE C 427 37.55 -23.04 11.24
C ILE C 427 36.82 -24.34 11.58
N SER C 428 37.34 -25.10 12.54
CA SER C 428 36.64 -26.30 12.98
C SER C 428 35.29 -25.95 13.59
N LYS C 429 35.25 -24.91 14.43
CA LYS C 429 33.99 -24.50 15.04
C LYS C 429 32.99 -24.06 13.98
N ALA C 430 33.46 -23.30 12.98
CA ALA C 430 32.56 -22.83 11.94
C ALA C 430 32.05 -23.97 11.07
N THR C 431 32.91 -24.93 10.75
CA THR C 431 32.48 -26.07 9.96
C THR C 431 31.49 -26.93 10.73
N THR C 432 31.69 -27.06 12.05
CA THR C 432 30.71 -27.80 12.85
C THR C 432 29.39 -27.04 12.96
N ALA C 433 29.44 -25.71 13.00
CA ALA C 433 28.22 -24.93 13.04
C ALA C 433 27.49 -24.93 11.70
N LEU C 434 28.21 -25.15 10.61
CA LEU C 434 27.58 -25.28 9.29
C LEU C 434 27.24 -26.73 8.96
N ARG C 435 27.67 -27.69 9.76
CA ARG C 435 27.40 -29.10 9.49
C ARG C 435 26.08 -29.56 10.09
N ASP C 436 25.76 -29.13 11.30
CA ASP C 436 24.51 -29.53 11.93
C ASP C 436 23.30 -28.89 11.26
N VAL C 437 23.49 -27.74 10.59
CA VAL C 437 22.41 -27.13 9.80
C VAL C 437 22.43 -27.60 8.36
N GLY C 438 23.42 -28.38 7.95
CA GLY C 438 23.45 -28.96 6.63
C GLY C 438 23.95 -28.05 5.53
N ILE C 439 24.82 -27.09 5.86
CA ILE C 439 25.31 -26.17 4.84
C ILE C 439 26.30 -26.86 3.91
N SER C 440 27.01 -27.88 4.42
CA SER C 440 28.00 -28.62 3.63
C SER C 440 29.08 -27.68 3.10
N VAL C 441 29.88 -27.19 4.05
CA VAL C 441 30.86 -26.12 3.87
C VAL C 441 31.60 -26.22 2.55
N ASP C 442 31.84 -27.46 2.07
CA ASP C 442 32.42 -27.66 0.76
C ASP C 442 31.59 -27.04 -0.36
N HIS C 443 30.38 -26.56 -0.06
CA HIS C 443 29.57 -25.85 -1.04
C HIS C 443 30.14 -24.47 -1.35
N TYR C 444 30.87 -23.85 -0.41
CA TYR C 444 31.42 -22.52 -0.63
C TYR C 444 32.68 -22.53 -1.48
N LYS C 445 33.19 -23.71 -1.86
CA LYS C 445 34.46 -23.82 -2.58
C LYS C 445 35.58 -23.10 -1.81
N ILE C 446 35.69 -23.44 -0.52
CA ILE C 446 36.66 -22.78 0.34
C ILE C 446 38.08 -23.04 -0.13
N ASP C 447 38.38 -24.30 -0.49
CA ASP C 447 39.74 -24.71 -0.85
C ASP C 447 40.71 -24.37 0.27
N MET C 448 40.51 -25.04 1.40
CA MET C 448 41.17 -24.68 2.64
C MET C 448 42.66 -25.03 2.60
N GLU C 449 43.40 -24.35 1.74
CA GLU C 449 44.86 -24.40 1.74
C GLU C 449 45.47 -23.04 2.04
N VAL C 450 44.64 -22.00 2.22
CA VAL C 450 45.16 -20.68 2.56
C VAL C 450 45.73 -20.66 3.97
N ILE C 451 45.39 -21.64 4.81
CA ILE C 451 45.94 -21.73 6.15
C ILE C 451 47.30 -22.41 6.07
N CYS C 452 48.34 -21.61 5.84
CA CYS C 452 49.69 -22.11 5.72
C CYS C 452 50.40 -22.06 7.06
N PRO C 453 51.46 -22.85 7.25
CA PRO C 453 52.22 -22.77 8.50
C PRO C 453 52.83 -21.40 8.72
N ASP C 454 53.23 -20.71 7.65
CA ASP C 454 53.75 -19.35 7.74
C ASP C 454 52.65 -18.31 7.53
N GLY C 455 51.57 -18.43 8.30
CA GLY C 455 50.44 -17.53 8.11
C GLY C 455 50.70 -16.15 8.66
N TYR C 456 51.24 -16.08 9.89
CA TYR C 456 51.52 -14.79 10.51
C TYR C 456 52.54 -14.01 9.68
N ASP C 457 53.61 -14.66 9.26
CA ASP C 457 54.61 -13.99 8.42
C ASP C 457 54.01 -13.56 7.11
N LEU C 458 53.20 -14.43 6.48
CA LEU C 458 52.57 -14.07 5.22
C LEU C 458 51.63 -12.87 5.37
N ILE C 459 51.05 -12.69 6.55
CA ILE C 459 50.22 -11.53 6.80
C ILE C 459 51.07 -10.29 7.02
N MET C 460 52.18 -10.44 7.74
CA MET C 460 53.01 -9.28 8.06
C MET C 460 53.78 -8.77 6.83
N ASP C 461 54.08 -9.65 5.88
CA ASP C 461 54.71 -9.21 4.64
C ASP C 461 53.71 -8.68 3.62
N PHE C 462 52.42 -8.61 3.97
CA PHE C 462 51.41 -8.12 3.05
C PHE C 462 51.51 -6.60 2.94
N ASP C 463 51.80 -6.11 1.73
CA ASP C 463 51.91 -4.67 1.48
C ASP C 463 51.29 -4.38 0.13
N VAL C 464 50.13 -3.71 0.13
CA VAL C 464 49.47 -3.31 -1.10
C VAL C 464 49.83 -1.89 -1.50
N SER C 465 49.85 -0.97 -0.53
CA SER C 465 50.21 0.43 -0.74
C SER C 465 49.37 1.05 -1.86
N GLY C 466 48.06 1.12 -1.61
CA GLY C 466 47.11 1.67 -2.54
C GLY C 466 46.61 3.04 -2.15
N VAL C 467 45.58 3.48 -2.85
CA VAL C 467 44.98 4.80 -2.61
C VAL C 467 44.11 4.75 -1.38
N THR C 468 44.14 5.83 -0.61
CA THR C 468 43.39 5.89 0.65
C THR C 468 41.92 6.18 0.38
N PRO C 469 41.00 5.35 0.85
CA PRO C 469 39.57 5.63 0.65
C PRO C 469 39.02 6.60 1.68
N THR C 470 38.25 7.58 1.20
CA THR C 470 37.62 8.58 2.04
C THR C 470 36.21 8.83 1.54
N ILE C 471 35.49 9.71 2.24
CA ILE C 471 34.13 10.06 1.90
C ILE C 471 34.03 11.48 1.36
N SER C 472 34.74 12.44 1.98
CA SER C 472 34.80 13.82 1.50
C SER C 472 33.41 14.46 1.46
N TYR C 473 32.83 14.60 2.65
CA TYR C 473 31.59 15.33 2.78
C TYR C 473 31.74 16.75 2.25
N GLN C 474 30.66 17.27 1.64
CA GLN C 474 30.63 18.63 1.10
C GLN C 474 31.73 18.82 0.06
N ARG C 475 31.59 18.09 -1.04
CA ARG C 475 32.61 18.07 -2.09
C ARG C 475 32.55 19.38 -2.88
N SER C 476 33.28 19.42 -3.99
CA SER C 476 33.52 20.64 -4.75
C SER C 476 33.04 20.46 -6.19
N GLU C 477 33.41 21.42 -7.03
CA GLU C 477 32.94 21.49 -8.40
C GLU C 477 33.24 20.19 -9.16
N GLU C 478 32.50 19.98 -10.25
CA GLU C 478 32.62 18.77 -11.05
C GLU C 478 34.02 18.58 -11.62
N GLU C 479 34.83 19.64 -11.70
CA GLU C 479 36.17 19.52 -12.26
C GLU C 479 37.09 18.64 -11.43
N ALA C 480 36.70 18.30 -10.19
CA ALA C 480 37.47 17.39 -9.35
C ALA C 480 37.03 15.94 -9.50
N PHE C 481 36.48 15.57 -10.66
CA PHE C 481 35.99 14.23 -10.94
C PHE C 481 37.08 13.37 -11.57
N PRO C 482 37.21 12.12 -11.14
CA PRO C 482 38.31 11.28 -11.68
C PRO C 482 38.13 10.91 -13.14
N TYR C 483 36.91 10.59 -13.57
CA TYR C 483 36.68 10.09 -14.92
C TYR C 483 36.17 11.19 -15.82
N ILE C 484 35.94 10.84 -17.09
CA ILE C 484 35.45 11.79 -18.09
C ILE C 484 33.94 11.91 -17.91
N MET C 485 33.49 13.05 -17.42
CA MET C 485 32.07 13.27 -17.15
C MET C 485 31.31 13.38 -18.47
N GLY C 486 30.65 12.29 -18.85
CA GLY C 486 29.73 12.31 -19.97
C GLY C 486 30.30 11.72 -21.23
N ASP C 487 30.03 10.43 -21.46
CA ASP C 487 30.31 9.79 -22.74
C ASP C 487 29.18 8.88 -23.21
N VAL C 488 28.33 8.38 -22.32
CA VAL C 488 27.31 7.40 -22.68
C VAL C 488 26.20 8.10 -23.45
N ASP C 489 25.91 7.61 -24.65
CA ASP C 489 24.76 8.10 -25.40
C ASP C 489 23.48 7.69 -24.69
N LEU C 490 22.48 8.57 -24.71
CA LEU C 490 21.20 8.25 -24.08
C LEU C 490 20.36 7.40 -25.01
N LEU C 491 20.95 6.34 -25.55
CA LEU C 491 20.27 5.36 -26.36
C LEU C 491 20.54 3.93 -25.94
N LYS C 492 21.59 3.68 -25.17
CA LYS C 492 21.90 2.38 -24.62
C LYS C 492 21.45 2.31 -23.16
N THR C 493 21.35 1.09 -22.66
CA THR C 493 20.89 0.84 -21.29
C THR C 493 22.02 0.85 -20.28
N THR C 494 23.21 1.33 -20.65
CA THR C 494 24.34 1.30 -19.72
C THR C 494 24.12 2.25 -18.56
N ASP C 495 23.51 3.41 -18.81
CA ASP C 495 23.17 4.32 -17.72
C ASP C 495 22.15 3.69 -16.77
N LEU C 496 21.13 3.06 -17.34
CA LEU C 496 20.16 2.34 -16.50
C LEU C 496 20.80 1.18 -15.77
N GLU C 497 21.78 0.51 -16.39
CA GLU C 497 22.47 -0.58 -15.71
C GLU C 497 23.28 -0.07 -14.52
N ARG C 498 24.01 1.04 -14.71
CA ARG C 498 24.75 1.61 -13.60
C ARG C 498 23.82 2.10 -12.50
N LEU C 499 22.69 2.69 -12.89
CA LEU C 499 21.72 3.13 -11.89
C LEU C 499 21.16 1.94 -11.12
N SER C 500 20.91 0.82 -11.81
CA SER C 500 20.41 -0.37 -11.13
C SER C 500 21.43 -0.91 -10.15
N SER C 501 22.70 -1.01 -10.58
CA SER C 501 23.73 -1.51 -9.68
C SER C 501 23.91 -0.61 -8.48
N LEU C 502 23.90 0.71 -8.69
CA LEU C 502 24.07 1.63 -7.57
C LEU C 502 22.87 1.59 -6.63
N SER C 503 21.66 1.51 -7.17
CA SER C 503 20.47 1.43 -6.33
C SER C 503 20.47 0.15 -5.50
N LEU C 504 20.89 -0.96 -6.10
CA LEU C 504 20.99 -2.20 -5.35
C LEU C 504 22.07 -2.11 -4.29
N ALA C 505 23.16 -1.39 -4.59
CA ALA C 505 24.20 -1.19 -3.58
C ALA C 505 23.68 -0.40 -2.40
N LEU C 506 22.88 0.64 -2.65
CA LEU C 506 22.30 1.42 -1.57
C LEU C 506 21.33 0.57 -0.74
N VAL C 507 20.45 -0.18 -1.43
CA VAL C 507 19.46 -0.99 -0.72
C VAL C 507 20.14 -2.08 0.09
N ASN C 508 21.29 -2.58 -0.38
CA ASN C 508 22.05 -3.54 0.42
C ASN C 508 22.78 -2.85 1.56
N SER C 509 23.18 -1.59 1.38
CA SER C 509 23.73 -0.83 2.49
C SER C 509 22.70 -0.65 3.59
N MET C 510 21.42 -0.65 3.22
CA MET C 510 20.36 -0.50 4.21
C MET C 510 20.35 -1.61 5.26
N LYS C 511 21.00 -2.74 5.00
CA LYS C 511 20.85 -3.93 5.84
C LYS C 511 22.08 -4.28 6.66
N THR C 512 23.04 -3.36 6.77
CA THR C 512 24.25 -3.65 7.55
C THR C 512 23.92 -3.75 9.04
N SER C 513 24.50 -4.74 9.71
CA SER C 513 24.22 -4.96 11.13
C SER C 513 24.97 -3.98 12.03
N SER C 514 26.21 -3.65 11.69
CA SER C 514 27.03 -2.69 12.43
C SER C 514 27.23 -3.12 13.89
N THR C 515 27.94 -4.22 14.06
CA THR C 515 28.36 -4.66 15.38
C THR C 515 29.67 -3.99 15.76
N VAL C 516 29.76 -3.55 17.02
CA VAL C 516 30.93 -2.83 17.54
C VAL C 516 31.25 -1.62 16.67
N LYS C 534 39.96 1.21 9.72
CA LYS C 534 38.84 2.03 9.30
C LYS C 534 37.53 1.47 9.83
N GLU C 535 36.59 2.37 10.14
CA GLU C 535 35.30 1.97 10.69
C GLU C 535 34.19 1.97 9.63
N ALA C 536 34.43 2.58 8.47
CA ALA C 536 33.39 2.69 7.46
C ALA C 536 33.03 1.33 6.87
N TYR C 537 31.73 1.11 6.68
CA TYR C 537 31.24 -0.08 6.01
C TYR C 537 31.21 0.13 4.50
N CYS C 538 31.05 -0.96 3.76
CA CYS C 538 31.20 -0.91 2.32
C CYS C 538 30.43 -2.02 1.64
N GLN C 539 29.65 -1.67 0.63
CA GLN C 539 29.06 -2.62 -0.31
C GLN C 539 29.83 -2.57 -1.63
N GLU C 540 29.66 -3.60 -2.44
CA GLU C 540 30.39 -3.73 -3.70
C GLU C 540 29.43 -3.94 -4.85
N PHE C 541 29.65 -3.22 -5.96
CA PHE C 541 28.85 -3.43 -7.17
C PHE C 541 29.77 -3.42 -8.40
N SER C 542 30.21 -4.61 -8.80
CA SER C 542 30.95 -4.75 -10.05
C SER C 542 30.07 -4.41 -11.24
N LEU C 543 30.47 -3.37 -11.99
CA LEU C 543 29.68 -2.96 -13.14
C LEU C 543 30.17 -3.60 -14.43
N GLY C 544 31.41 -3.32 -14.81
CA GLY C 544 31.97 -3.89 -16.02
C GLY C 544 33.24 -4.68 -15.76
N GLU C 545 34.38 -4.09 -16.14
CA GLU C 545 35.68 -4.66 -15.88
C GLU C 545 36.24 -4.19 -14.54
N THR C 546 35.46 -3.45 -13.78
CA THR C 546 35.87 -2.93 -12.48
C THR C 546 34.82 -3.24 -11.44
N GLU C 547 35.18 -3.04 -10.17
CA GLU C 547 34.29 -3.32 -9.04
C GLU C 547 34.29 -2.11 -8.11
N PHE C 548 33.31 -1.24 -8.29
CA PHE C 548 33.17 -0.08 -7.43
C PHE C 548 32.69 -0.48 -6.05
N GLN C 549 32.99 0.37 -5.07
CA GLN C 549 32.60 0.13 -3.68
C GLN C 549 31.89 1.34 -3.13
N LEU C 550 30.65 1.14 -2.68
CA LEU C 550 29.88 2.18 -2.03
C LEU C 550 30.19 2.15 -0.54
N ILE C 551 30.88 3.16 -0.05
CA ILE C 551 31.29 3.26 1.34
C ILE C 551 30.32 4.15 2.09
N TYR C 552 30.11 3.83 3.36
CA TYR C 552 29.21 4.57 4.21
C TYR C 552 29.54 4.26 5.66
N GLN C 553 29.58 5.30 6.50
CA GLN C 553 29.90 5.12 7.91
C GLN C 553 28.65 4.92 8.76
N LYS C 554 27.59 5.68 8.49
CA LYS C 554 26.35 5.53 9.23
C LYS C 554 25.64 4.24 8.80
N THR C 555 24.86 3.68 9.73
CA THR C 555 24.16 2.42 9.51
C THR C 555 22.66 2.65 9.62
N GLY C 556 21.88 1.74 9.02
CA GLY C 556 20.44 1.79 9.05
C GLY C 556 19.87 2.35 7.77
N GLU C 557 18.54 2.32 7.71
CA GLU C 557 17.80 2.78 6.54
C GLU C 557 17.54 4.28 6.56
N CYS C 558 18.20 5.02 7.45
CA CYS C 558 18.10 6.47 7.46
C CYS C 558 18.93 7.06 6.32
N SER C 559 18.68 8.33 6.03
CA SER C 559 19.41 9.02 4.97
C SER C 559 20.83 9.29 5.43
N LYS C 560 21.81 8.76 4.70
CA LYS C 560 23.20 8.88 5.09
C LYS C 560 24.04 9.43 3.95
N CYS C 561 25.36 9.40 4.09
CA CYS C 561 26.27 9.94 3.08
C CYS C 561 27.10 8.81 2.50
N TYR C 562 26.86 8.47 1.24
CA TYR C 562 27.57 7.42 0.54
C TYR C 562 28.72 8.01 -0.27
N ALA C 563 29.72 7.16 -0.52
CA ALA C 563 30.88 7.54 -1.32
C ALA C 563 31.21 6.40 -2.27
N ILE C 564 31.07 6.65 -3.56
CA ILE C 564 31.47 5.66 -4.56
C ILE C 564 32.97 5.75 -4.76
N ASN C 565 33.67 4.66 -4.50
CA ASN C 565 35.12 4.58 -4.64
C ASN C 565 35.49 3.50 -5.63
N ASP C 566 36.67 3.65 -6.22
CA ASP C 566 37.22 2.65 -7.12
C ASP C 566 38.66 2.38 -6.71
N ASN C 567 39.10 1.14 -6.95
CA ASN C 567 40.45 0.76 -6.56
C ASN C 567 41.50 1.45 -7.41
N ARG C 568 41.18 1.81 -8.64
CA ARG C 568 42.15 2.37 -9.57
C ARG C 568 42.33 3.87 -9.41
N VAL C 569 41.28 4.61 -9.02
CA VAL C 569 41.34 6.06 -8.93
C VAL C 569 40.95 6.59 -7.55
N GLY C 570 40.72 5.72 -6.58
CA GLY C 570 40.31 6.19 -5.27
C GLY C 570 38.84 6.56 -5.23
N GLU C 571 38.49 7.59 -4.47
CA GLU C 571 37.11 8.02 -4.37
C GLU C 571 36.65 8.63 -5.69
N VAL C 572 35.50 8.19 -6.18
CA VAL C 572 34.95 8.65 -7.45
C VAL C 572 33.87 9.70 -7.22
N CYS C 573 32.88 9.40 -6.38
CA CYS C 573 31.80 10.33 -6.12
C CYS C 573 31.46 10.30 -4.63
N SER C 574 30.72 11.32 -4.19
CA SER C 574 30.23 11.37 -2.83
C SER C 574 28.88 12.09 -2.84
N PHE C 575 27.88 11.50 -2.19
CA PHE C 575 26.54 12.07 -2.23
C PHE C 575 25.78 11.70 -0.97
N TYR C 576 24.99 12.64 -0.47
CA TYR C 576 24.13 12.41 0.69
C TYR C 576 22.79 11.90 0.15
N ALA C 577 22.56 10.60 0.31
CA ALA C 577 21.39 9.95 -0.28
C ALA C 577 20.57 9.23 0.79
N ASP C 578 19.31 9.01 0.44
CA ASP C 578 18.41 8.21 1.27
C ASP C 578 18.26 6.84 0.63
N PRO C 579 18.76 5.77 1.25
CA PRO C 579 18.76 4.47 0.55
C PRO C 579 17.38 3.89 0.35
N LYS C 580 16.43 4.17 1.25
CA LYS C 580 15.11 3.57 1.13
C LYS C 580 14.28 4.16 0.03
N ARG C 581 14.85 5.00 -0.84
CA ARG C 581 14.11 5.58 -1.95
C ARG C 581 14.56 5.08 -3.31
N TYR C 582 15.73 4.46 -3.41
CA TYR C 582 16.26 3.98 -4.68
C TYR C 582 15.86 2.53 -4.96
N PHE C 583 14.59 2.20 -4.78
CA PHE C 583 14.15 0.85 -5.13
C PHE C 583 13.74 0.68 -6.60
N PRO C 584 12.90 1.55 -7.18
CA PRO C 584 12.24 1.19 -8.44
C PRO C 584 13.16 1.02 -9.64
N ALA C 585 14.47 1.15 -9.47
CA ALA C 585 15.41 0.96 -10.57
C ALA C 585 16.39 -0.18 -10.29
N ILE C 586 16.09 -1.02 -9.29
CA ILE C 586 17.09 -1.98 -8.82
C ILE C 586 17.43 -2.99 -9.90
N PHE C 587 16.44 -3.50 -10.63
CA PHE C 587 16.70 -4.42 -11.72
C PHE C 587 15.92 -4.08 -12.98
N SER C 588 15.32 -2.90 -13.05
CA SER C 588 14.52 -2.52 -14.21
C SER C 588 15.36 -1.80 -15.26
N ALA C 589 16.48 -2.39 -15.64
CA ALA C 589 17.30 -1.80 -16.68
C ALA C 589 16.61 -1.86 -18.03
N GLU C 590 15.84 -2.93 -18.27
CA GLU C 590 15.10 -3.07 -19.51
C GLU C 590 13.69 -2.53 -19.42
N VAL C 591 13.06 -2.58 -18.23
CA VAL C 591 11.70 -2.08 -18.07
C VAL C 591 11.64 -0.60 -18.38
N LEU C 592 12.61 0.17 -17.87
CA LEU C 592 12.60 1.61 -18.07
C LEU C 592 12.91 1.96 -19.51
N GLN C 593 13.89 1.29 -20.11
CA GLN C 593 14.18 1.51 -21.53
C GLN C 593 12.95 1.21 -22.38
N THR C 594 12.19 0.18 -22.01
CA THR C 594 11.04 -0.20 -22.82
C THR C 594 9.88 0.76 -22.64
N THR C 595 9.64 1.24 -21.42
CA THR C 595 8.58 2.23 -21.26
C THR C 595 8.93 3.53 -21.96
N VAL C 596 10.21 3.91 -21.94
CA VAL C 596 10.64 5.08 -22.71
C VAL C 596 10.41 4.85 -24.20
N SER C 597 10.76 3.66 -24.70
CA SER C 597 10.57 3.36 -26.11
C SER C 597 9.10 3.40 -26.50
N THR C 598 8.23 2.90 -25.63
CA THR C 598 6.80 2.93 -25.92
C THR C 598 6.27 4.36 -25.94
N MET C 599 6.60 5.14 -24.91
CA MET C 599 6.18 6.54 -24.87
C MET C 599 6.65 7.29 -26.11
N ILE C 600 7.85 6.96 -26.60
CA ILE C 600 8.37 7.65 -27.77
C ILE C 600 7.66 7.18 -29.04
N SER C 601 7.35 5.88 -29.12
CA SER C 601 6.67 5.35 -30.28
C SER C 601 5.23 5.82 -30.37
N TRP C 602 4.67 6.30 -29.26
CA TRP C 602 3.32 6.89 -29.33
C TRP C 602 3.30 8.11 -30.23
N ILE C 603 4.38 8.90 -30.24
CA ILE C 603 4.46 10.12 -31.01
C ILE C 603 5.47 10.02 -32.14
N GLU C 604 6.00 8.82 -32.40
CA GLU C 604 7.02 8.67 -33.44
C GLU C 604 6.43 8.92 -34.82
N ASP C 605 5.23 8.40 -35.09
CA ASP C 605 4.58 8.58 -36.38
C ASP C 605 3.76 9.87 -36.40
N CYS C 606 4.41 10.97 -36.05
CA CYS C 606 3.78 12.28 -36.05
C CYS C 606 4.08 13.10 -37.30
N ASN C 607 5.16 12.78 -38.02
CA ASN C 607 5.52 13.40 -39.29
C ASN C 607 5.88 14.87 -39.11
N GLU C 608 5.78 15.38 -37.88
CA GLU C 608 6.23 16.72 -37.56
C GLU C 608 7.14 16.78 -36.35
N LEU C 609 7.33 15.67 -35.63
CA LEU C 609 8.34 15.55 -34.61
C LEU C 609 9.51 14.69 -35.06
N GLU C 610 9.48 14.20 -36.30
CA GLU C 610 10.54 13.31 -36.78
C GLU C 610 11.90 14.01 -36.81
N GLU C 611 11.91 15.34 -36.95
CA GLU C 611 13.17 16.07 -36.86
C GLU C 611 13.61 16.28 -35.42
N GLN C 612 12.71 16.07 -34.45
CA GLN C 612 13.03 16.23 -33.04
C GLN C 612 12.73 14.96 -32.24
N LEU C 613 12.54 13.83 -32.92
CA LEU C 613 12.18 12.60 -32.22
C LEU C 613 13.33 12.12 -31.33
N ASP C 614 14.56 12.17 -31.84
CA ASP C 614 15.71 11.74 -31.03
C ASP C 614 15.89 12.65 -29.82
N LYS C 615 15.67 13.95 -29.99
CA LYS C 615 15.77 14.86 -28.85
C LYS C 615 14.67 14.60 -27.84
N ILE C 616 13.47 14.27 -28.30
CA ILE C 616 12.38 13.95 -27.38
C ILE C 616 12.70 12.68 -26.61
N ARG C 617 13.28 11.68 -27.28
CA ARG C 617 13.66 10.46 -26.59
C ARG C 617 14.76 10.72 -25.56
N SER C 618 15.74 11.54 -25.93
CA SER C 618 16.79 11.91 -24.98
C SER C 618 16.22 12.63 -23.77
N LEU C 619 15.28 13.55 -24.00
CA LEU C 619 14.67 14.27 -22.89
C LEU C 619 13.86 13.35 -22.00
N THR C 620 13.12 12.42 -22.59
CA THR C 620 12.33 11.47 -21.80
C THR C 620 13.24 10.61 -20.93
N LYS C 621 14.31 10.07 -21.52
CA LYS C 621 15.21 9.25 -20.72
C LYS C 621 15.93 10.08 -19.67
N MET C 622 16.23 11.34 -19.97
CA MET C 622 16.87 12.20 -18.98
C MET C 622 15.93 12.47 -17.80
N ILE C 623 14.67 12.75 -18.08
CA ILE C 623 13.70 12.94 -17.01
C ILE C 623 13.58 11.68 -16.16
N LEU C 624 13.53 10.51 -16.81
CA LEU C 624 13.38 9.27 -16.08
C LEU C 624 14.59 9.00 -15.19
N ILE C 625 15.79 9.11 -15.75
CA ILE C 625 16.99 8.86 -14.95
C ILE C 625 17.17 9.92 -13.89
N LEU C 626 16.63 11.12 -14.11
CA LEU C 626 16.74 12.17 -13.10
C LEU C 626 15.82 11.89 -11.92
N ILE C 627 14.59 11.45 -12.19
CA ILE C 627 13.67 11.15 -11.09
C ILE C 627 14.00 9.82 -10.43
N LEU C 628 14.78 8.95 -11.09
CA LEU C 628 15.17 7.69 -10.45
C LEU C 628 16.49 7.80 -9.70
N ALA C 629 17.44 8.59 -10.18
CA ALA C 629 18.70 8.78 -9.49
C ALA C 629 18.63 9.87 -8.43
N HIS C 630 17.57 10.68 -8.44
CA HIS C 630 17.33 11.68 -7.40
C HIS C 630 15.86 11.66 -7.05
N PRO C 631 15.41 10.66 -6.30
CA PRO C 631 14.00 10.62 -5.90
C PRO C 631 13.71 11.63 -4.80
N SER C 632 13.05 12.72 -5.18
CA SER C 632 12.73 13.80 -4.25
C SER C 632 11.26 14.12 -4.35
N LYS C 633 10.65 14.47 -3.21
CA LYS C 633 9.23 14.80 -3.19
C LYS C 633 8.92 15.98 -4.10
N ARG C 634 9.86 16.90 -4.25
CA ARG C 634 9.60 18.09 -5.05
C ARG C 634 9.52 17.76 -6.54
N SER C 635 10.35 16.82 -7.01
CA SER C 635 10.24 16.38 -8.40
C SER C 635 8.90 15.70 -8.65
N GLN C 636 8.44 14.89 -7.68
CA GLN C 636 7.14 14.25 -7.79
C GLN C 636 6.03 15.28 -7.86
N LYS C 637 6.08 16.29 -6.99
CA LYS C 637 5.07 17.35 -7.03
C LYS C 637 5.12 18.11 -8.35
N LEU C 638 6.33 18.33 -8.88
CA LEU C 638 6.44 19.04 -10.14
C LEU C 638 5.83 18.25 -11.29
N LEU C 639 6.00 16.92 -11.27
CA LEU C 639 5.41 16.12 -12.34
C LEU C 639 3.88 16.04 -12.20
N GLN C 640 3.37 15.99 -10.97
CA GLN C 640 1.92 16.09 -10.80
C GLN C 640 1.38 17.42 -11.31
N ASN C 641 2.08 18.51 -10.99
CA ASN C 641 1.66 19.81 -11.49
C ASN C 641 1.73 19.87 -13.00
N LEU C 642 2.69 19.17 -13.60
CA LEU C 642 2.71 19.03 -15.05
C LEU C 642 1.46 18.30 -15.55
N ARG C 643 1.01 17.29 -14.81
CA ARG C 643 -0.23 16.61 -15.17
C ARG C 643 -1.39 17.59 -15.19
N TYR C 644 -1.52 18.39 -14.13
CA TYR C 644 -2.60 19.37 -14.08
C TYR C 644 -2.49 20.38 -15.22
N PHE C 645 -1.26 20.81 -15.52
CA PHE C 645 -1.06 21.78 -16.58
C PHE C 645 -1.48 21.24 -17.94
N ILE C 646 -1.05 20.01 -18.26
CA ILE C 646 -1.41 19.45 -19.56
C ILE C 646 -2.90 19.11 -19.60
N MET C 647 -3.51 18.82 -18.45
CA MET C 647 -4.94 18.61 -18.43
C MET C 647 -5.68 19.91 -18.73
N ALA C 648 -5.15 21.04 -18.26
CA ALA C 648 -5.74 22.34 -18.53
C ALA C 648 -5.25 22.96 -19.83
N TYR C 649 -4.35 22.29 -20.54
CA TYR C 649 -3.79 22.82 -21.79
C TYR C 649 -4.65 22.48 -23.00
N VAL C 650 -5.38 21.38 -22.95
CA VAL C 650 -6.11 20.87 -24.11
C VAL C 650 -7.60 21.15 -23.92
N SER C 651 -7.92 22.21 -23.19
CA SER C 651 -9.30 22.51 -22.84
C SER C 651 -9.73 23.87 -23.38
N ASP C 652 -10.92 24.30 -22.98
CA ASP C 652 -11.46 25.59 -23.39
C ASP C 652 -11.35 26.66 -22.31
N TYR C 653 -11.49 26.30 -21.04
CA TYR C 653 -11.39 27.23 -19.94
C TYR C 653 -10.62 26.57 -18.80
N TYR C 654 -9.74 27.34 -18.17
CA TYR C 654 -9.01 26.86 -17.01
C TYR C 654 -9.13 27.90 -15.90
N HIS C 655 -8.62 27.57 -14.72
CA HIS C 655 -8.72 28.43 -13.56
C HIS C 655 -7.57 29.42 -13.55
N LYS C 656 -7.88 30.68 -13.16
CA LYS C 656 -6.87 31.72 -13.20
C LYS C 656 -5.70 31.41 -12.28
N ASP C 657 -5.94 30.67 -11.19
CA ASP C 657 -4.91 30.32 -10.23
C ASP C 657 -4.32 28.94 -10.49
N LEU C 658 -4.32 28.49 -11.75
CA LEU C 658 -3.74 27.20 -12.09
C LEU C 658 -2.23 27.24 -12.01
N ILE C 659 -1.61 28.27 -12.60
CA ILE C 659 -0.16 28.37 -12.59
C ILE C 659 0.37 28.59 -11.19
N ASP C 660 -0.40 29.24 -10.33
CA ASP C 660 0.01 29.39 -8.93
C ASP C 660 0.10 28.04 -8.24
N LYS C 661 -0.79 27.12 -8.59
CA LYS C 661 -0.75 25.78 -8.01
C LYS C 661 0.30 24.90 -8.66
N VAL C 662 0.54 25.07 -9.96
CA VAL C 662 1.53 24.28 -10.66
C VAL C 662 2.94 24.63 -10.16
N ARG C 663 3.20 25.91 -9.97
CA ARG C 663 4.52 26.34 -9.49
C ARG C 663 4.69 25.93 -8.03
N GLU C 664 5.58 24.98 -7.78
CA GLU C 664 5.91 24.56 -6.43
C GLU C 664 7.41 24.75 -6.22
N GLU C 665 7.78 25.06 -4.97
CA GLU C 665 9.14 25.49 -4.68
C GLU C 665 10.15 24.38 -4.95
N LEU C 666 11.20 24.71 -5.68
CA LEU C 666 12.25 23.76 -6.04
C LEU C 666 13.56 24.19 -5.40
N ILE C 667 14.33 23.20 -4.92
CA ILE C 667 15.62 23.43 -4.27
C ILE C 667 16.62 22.51 -4.97
N THR C 668 17.85 22.48 -4.48
CA THR C 668 18.90 21.51 -4.79
C THR C 668 19.44 21.60 -6.21
N ASP C 669 18.91 22.47 -7.06
CA ASP C 669 19.46 22.76 -8.38
C ASP C 669 19.34 21.57 -9.33
N VAL C 670 18.89 20.43 -8.82
CA VAL C 670 18.58 19.28 -9.66
C VAL C 670 17.11 19.28 -10.05
N GLU C 671 16.24 19.69 -9.12
CA GLU C 671 14.84 19.87 -9.44
C GLU C 671 14.65 20.97 -10.46
N PHE C 672 15.50 22.01 -10.42
CA PHE C 672 15.47 23.02 -11.48
C PHE C 672 15.88 22.41 -12.81
N LEU C 673 16.84 21.48 -12.80
CA LEU C 673 17.20 20.77 -14.02
C LEU C 673 16.02 19.98 -14.54
N LEU C 674 15.26 19.36 -13.64
CA LEU C 674 14.06 18.64 -14.07
C LEU C 674 13.02 19.59 -14.65
N TYR C 675 12.86 20.77 -14.06
CA TYR C 675 11.93 21.73 -14.62
C TYR C 675 12.37 22.18 -16.01
N ARG C 676 13.68 22.37 -16.20
CA ARG C 676 14.17 22.77 -17.52
C ARG C 676 13.97 21.65 -18.54
N LEU C 677 14.18 20.40 -18.12
CA LEU C 677 13.92 19.27 -19.00
C LEU C 677 12.45 19.19 -19.38
N LEU C 678 11.56 19.40 -18.41
CA LEU C 678 10.13 19.40 -18.68
C LEU C 678 9.76 20.53 -19.64
N ARG C 679 10.32 21.72 -19.43
CA ARG C 679 10.03 22.85 -20.29
C ARG C 679 10.47 22.58 -21.71
N THR C 680 11.67 22.03 -21.89
CA THR C 680 12.15 21.72 -23.24
C THR C 680 11.32 20.62 -23.88
N LEU C 681 10.93 19.60 -23.10
CA LEU C 681 10.12 18.53 -23.65
C LEU C 681 8.76 19.03 -24.10
N MET C 682 8.16 19.94 -23.32
CA MET C 682 6.88 20.51 -23.73
C MET C 682 7.04 21.44 -24.92
N GLY C 683 8.15 22.17 -25.00
CA GLY C 683 8.39 23.00 -26.16
C GLY C 683 8.57 22.20 -27.43
N LEU C 684 9.16 20.99 -27.32
CA LEU C 684 9.32 20.15 -28.50
C LEU C 684 8.03 19.43 -28.86
N VAL C 685 7.34 18.88 -27.87
CA VAL C 685 6.13 18.11 -28.14
C VAL C 685 4.95 19.02 -28.43
N LEU C 686 4.79 20.09 -27.65
CA LEU C 686 3.68 21.02 -27.79
C LEU C 686 4.10 22.32 -28.46
N SER C 687 4.99 22.25 -29.44
CA SER C 687 5.38 23.44 -30.18
C SER C 687 4.15 24.07 -30.85
N GLU C 688 4.33 25.28 -31.36
CA GLU C 688 3.22 25.92 -32.06
C GLU C 688 2.88 25.20 -33.35
N ASP C 689 3.90 24.77 -34.09
CA ASP C 689 3.71 24.14 -35.38
C ASP C 689 3.78 22.61 -35.26
N VAL C 690 2.77 22.04 -34.61
CA VAL C 690 2.59 20.60 -34.65
C VAL C 690 1.20 20.28 -35.18
N LYS C 691 0.16 20.66 -34.44
CA LYS C 691 -1.23 20.56 -34.87
C LYS C 691 -1.51 19.22 -35.55
N SER C 692 -1.08 18.13 -34.91
CA SER C 692 -1.22 16.81 -35.51
C SER C 692 -1.25 15.78 -34.39
N MET C 693 -2.20 14.84 -34.49
CA MET C 693 -2.44 13.79 -33.50
C MET C 693 -2.23 14.31 -32.08
N MET C 694 -3.05 15.31 -31.73
CA MET C 694 -3.00 15.89 -30.40
C MET C 694 -3.27 14.83 -29.33
N THR C 695 -4.04 13.79 -29.67
CA THR C 695 -4.31 12.71 -28.72
C THR C 695 -3.01 12.03 -28.28
N ASN C 696 -2.16 11.68 -29.25
CA ASN C 696 -0.94 10.95 -28.91
C ASN C 696 0.02 11.81 -28.10
N ARG C 697 0.18 13.08 -28.48
CA ARG C 697 1.07 13.96 -27.73
C ARG C 697 0.53 14.22 -26.33
N PHE C 698 -0.79 14.39 -26.20
CA PHE C 698 -1.38 14.56 -24.88
C PHE C 698 -1.15 13.34 -24.01
N LYS C 699 -1.34 12.14 -24.58
CA LYS C 699 -1.09 10.92 -23.82
C LYS C 699 0.38 10.82 -23.42
N PHE C 700 1.29 11.19 -24.33
CA PHE C 700 2.72 11.15 -24.02
C PHE C 700 3.06 12.07 -22.87
N ILE C 701 2.54 13.30 -22.89
CA ILE C 701 2.89 14.24 -21.82
C ILE C 701 2.19 13.85 -20.53
N LEU C 702 0.99 13.27 -20.61
CA LEU C 702 0.34 12.77 -19.41
C LEU C 702 1.15 11.66 -18.76
N ASN C 703 1.79 10.81 -19.57
CA ASN C 703 2.65 9.78 -19.01
C ASN C 703 3.96 10.36 -18.48
N ILE C 704 4.49 11.37 -19.16
CA ILE C 704 5.66 12.07 -18.63
C ILE C 704 5.34 12.65 -17.26
N SER C 705 4.11 13.09 -17.06
CA SER C 705 3.69 13.61 -15.76
C SER C 705 3.50 12.49 -14.75
N TYR C 706 2.85 11.40 -15.16
CA TYR C 706 2.65 10.26 -14.26
C TYR C 706 3.93 9.52 -13.96
N MET C 707 5.03 9.87 -14.61
CA MET C 707 6.35 9.37 -14.19
C MET C 707 6.63 9.66 -12.73
N CYS C 708 5.90 10.59 -12.10
CA CYS C 708 6.10 10.89 -10.70
C CYS C 708 5.90 9.69 -9.80
N HIS C 709 5.18 8.67 -10.27
CA HIS C 709 4.99 7.46 -9.48
C HIS C 709 6.27 6.64 -9.38
N PHE C 710 7.22 6.85 -10.30
CA PHE C 710 8.51 6.17 -10.18
C PHE C 710 9.22 6.58 -8.90
N ILE C 711 9.11 7.86 -8.53
CA ILE C 711 9.58 8.28 -7.22
C ILE C 711 8.67 7.67 -6.16
N THR C 712 9.27 7.10 -5.12
CA THR C 712 8.50 6.41 -4.10
C THR C 712 7.57 7.39 -3.38
N LYS C 713 6.40 6.89 -2.99
CA LYS C 713 5.40 7.72 -2.34
C LYS C 713 5.65 7.89 -0.84
N GLU C 714 6.78 7.40 -0.33
CA GLU C 714 7.09 7.54 1.08
C GLU C 714 7.52 8.97 1.40
N THR C 715 7.72 9.22 2.69
CA THR C 715 8.19 10.53 3.11
C THR C 715 9.71 10.56 3.16
N PRO C 716 10.32 11.65 2.70
CA PRO C 716 11.79 11.78 2.83
C PRO C 716 12.19 11.81 4.30
N ASP C 717 11.59 12.73 5.05
CA ASP C 717 11.73 12.81 6.50
C ASP C 717 10.34 12.92 7.11
N ARG C 718 10.07 12.09 8.12
CA ARG C 718 8.72 11.98 8.63
C ARG C 718 8.33 13.17 9.50
N LEU C 719 9.30 13.82 10.15
CA LEU C 719 8.98 14.93 11.03
C LEU C 719 8.48 16.14 10.24
N THR C 720 9.19 16.49 9.17
CA THR C 720 8.80 17.66 8.39
C THR C 720 7.45 17.45 7.70
N ASP C 721 7.23 16.26 7.16
CA ASP C 721 5.95 15.99 6.51
C ASP C 721 4.82 15.87 7.53
N GLN C 722 5.10 15.41 8.74
CA GLN C 722 4.09 15.41 9.78
C GLN C 722 3.73 16.84 10.18
N ILE C 723 4.73 17.71 10.28
CA ILE C 723 4.46 19.11 10.58
C ILE C 723 3.67 19.74 9.45
N LYS C 724 3.96 19.36 8.21
CA LYS C 724 3.21 19.88 7.07
C LYS C 724 1.76 19.42 7.09
N CYS C 725 1.53 18.16 7.45
CA CYS C 725 0.16 17.68 7.57
C CYS C 725 -0.59 18.40 8.68
N PHE C 726 0.09 18.66 9.80
CA PHE C 726 -0.53 19.43 10.86
C PHE C 726 -0.84 20.86 10.42
N GLU C 727 0.03 21.43 9.59
CA GLU C 727 -0.24 22.76 9.05
C GLU C 727 -1.49 22.74 8.18
N LYS C 728 -1.58 21.77 7.27
CA LYS C 728 -2.77 21.64 6.44
C LYS C 728 -4.02 21.44 7.27
N PHE C 729 -3.89 20.77 8.42
CA PHE C 729 -5.04 20.52 9.27
C PHE C 729 -5.43 21.76 10.08
N LEU C 730 -4.46 22.58 10.48
CA LEU C 730 -4.70 23.66 11.42
C LEU C 730 -4.98 25.00 10.77
N GLU C 731 -4.27 25.33 9.69
CA GLU C 731 -4.38 26.67 9.11
C GLU C 731 -5.81 27.11 8.78
N PRO C 732 -6.68 26.27 8.23
CA PRO C 732 -8.07 26.72 8.06
C PRO C 732 -8.76 27.07 9.37
N LYS C 733 -8.39 26.40 10.47
CA LYS C 733 -9.03 26.69 11.75
C LYS C 733 -8.59 28.04 12.30
N VAL C 734 -7.28 28.33 12.25
CA VAL C 734 -6.83 29.63 12.72
C VAL C 734 -7.31 30.74 11.80
N LYS C 735 -7.48 30.44 10.50
CA LYS C 735 -8.03 31.45 9.59
C LYS C 735 -9.53 31.62 9.73
N PHE C 736 -10.22 30.64 10.33
CA PHE C 736 -11.65 30.74 10.56
C PHE C 736 -11.98 31.33 11.92
N GLY C 737 -11.22 30.97 12.94
CA GLY C 737 -11.38 31.53 14.27
C GLY C 737 -11.89 30.59 15.34
N HIS C 738 -11.72 29.28 15.18
CA HIS C 738 -12.18 28.30 16.18
C HIS C 738 -11.06 27.28 16.35
N VAL C 739 -10.21 27.51 17.34
CA VAL C 739 -9.05 26.65 17.59
C VAL C 739 -9.00 26.22 19.05
N SER C 740 -10.16 26.08 19.67
CA SER C 740 -10.25 25.76 21.09
C SER C 740 -9.34 24.58 21.45
N ILE C 741 -8.43 24.82 22.39
CA ILE C 741 -7.44 23.83 22.80
C ILE C 741 -7.87 23.23 24.12
N ASN C 742 -7.38 22.00 24.38
CA ASN C 742 -7.67 21.28 25.61
C ASN C 742 -9.18 21.22 25.82
N PRO C 743 -9.88 20.42 25.04
CA PRO C 743 -11.36 20.49 25.02
C PRO C 743 -12.02 20.28 26.36
N ALA C 744 -11.34 19.69 27.35
CA ALA C 744 -11.88 19.54 28.70
C ALA C 744 -13.19 18.75 28.66
N ASP C 745 -13.04 17.45 28.39
CA ASP C 745 -14.11 16.53 27.98
C ASP C 745 -15.47 16.85 28.61
N THR C 746 -15.50 17.12 29.92
CA THR C 746 -16.73 17.67 30.50
C THR C 746 -16.86 19.13 30.05
N ALA C 747 -17.59 19.34 28.96
CA ALA C 747 -17.53 20.61 28.24
C ALA C 747 -17.95 21.77 29.12
N THR C 748 -17.18 22.84 29.07
CA THR C 748 -17.49 24.06 29.81
C THR C 748 -18.52 24.89 29.05
N GLU C 749 -19.19 25.77 29.78
CA GLU C 749 -20.19 26.64 29.15
C GLU C 749 -19.54 27.60 28.17
N GLU C 750 -18.31 28.07 28.47
CA GLU C 750 -17.62 28.97 27.56
C GLU C 750 -17.24 28.26 26.27
N GLU C 751 -16.80 27.00 26.37
CA GLU C 751 -16.45 26.24 25.17
C GLU C 751 -17.67 26.02 24.28
N LEU C 752 -18.82 25.67 24.88
CA LEU C 752 -20.02 25.46 24.11
C LEU C 752 -20.54 26.78 23.53
N ASP C 753 -20.38 27.88 24.26
CA ASP C 753 -20.77 29.18 23.73
C ASP C 753 -19.92 29.56 22.52
N ASP C 754 -18.61 29.33 22.61
CA ASP C 754 -17.74 29.56 21.46
C ASP C 754 -18.14 28.65 20.30
N MET C 755 -18.50 27.40 20.60
CA MET C 755 -18.88 26.47 19.55
C MET C 755 -20.14 26.94 18.82
N VAL C 756 -21.16 27.38 19.56
CA VAL C 756 -22.39 27.81 18.91
C VAL C 756 -22.18 29.14 18.19
N TYR C 757 -21.32 30.01 18.73
CA TYR C 757 -21.01 31.24 18.03
C TYR C 757 -20.33 30.95 16.70
N ASN C 758 -19.38 30.01 16.68
CA ASN C 758 -18.74 29.64 15.43
C ASN C 758 -19.70 28.91 14.50
N ALA C 759 -20.66 28.17 15.06
CA ALA C 759 -21.67 27.53 14.22
C ALA C 759 -22.55 28.58 13.52
N LYS C 760 -22.89 29.65 14.23
CA LYS C 760 -23.64 30.73 13.60
C LYS C 760 -22.78 31.50 12.61
N LYS C 761 -21.48 31.64 12.90
CA LYS C 761 -20.58 32.33 11.97
C LYS C 761 -20.38 31.52 10.70
N PHE C 762 -20.38 30.19 10.80
CA PHE C 762 -20.19 29.31 9.66
C PHE C 762 -21.35 29.41 8.67
N LEU C 763 -22.51 29.92 9.09
CA LEU C 763 -23.68 30.00 8.25
C LEU C 763 -23.90 31.40 7.67
N SER C 764 -22.98 32.33 7.88
CA SER C 764 -23.19 33.68 7.38
C SER C 764 -22.95 33.74 5.88
N LYS C 765 -21.70 33.58 5.46
CA LYS C 765 -21.29 33.43 4.06
C LYS C 765 -22.06 34.38 3.14
N GLY C 766 -21.87 35.68 3.38
CA GLY C 766 -22.52 36.70 2.59
C GLY C 766 -22.33 36.53 1.09
N GLY C 767 -23.43 36.32 0.36
CA GLY C 767 -23.39 36.06 -1.06
C GLY C 767 -23.10 37.30 -1.88
N CYS C 768 -23.49 37.23 -3.15
CA CYS C 768 -23.25 38.32 -4.08
C CYS C 768 -24.15 39.53 -3.83
N THR C 769 -25.22 39.37 -3.04
CA THR C 769 -26.09 40.49 -2.71
C THR C 769 -25.51 41.41 -1.65
N SER C 770 -24.33 41.10 -1.13
CA SER C 770 -23.68 41.94 -0.13
C SER C 770 -23.02 43.14 -0.80
N ALA C 771 -22.38 43.99 0.01
CA ALA C 771 -21.74 45.19 -0.50
C ALA C 771 -20.44 44.86 -1.22
N LYS C 772 -19.49 44.26 -0.50
CA LYS C 772 -18.20 43.94 -1.11
C LYS C 772 -18.32 42.81 -2.11
N GLY C 773 -19.18 41.82 -1.83
CA GLY C 773 -19.36 40.69 -2.71
C GLY C 773 -18.95 39.40 -2.06
N PRO C 774 -18.95 38.31 -2.83
CA PRO C 774 -18.57 37.01 -2.26
C PRO C 774 -17.07 36.91 -2.06
N SER C 775 -16.67 36.40 -0.89
CA SER C 775 -15.27 36.15 -0.57
C SER C 775 -15.00 34.68 -0.87
N TYR C 776 -14.41 34.42 -2.03
CA TYR C 776 -14.18 33.05 -2.48
C TYR C 776 -13.19 32.34 -1.56
N LYS C 777 -13.23 31.01 -1.62
CA LYS C 777 -12.34 30.13 -0.85
C LYS C 777 -12.43 30.39 0.65
N LYS C 778 -13.56 30.88 1.12
CA LYS C 778 -13.79 31.10 2.54
C LYS C 778 -14.73 30.05 3.09
N PRO C 779 -14.36 29.35 4.16
CA PRO C 779 -15.22 28.28 4.68
C PRO C 779 -16.50 28.86 5.26
N GLY C 780 -17.62 28.24 4.90
CA GLY C 780 -18.93 28.68 5.35
C GLY C 780 -19.94 28.56 4.23
N VAL C 781 -21.19 28.30 4.60
CA VAL C 781 -22.27 28.11 3.65
C VAL C 781 -23.35 29.15 3.94
N SER C 782 -23.86 29.77 2.89
CA SER C 782 -24.85 30.83 3.06
C SER C 782 -26.20 30.23 3.45
N LYS C 783 -26.95 31.02 4.22
CA LYS C 783 -28.29 30.58 4.60
C LYS C 783 -29.22 30.55 3.40
N LYS C 784 -29.07 31.49 2.47
CA LYS C 784 -29.94 31.54 1.31
C LYS C 784 -29.78 30.30 0.44
N TYR C 785 -28.53 29.97 0.08
CA TYR C 785 -28.32 28.84 -0.83
C TYR C 785 -28.55 27.51 -0.13
N LEU C 786 -28.28 27.43 1.17
CA LEU C 786 -28.61 26.21 1.91
C LEU C 786 -30.12 26.01 1.96
N SER C 787 -30.87 27.09 2.19
CA SER C 787 -32.32 27.00 2.16
C SER C 787 -32.83 26.60 0.78
N LEU C 788 -32.23 27.15 -0.28
CA LEU C 788 -32.63 26.79 -1.63
C LEU C 788 -32.37 25.30 -1.88
N LEU C 789 -31.19 24.81 -1.49
CA LEU C 789 -30.86 23.40 -1.68
C LEU C 789 -31.84 22.51 -0.93
N THR C 790 -32.07 22.80 0.34
CA THR C 790 -32.96 21.95 1.14
C THR C 790 -34.39 22.01 0.61
N SER C 791 -34.85 23.19 0.19
CA SER C 791 -36.20 23.31 -0.33
C SER C 791 -36.36 22.55 -1.63
N SER C 792 -35.37 22.66 -2.52
CA SER C 792 -35.46 21.95 -3.79
C SER C 792 -35.27 20.45 -3.62
N PHE C 793 -34.63 20.01 -2.54
CA PHE C 793 -34.57 18.58 -2.28
C PHE C 793 -35.87 18.07 -1.67
N ASN C 794 -36.53 18.88 -0.85
CA ASN C 794 -37.77 18.46 -0.22
C ASN C 794 -38.86 18.22 -1.26
N ASN C 795 -39.03 19.17 -2.17
CA ASN C 795 -39.95 18.94 -3.28
C ASN C 795 -39.26 18.18 -4.40
N GLY C 796 -40.07 17.65 -5.31
CA GLY C 796 -39.56 16.82 -6.38
C GLY C 796 -38.91 17.59 -7.50
N SER C 797 -37.73 18.17 -7.22
CA SER C 797 -36.99 18.92 -8.22
C SER C 797 -35.57 18.46 -8.43
N LEU C 798 -34.91 17.93 -7.39
CA LEU C 798 -33.53 17.45 -7.52
C LEU C 798 -33.49 16.01 -8.03
N PHE C 799 -34.08 15.09 -7.28
CA PHE C 799 -34.08 13.68 -7.68
C PHE C 799 -35.34 13.29 -8.44
N LYS C 800 -36.48 13.85 -8.05
CA LYS C 800 -37.79 13.61 -8.68
C LYS C 800 -38.00 12.18 -9.18
N GLN C 1103 -17.02 -1.75 33.26
CA GLN C 1103 -16.53 -0.47 33.74
C GLN C 1103 -16.13 0.45 32.60
N GLU C 1104 -16.39 0.01 31.36
CA GLU C 1104 -15.97 0.74 30.17
C GLU C 1104 -17.11 1.15 29.24
N SER C 1105 -18.28 0.53 29.33
CA SER C 1105 -19.35 0.84 28.40
C SER C 1105 -19.95 2.21 28.71
N PRO C 1106 -20.32 2.99 27.69
CA PRO C 1106 -20.97 4.28 27.94
C PRO C 1106 -22.41 4.08 28.39
N GLN C 1107 -22.76 4.74 29.50
CA GLN C 1107 -24.10 4.63 30.07
C GLN C 1107 -25.02 5.78 29.68
N SER C 1108 -24.50 7.00 29.66
CA SER C 1108 -25.26 8.18 29.30
C SER C 1108 -24.58 8.88 28.13
N TYR C 1109 -25.21 9.95 27.64
CA TYR C 1109 -24.65 10.70 26.52
C TYR C 1109 -25.32 12.06 26.45
N ASN C 1110 -24.53 13.08 26.14
CA ASN C 1110 -25.04 14.43 26.00
C ASN C 1110 -24.65 14.99 24.63
N SER C 1111 -24.82 16.31 24.45
CA SER C 1111 -24.53 16.94 23.17
C SER C 1111 -23.05 16.93 22.82
N VAL C 1112 -22.16 16.41 23.68
CA VAL C 1112 -20.74 16.50 23.42
C VAL C 1112 -20.15 15.11 23.25
N GLY C 1113 -20.71 14.11 23.92
CA GLY C 1113 -20.19 12.77 23.85
C GLY C 1113 -20.83 11.80 24.82
N PRO C 1114 -20.61 10.51 24.62
CA PRO C 1114 -21.25 9.46 25.42
C PRO C 1114 -20.61 9.22 26.79
N ASP C 1115 -20.33 10.32 27.51
CA ASP C 1115 -19.89 10.27 28.90
C ASP C 1115 -18.56 9.56 29.08
N THR C 1116 -17.95 9.11 28.00
CA THR C 1116 -16.65 8.46 28.04
C THR C 1116 -15.60 9.16 27.19
N GLY C 1117 -16.01 9.91 26.17
CA GLY C 1117 -15.09 10.66 25.34
C GLY C 1117 -15.81 11.34 24.20
N ARG C 1118 -15.48 12.60 23.94
CA ARG C 1118 -16.10 13.37 22.86
C ARG C 1118 -15.43 13.06 21.53
N LEU C 1119 -15.37 11.76 21.21
CA LEU C 1119 -14.82 11.26 19.95
C LEU C 1119 -13.38 11.76 19.75
N LYS C 1120 -12.49 11.31 20.62
CA LYS C 1120 -11.09 11.67 20.52
C LYS C 1120 -10.46 10.97 19.32
N PHE C 1121 -9.96 11.76 18.37
CA PHE C 1121 -9.29 11.24 17.19
C PHE C 1121 -7.79 11.51 17.27
N SER C 1122 -7.05 10.84 16.39
CA SER C 1122 -5.61 11.02 16.28
C SER C 1122 -5.28 11.36 14.84
N LEU C 1123 -4.43 12.37 14.65
CA LEU C 1123 -4.11 12.88 13.34
C LEU C 1123 -2.82 12.24 12.84
N SER C 1124 -2.88 11.61 11.66
CA SER C 1124 -1.72 11.00 11.04
C SER C 1124 -1.69 11.38 9.57
N TYR C 1125 -0.56 11.18 8.94
CA TYR C 1125 -0.41 11.43 7.52
C TYR C 1125 -0.41 10.12 6.75
N LYS C 1126 -1.03 10.15 5.57
CA LYS C 1126 -1.10 9.00 4.67
C LYS C 1126 -0.24 9.29 3.46
N GLU C 1127 0.64 8.34 3.13
CA GLU C 1127 1.58 8.52 2.04
C GLU C 1127 0.84 8.62 0.71
N GLN C 1128 1.10 9.70 -0.01
CA GLN C 1128 0.63 9.85 -1.38
C GLN C 1128 1.79 10.32 -2.25
N VAL C 1129 1.57 10.28 -3.56
CA VAL C 1129 2.63 10.63 -4.51
C VAL C 1129 2.89 12.13 -4.48
N GLY C 1130 1.89 12.94 -4.79
CA GLY C 1130 2.07 14.38 -4.76
C GLY C 1130 2.23 14.94 -3.38
N GLY C 1131 1.15 14.90 -2.58
CA GLY C 1131 1.20 15.38 -1.22
C GLY C 1131 0.46 14.45 -0.27
N ASN C 1132 1.00 14.27 0.93
CA ASN C 1132 0.39 13.35 1.87
C ASN C 1132 -1.04 13.79 2.21
N ARG C 1133 -1.88 12.80 2.47
CA ARG C 1133 -3.26 13.03 2.86
C ARG C 1133 -3.39 12.96 4.38
N GLU C 1134 -4.55 13.34 4.89
CA GLU C 1134 -4.79 13.26 6.32
C GLU C 1134 -5.50 11.96 6.67
N LEU C 1135 -5.35 11.57 7.93
CA LEU C 1135 -6.03 10.39 8.47
C LEU C 1135 -6.42 10.69 9.91
N TYR C 1136 -7.71 10.62 10.20
CA TYR C 1136 -8.23 10.79 11.55
C TYR C 1136 -8.59 9.40 12.06
N ILE C 1137 -7.71 8.81 12.84
CA ILE C 1137 -7.89 7.46 13.35
C ILE C 1137 -8.55 7.54 14.73
N GLY C 1138 -9.62 6.79 14.91
CA GLY C 1138 -10.33 6.82 16.18
C GLY C 1138 -10.39 5.47 16.86
N ASP C 1139 -10.74 5.46 18.14
CA ASP C 1139 -10.91 4.21 18.86
C ASP C 1139 -12.12 3.46 18.32
N LEU C 1140 -12.37 2.26 18.88
CA LEU C 1140 -13.39 1.39 18.33
C LEU C 1140 -14.79 1.98 18.49
N ARG C 1141 -15.05 2.70 19.58
CA ARG C 1141 -16.37 3.30 19.78
C ARG C 1141 -16.63 4.40 18.76
N THR C 1142 -15.66 5.28 18.56
CA THR C 1142 -15.78 6.28 17.51
C THR C 1142 -15.91 5.62 16.14
N LYS C 1143 -15.22 4.50 15.93
CA LYS C 1143 -15.35 3.78 14.67
C LYS C 1143 -16.78 3.30 14.47
N MET C 1144 -17.40 2.76 15.52
CA MET C 1144 -18.78 2.30 15.39
C MET C 1144 -19.74 3.47 15.14
N PHE C 1145 -19.52 4.60 15.81
CA PHE C 1145 -20.41 5.75 15.61
C PHE C 1145 -20.29 6.28 14.18
N THR C 1146 -19.06 6.48 13.71
CA THR C 1146 -18.86 6.89 12.32
C THR C 1146 -19.43 5.86 11.35
N ARG C 1147 -19.38 4.57 11.71
CA ARG C 1147 -19.95 3.55 10.82
C ARG C 1147 -21.47 3.67 10.76
N LEU C 1148 -22.10 3.98 11.88
CA LEU C 1148 -23.55 4.22 11.86
C LEU C 1148 -23.87 5.39 10.95
N ILE C 1149 -23.17 6.51 11.11
CA ILE C 1149 -23.43 7.68 10.28
C ILE C 1149 -23.21 7.36 8.81
N GLU C 1150 -22.11 6.67 8.52
CA GLU C 1150 -21.75 6.38 7.13
C GLU C 1150 -22.74 5.39 6.51
N ASP C 1151 -23.23 4.42 7.28
CA ASP C 1151 -24.23 3.51 6.74
C ASP C 1151 -25.53 4.23 6.46
N TYR C 1152 -25.96 5.11 7.36
CA TYR C 1152 -27.15 5.91 7.10
C TYR C 1152 -27.01 6.70 5.81
N PHE C 1153 -25.90 7.44 5.67
CA PHE C 1153 -25.77 8.30 4.50
C PHE C 1153 -25.46 7.52 3.24
N GLU C 1154 -24.88 6.32 3.36
CA GLU C 1154 -24.68 5.47 2.19
C GLU C 1154 -26.01 4.90 1.70
N ALA C 1155 -26.90 4.54 2.63
CA ALA C 1155 -28.26 4.18 2.23
C ALA C 1155 -28.96 5.35 1.56
N LEU C 1156 -28.80 6.55 2.12
CA LEU C 1156 -29.38 7.74 1.50
C LEU C 1156 -28.88 7.94 0.08
N SER C 1157 -27.57 7.79 -0.12
CA SER C 1157 -26.99 7.98 -1.45
C SER C 1157 -27.45 6.89 -2.41
N SER C 1158 -27.54 5.65 -1.93
CA SER C 1158 -28.02 4.56 -2.78
C SER C 1158 -29.47 4.77 -3.18
N GLN C 1159 -30.27 5.41 -2.34
CA GLN C 1159 -31.62 5.77 -2.73
C GLN C 1159 -31.63 6.72 -3.91
N LEU C 1160 -30.56 7.50 -4.07
CA LEU C 1160 -30.38 8.36 -5.24
C LEU C 1160 -29.52 7.62 -6.26
N SER C 1161 -29.24 8.30 -7.38
CA SER C 1161 -28.54 7.65 -8.48
C SER C 1161 -27.50 8.56 -9.13
N GLY C 1162 -26.89 9.46 -8.35
CA GLY C 1162 -25.90 10.34 -8.91
C GLY C 1162 -24.47 10.07 -8.49
N SER C 1163 -24.27 9.72 -7.21
CA SER C 1163 -22.93 9.57 -6.68
C SER C 1163 -22.35 8.20 -6.98
N CYS C 1164 -21.06 8.15 -7.24
CA CYS C 1164 -20.32 6.91 -7.46
C CYS C 1164 -19.00 6.98 -6.67
N LEU C 1165 -19.07 6.56 -5.41
CA LEU C 1165 -17.89 6.44 -4.56
C LEU C 1165 -17.65 5.02 -4.10
N ASN C 1166 -18.68 4.37 -3.55
CA ASN C 1166 -18.62 2.95 -3.20
C ASN C 1166 -19.62 2.14 -4.01
N ASN C 1167 -20.10 2.68 -5.12
CA ASN C 1167 -21.03 2.00 -6.02
C ASN C 1167 -20.33 1.79 -7.36
N GLU C 1168 -19.92 0.55 -7.62
CA GLU C 1168 -19.18 0.27 -8.86
C GLU C 1168 -20.07 0.36 -10.08
N LYS C 1169 -21.35 -0.02 -9.95
CA LYS C 1169 -22.28 0.10 -11.07
C LYS C 1169 -22.43 1.55 -11.50
N GLU C 1170 -22.54 2.46 -10.52
CA GLU C 1170 -22.66 3.87 -10.87
C GLU C 1170 -21.36 4.42 -11.44
N PHE C 1171 -20.21 3.91 -10.99
CA PHE C 1171 -18.95 4.32 -11.60
C PHE C 1171 -18.86 3.87 -13.04
N GLU C 1172 -19.34 2.65 -13.34
CA GLU C 1172 -19.31 2.19 -14.73
C GLU C 1172 -20.28 2.98 -15.59
N ASN C 1173 -21.45 3.31 -15.05
CA ASN C 1173 -22.37 4.17 -15.79
C ASN C 1173 -21.76 5.54 -16.02
N ALA C 1174 -21.01 6.05 -15.03
CA ALA C 1174 -20.35 7.33 -15.19
C ALA C 1174 -19.29 7.27 -16.28
N ILE C 1175 -18.52 6.18 -16.32
CA ILE C 1175 -17.49 6.03 -17.34
C ILE C 1175 -18.13 5.92 -18.73
N LEU C 1176 -19.23 5.19 -18.84
CA LEU C 1176 -19.92 5.08 -20.13
C LEU C 1176 -20.47 6.43 -20.57
N SER C 1177 -21.12 7.16 -19.66
CA SER C 1177 -21.64 8.49 -20.00
C SER C 1177 -20.52 9.46 -20.33
N MET C 1178 -19.36 9.33 -19.68
CA MET C 1178 -18.22 10.18 -19.98
C MET C 1178 -17.67 9.88 -21.37
N LYS C 1179 -17.56 8.60 -21.71
CA LYS C 1179 -17.15 8.24 -23.06
C LYS C 1179 -18.15 8.78 -24.10
N LEU C 1180 -19.44 8.69 -23.79
CA LEU C 1180 -20.45 9.18 -24.74
C LEU C 1180 -20.38 10.70 -24.89
N ASN C 1181 -20.14 11.41 -23.79
CA ASN C 1181 -20.11 12.86 -23.83
C ASN C 1181 -18.81 13.40 -24.43
N VAL C 1182 -17.72 12.64 -24.31
CA VAL C 1182 -16.45 13.06 -24.88
C VAL C 1182 -16.37 12.70 -26.36
N SER C 1183 -16.91 11.54 -26.73
CA SER C 1183 -16.88 11.12 -28.13
C SER C 1183 -17.72 12.05 -29.00
N MET C 1184 -18.73 12.71 -28.42
CA MET C 1184 -19.54 13.67 -29.13
C MET C 1184 -19.01 15.09 -28.99
N ALA C 1185 -17.84 15.26 -28.39
CA ALA C 1185 -17.20 16.56 -28.20
C ALA C 1185 -18.11 17.53 -27.44
N HIS C 1186 -18.81 17.01 -26.43
CA HIS C 1186 -19.58 17.85 -25.54
C HIS C 1186 -18.70 18.35 -24.40
N VAL C 1187 -19.04 19.54 -23.89
CA VAL C 1187 -18.21 20.17 -22.88
C VAL C 1187 -18.24 19.34 -21.60
N SER C 1188 -17.06 19.02 -21.08
CA SER C 1188 -16.92 18.24 -19.86
C SER C 1188 -16.17 19.08 -18.83
N TYR C 1189 -16.72 19.15 -17.63
CA TYR C 1189 -16.16 19.94 -16.54
C TYR C 1189 -15.58 18.98 -15.51
N SER C 1190 -14.27 18.78 -15.57
CA SER C 1190 -13.55 17.95 -14.62
C SER C 1190 -13.22 18.82 -13.42
N MET C 1191 -13.99 18.68 -12.35
CA MET C 1191 -13.86 19.54 -11.18
C MET C 1191 -13.15 18.79 -10.06
N ASP C 1192 -12.21 19.46 -9.42
CA ASP C 1192 -11.67 19.04 -8.15
C ASP C 1192 -12.02 20.10 -7.11
N HIS C 1193 -12.16 19.68 -5.87
CA HIS C 1193 -12.57 20.58 -4.79
C HIS C 1193 -11.42 20.73 -3.81
N SER C 1194 -10.79 21.89 -3.83
CA SER C 1194 -9.65 22.14 -2.94
C SER C 1194 -10.13 22.19 -1.50
N LYS C 1195 -9.38 21.54 -0.61
CA LYS C 1195 -9.66 21.53 0.82
C LYS C 1195 -11.07 21.01 1.09
N TRP C 1196 -11.31 19.76 0.70
CA TRP C 1196 -12.61 19.15 0.97
C TRP C 1196 -12.72 18.65 2.40
N GLY C 1197 -11.62 18.22 2.99
CA GLY C 1197 -11.62 17.78 4.36
C GLY C 1197 -11.62 18.92 5.36
N PRO C 1198 -10.58 19.76 5.33
CA PRO C 1198 -10.47 20.80 6.36
C PRO C 1198 -11.58 21.84 6.31
N MET C 1199 -12.15 22.12 5.13
CA MET C 1199 -13.15 23.17 5.03
C MET C 1199 -14.57 22.69 5.24
N MET C 1200 -14.84 21.39 5.06
CA MET C 1200 -16.17 20.87 5.34
C MET C 1200 -16.44 20.91 6.84
N CYS C 1201 -17.66 20.53 7.21
CA CYS C 1201 -18.07 20.68 8.59
C CYS C 1201 -19.13 19.65 8.95
N PRO C 1202 -18.95 18.94 10.06
CA PRO C 1202 -20.06 18.11 10.57
C PRO C 1202 -21.30 18.92 10.87
N PHE C 1203 -21.13 20.18 11.28
CA PHE C 1203 -22.29 21.05 11.48
C PHE C 1203 -23.00 21.33 10.17
N LEU C 1204 -22.28 21.39 9.05
CA LEU C 1204 -22.92 21.58 7.76
C LEU C 1204 -23.79 20.39 7.41
N PHE C 1205 -23.29 19.18 7.65
CA PHE C 1205 -24.10 17.98 7.40
C PHE C 1205 -25.29 17.92 8.34
N LEU C 1206 -25.09 18.29 9.61
CA LEU C 1206 -26.19 18.33 10.56
C LEU C 1206 -27.26 19.32 10.11
N THR C 1207 -26.85 20.47 9.58
CA THR C 1207 -27.80 21.49 9.17
C THR C 1207 -28.54 21.06 7.92
N VAL C 1208 -27.83 20.45 6.96
CA VAL C 1208 -28.51 19.96 5.76
C VAL C 1208 -29.37 18.74 6.07
N LEU C 1209 -29.12 18.07 7.20
CA LEU C 1209 -29.96 16.95 7.60
C LEU C 1209 -31.22 17.43 8.32
N GLN C 1210 -31.09 18.38 9.23
CA GLN C 1210 -32.23 18.88 9.98
C GLN C 1210 -33.26 19.55 9.09
N ASN C 1211 -32.90 19.91 7.87
CA ASN C 1211 -33.80 20.62 6.97
C ASN C 1211 -34.40 19.72 5.89
N LEU C 1212 -33.98 18.47 5.80
CA LEU C 1212 -34.62 17.53 4.90
C LEU C 1212 -35.76 16.82 5.62
N ILE C 1213 -36.78 16.42 4.86
CA ILE C 1213 -37.97 15.81 5.44
C ILE C 1213 -37.88 14.30 5.42
N PHE C 1214 -37.49 13.71 4.29
CA PHE C 1214 -37.38 12.27 4.13
C PHE C 1214 -38.72 11.58 4.43
N LEU C 1215 -39.71 11.89 3.61
CA LEU C 1215 -41.04 11.33 3.79
C LEU C 1215 -40.99 9.81 3.69
N SER C 1216 -41.60 9.13 4.67
CA SER C 1216 -41.58 7.69 4.73
C SER C 1216 -42.66 7.09 3.83
N ILE C 1223 -38.57 12.00 15.75
CA ILE C 1223 -38.53 10.72 15.06
C ILE C 1223 -37.22 10.01 15.34
N LYS C 1224 -37.30 8.77 15.80
CA LYS C 1224 -36.12 7.99 16.10
C LYS C 1224 -35.34 7.70 14.83
N GLY C 1225 -34.08 7.31 15.00
CA GLY C 1225 -33.20 7.09 13.86
C GLY C 1225 -32.54 8.34 13.34
N ARG C 1226 -33.32 9.39 13.11
CA ARG C 1226 -32.75 10.66 12.68
C ARG C 1226 -32.27 11.49 13.86
N ASP C 1227 -32.92 11.36 15.01
CA ASP C 1227 -32.42 12.04 16.21
C ASP C 1227 -31.07 11.47 16.63
N TYR C 1228 -30.91 10.15 16.51
CA TYR C 1228 -29.63 9.54 16.82
C TYR C 1228 -28.55 9.99 15.84
N LEU C 1229 -28.91 10.11 14.56
CA LEU C 1229 -27.95 10.62 13.58
C LEU C 1229 -27.57 12.06 13.90
N SER C 1230 -28.55 12.87 14.34
CA SER C 1230 -28.27 14.25 14.68
C SER C 1230 -27.34 14.35 15.88
N THR C 1231 -27.56 13.54 16.92
CA THR C 1231 -26.67 13.62 18.06
C THR C 1231 -25.30 13.02 17.74
N LEU C 1232 -25.22 12.09 16.79
CA LEU C 1232 -23.91 11.59 16.36
C LEU C 1232 -23.13 12.68 15.63
N LEU C 1233 -23.79 13.40 14.71
CA LEU C 1233 -23.13 14.54 14.08
C LEU C 1233 -22.79 15.62 15.08
N MET C 1234 -23.61 15.79 16.12
CA MET C 1234 -23.29 16.74 17.18
C MET C 1234 -22.03 16.32 17.92
N TRP C 1235 -21.89 15.03 18.21
CA TRP C 1235 -20.63 14.52 18.77
C TRP C 1235 -19.47 14.82 17.83
N HIS C 1236 -19.68 14.65 16.53
CA HIS C 1236 -18.62 14.90 15.56
C HIS C 1236 -18.22 16.38 15.54
N MET C 1237 -19.16 17.27 15.81
CA MET C 1237 -18.80 18.69 15.93
C MET C 1237 -17.83 18.90 17.09
N HIS C 1238 -18.16 18.35 18.26
CA HIS C 1238 -17.31 18.46 19.44
C HIS C 1238 -16.36 17.28 19.45
N LYS C 1239 -15.37 17.32 18.57
CA LYS C 1239 -14.45 16.22 18.35
C LYS C 1239 -13.03 16.67 18.68
N MET C 1240 -12.32 15.84 19.42
CA MET C 1240 -10.93 16.10 19.77
C MET C 1240 -10.02 15.40 18.76
N VAL C 1241 -8.92 16.06 18.42
CA VAL C 1241 -7.89 15.48 17.57
C VAL C 1241 -6.56 15.61 18.28
N GLU C 1242 -5.93 14.48 18.59
CA GLU C 1242 -4.67 14.49 19.32
C GLU C 1242 -3.56 14.99 18.40
N ILE C 1243 -2.98 16.13 18.75
CA ILE C 1243 -1.80 16.62 18.02
C ILE C 1243 -0.70 15.58 18.14
N PRO C 1244 -0.03 15.20 17.05
CA PRO C 1244 1.03 14.19 17.14
C PRO C 1244 2.12 14.63 18.10
N PHE C 1245 2.59 13.69 18.93
CA PHE C 1245 3.60 14.02 19.93
C PHE C 1245 4.88 14.51 19.28
N ASN C 1246 5.21 14.00 18.09
CA ASN C 1246 6.41 14.47 17.40
C ASN C 1246 6.27 15.92 16.98
N VAL C 1247 5.08 16.31 16.51
CA VAL C 1247 4.87 17.70 16.07
C VAL C 1247 4.96 18.64 17.26
N VAL C 1248 4.30 18.31 18.36
CA VAL C 1248 4.35 19.18 19.52
C VAL C 1248 5.75 19.20 20.12
N SER C 1249 6.49 18.10 20.03
CA SER C 1249 7.85 18.08 20.53
C SER C 1249 8.76 18.97 19.68
N ALA C 1250 8.62 18.90 18.36
CA ALA C 1250 9.42 19.76 17.49
C ALA C 1250 9.07 21.22 17.70
N MET C 1251 7.78 21.51 17.90
CA MET C 1251 7.38 22.90 18.15
C MET C 1251 7.92 23.39 19.49
N MET C 1252 7.93 22.53 20.51
CA MET C 1252 8.50 22.93 21.80
C MET C 1252 10.00 23.15 21.69
N LYS C 1253 10.69 22.31 20.94
CA LYS C 1253 12.13 22.50 20.74
C LYS C 1253 12.41 23.80 20.00
N SER C 1254 11.62 24.10 18.96
CA SER C 1254 11.79 25.36 18.24
C SER C 1254 11.49 26.54 19.14
N PHE C 1255 10.49 26.41 20.02
CA PHE C 1255 10.17 27.48 20.96
C PHE C 1255 11.31 27.72 21.93
N ILE C 1256 11.92 26.65 22.44
CA ILE C 1256 13.08 26.80 23.31
C ILE C 1256 14.23 27.46 22.56
N LYS C 1257 14.47 27.03 21.32
CA LYS C 1257 15.55 27.59 20.53
C LYS C 1257 15.33 29.06 20.22
N ALA C 1258 14.06 29.48 20.09
CA ALA C 1258 13.78 30.89 19.81
C ALA C 1258 13.79 31.73 21.08
N GLN C 1259 13.42 31.16 22.23
CA GLN C 1259 13.47 31.89 23.48
C GLN C 1259 14.89 32.01 24.02
N LEU C 1260 15.77 31.09 23.65
CA LEU C 1260 17.16 31.14 24.08
C LEU C 1260 18.02 31.92 23.08
N GLY C 1261 18.04 31.48 21.83
CA GLY C 1261 18.83 32.14 20.81
C GLY C 1261 18.23 33.45 20.33
N THR C 1266 12.30 34.62 13.44
CA THR C 1266 12.68 34.52 12.03
C THR C 1266 11.48 34.16 11.15
N LYS C 1267 10.62 35.15 10.91
CA LYS C 1267 9.40 35.03 10.11
C LYS C 1267 8.68 33.71 10.39
N GLN C 1268 8.30 33.52 11.64
CA GLN C 1268 7.63 32.30 12.07
C GLN C 1268 6.31 32.13 11.33
N SER C 1269 5.90 30.87 11.15
CA SER C 1269 4.71 30.54 10.40
C SER C 1269 3.47 30.73 11.28
N ILE C 1270 2.31 30.33 10.75
CA ILE C 1270 1.06 30.50 11.49
C ILE C 1270 0.98 29.49 12.63
N THR C 1271 1.21 28.21 12.33
CA THR C 1271 1.18 27.19 13.38
C THR C 1271 2.28 27.41 14.40
N GLU C 1272 3.43 27.93 13.97
CA GLU C 1272 4.50 28.24 14.92
C GLU C 1272 4.07 29.34 15.88
N ASP C 1273 3.45 30.40 15.36
CA ASP C 1273 2.96 31.47 16.23
C ASP C 1273 1.88 30.94 17.17
N PHE C 1274 1.02 30.05 16.67
CA PHE C 1274 0.00 29.43 17.51
C PHE C 1274 0.63 28.68 18.68
N PHE C 1275 1.57 27.78 18.38
CA PHE C 1275 2.23 27.01 19.42
C PHE C 1275 2.98 27.90 20.38
N TYR C 1276 3.60 28.98 19.88
CA TYR C 1276 4.38 29.84 20.76
C TYR C 1276 3.47 30.65 21.68
N SER C 1277 2.37 31.18 21.15
CA SER C 1277 1.42 31.90 21.98
C SER C 1277 0.79 30.99 23.02
N ASN C 1278 0.63 29.70 22.71
CA ASN C 1278 0.12 28.77 23.71
C ASN C 1278 1.18 28.43 24.75
N PHE C 1279 2.44 28.30 24.33
CA PHE C 1279 3.50 27.95 25.27
C PHE C 1279 3.84 29.10 26.21
N GLN C 1280 3.70 30.34 25.74
CA GLN C 1280 4.04 31.48 26.57
C GLN C 1280 3.08 31.66 27.74
N ILE C 1281 1.88 31.09 27.67
CA ILE C 1281 0.91 31.21 28.75
C ILE C 1281 0.83 29.95 29.60
N GLY C 1282 1.60 28.91 29.27
CA GLY C 1282 1.74 27.73 30.08
C GLY C 1282 1.07 26.49 29.51
N VAL C 1283 0.01 26.66 28.75
CA VAL C 1283 -0.75 25.53 28.23
C VAL C 1283 0.02 24.90 27.07
N VAL C 1284 0.00 23.57 27.01
CA VAL C 1284 0.58 22.81 25.91
C VAL C 1284 -0.54 22.33 25.00
N PRO C 1285 -0.50 22.60 23.70
CA PRO C 1285 -1.56 22.11 22.82
C PRO C 1285 -1.52 20.60 22.66
N SER C 1286 -2.52 19.92 23.21
CA SER C 1286 -2.61 18.47 23.14
C SER C 1286 -3.79 17.97 22.33
N HIS C 1287 -4.89 18.71 22.28
CA HIS C 1287 -6.03 18.39 21.43
C HIS C 1287 -6.64 19.67 20.93
N ILE C 1288 -7.09 19.68 19.68
CA ILE C 1288 -7.64 20.87 19.04
C ILE C 1288 -9.09 20.57 18.70
N SER C 1289 -9.99 20.93 19.59
CA SER C 1289 -11.42 20.83 19.29
C SER C 1289 -11.84 22.03 18.45
N SER C 1290 -12.43 21.76 17.30
CA SER C 1290 -12.86 22.84 16.41
C SER C 1290 -14.08 22.36 15.64
N ILE C 1291 -14.83 23.33 15.11
CA ILE C 1291 -16.01 22.99 14.32
C ILE C 1291 -15.65 22.74 12.86
N LEU C 1292 -14.63 23.42 12.33
CA LEU C 1292 -14.33 23.38 10.91
C LEU C 1292 -13.33 22.26 10.62
N ASP C 1293 -13.79 21.03 10.82
CA ASP C 1293 -12.97 19.86 10.48
C ASP C 1293 -13.89 18.68 10.24
N MET C 1294 -14.09 18.34 8.97
CA MET C 1294 -14.61 17.04 8.58
C MET C 1294 -13.44 16.08 8.44
N GLY C 1295 -13.53 14.93 9.11
CA GLY C 1295 -12.42 14.00 9.07
C GLY C 1295 -12.17 13.48 7.67
N GLN C 1296 -10.89 13.36 7.31
CA GLN C 1296 -10.51 12.84 5.99
C GLN C 1296 -10.71 11.33 6.00
N GLY C 1297 -11.95 10.92 5.72
CA GLY C 1297 -12.33 9.52 5.65
C GLY C 1297 -13.36 9.12 6.69
N ILE C 1298 -13.32 9.73 7.87
CA ILE C 1298 -14.24 9.37 8.94
C ILE C 1298 -15.67 9.81 8.61
N LEU C 1299 -15.83 10.73 7.66
CA LEU C 1299 -17.13 11.20 7.24
C LEU C 1299 -17.24 11.16 5.72
N HIS C 1300 -16.71 10.09 5.13
CA HIS C 1300 -16.63 10.02 3.68
C HIS C 1300 -18.01 9.85 3.05
N ASN C 1301 -18.87 9.04 3.67
CA ASN C 1301 -20.18 8.75 3.08
C ASN C 1301 -21.11 9.95 3.20
N THR C 1302 -21.14 10.61 4.36
CA THR C 1302 -21.97 11.79 4.51
C THR C 1302 -21.46 12.94 3.65
N SER C 1303 -20.13 13.07 3.52
CA SER C 1303 -19.59 14.09 2.63
C SER C 1303 -19.94 13.79 1.18
N ASP C 1304 -19.95 12.51 0.80
CA ASP C 1304 -20.34 12.15 -0.56
C ASP C 1304 -21.82 12.46 -0.79
N PHE C 1305 -22.67 12.17 0.19
CA PHE C 1305 -24.09 12.49 0.04
C PHE C 1305 -24.30 14.00 -0.08
N TYR C 1306 -23.58 14.79 0.73
CA TYR C 1306 -23.70 16.23 0.65
C TYR C 1306 -23.23 16.74 -0.71
N ALA C 1307 -22.09 16.23 -1.18
CA ALA C 1307 -21.61 16.59 -2.51
C ALA C 1307 -22.64 16.23 -3.57
N LEU C 1308 -23.27 15.06 -3.43
CA LEU C 1308 -24.27 14.63 -4.40
C LEU C 1308 -25.44 15.58 -4.45
N ILE C 1309 -26.05 15.88 -3.29
CA ILE C 1309 -27.23 16.74 -3.29
C ILE C 1309 -26.87 18.15 -3.72
N THR C 1310 -25.70 18.65 -3.30
CA THR C 1310 -25.31 20.00 -3.66
C THR C 1310 -25.03 20.13 -5.15
N GLU C 1311 -24.35 19.14 -5.74
CA GLU C 1311 -24.10 19.20 -7.17
C GLU C 1311 -25.39 19.01 -7.96
N ARG C 1312 -26.30 18.18 -7.46
CA ARG C 1312 -27.61 18.06 -8.08
C ARG C 1312 -28.35 19.39 -8.07
N PHE C 1313 -28.32 20.08 -6.94
CA PHE C 1313 -28.98 21.38 -6.84
C PHE C 1313 -28.32 22.41 -7.75
N ILE C 1314 -26.98 22.39 -7.82
CA ILE C 1314 -26.28 23.37 -8.64
C ILE C 1314 -26.56 23.13 -10.12
N ASN C 1315 -26.58 21.87 -10.54
CA ASN C 1315 -26.90 21.57 -11.93
C ASN C 1315 -28.36 21.91 -12.23
N TYR C 1316 -29.26 21.68 -11.27
CA TYR C 1316 -30.65 22.08 -11.47
C TYR C 1316 -30.76 23.60 -11.61
N ALA C 1317 -29.99 24.35 -10.81
CA ALA C 1317 -30.01 25.80 -10.92
C ALA C 1317 -29.48 26.26 -12.27
N ILE C 1318 -28.37 25.66 -12.72
CA ILE C 1318 -27.81 26.05 -14.01
C ILE C 1318 -28.79 25.72 -15.13
N SER C 1319 -29.48 24.58 -15.03
CA SER C 1319 -30.42 24.19 -16.08
C SER C 1319 -31.66 25.08 -16.07
N CYS C 1320 -32.11 25.51 -14.89
CA CYS C 1320 -33.27 26.38 -14.82
C CYS C 1320 -32.94 27.82 -15.19
N VAL C 1321 -31.68 28.23 -15.08
CA VAL C 1321 -31.30 29.60 -15.42
C VAL C 1321 -30.72 29.71 -16.83
N CYS C 1322 -30.36 28.61 -17.47
CA CYS C 1322 -29.83 28.63 -18.83
C CYS C 1322 -30.68 27.83 -19.80
N GLY C 1323 -31.04 26.60 -19.44
CA GLY C 1323 -31.81 25.76 -20.33
C GLY C 1323 -31.02 24.57 -20.84
N GLY C 1324 -30.12 24.06 -20.02
CA GLY C 1324 -29.32 22.91 -20.41
C GLY C 1324 -29.05 21.96 -19.27
N THR C 1325 -29.32 20.67 -19.47
CA THR C 1325 -29.10 19.69 -18.43
C THR C 1325 -27.62 19.48 -18.19
N ILE C 1326 -27.27 19.05 -16.98
CA ILE C 1326 -25.89 18.79 -16.59
C ILE C 1326 -25.88 17.50 -15.79
N ASP C 1327 -25.39 16.42 -16.39
CA ASP C 1327 -25.17 15.20 -15.63
C ASP C 1327 -23.98 15.40 -14.70
N ALA C 1328 -24.04 14.76 -13.53
CA ALA C 1328 -22.98 14.90 -12.55
C ALA C 1328 -22.60 13.54 -11.98
N TYR C 1329 -21.31 13.35 -11.76
CA TYR C 1329 -20.83 12.14 -11.10
C TYR C 1329 -19.69 12.52 -10.17
N THR C 1330 -19.86 12.27 -8.88
CA THR C 1330 -18.93 12.71 -7.86
C THR C 1330 -18.31 11.53 -7.14
N SER C 1331 -17.14 11.78 -6.54
CA SER C 1331 -16.46 10.81 -5.69
C SER C 1331 -16.10 11.44 -4.35
N SER C 1332 -16.90 12.42 -3.93
CA SER C 1332 -16.82 13.06 -2.61
C SER C 1332 -15.61 13.97 -2.47
N ASP C 1333 -14.68 13.92 -3.43
CA ASP C 1333 -13.62 14.92 -3.48
C ASP C 1333 -13.61 15.57 -4.85
N ASP C 1334 -13.62 14.74 -5.88
CA ASP C 1334 -13.56 15.19 -7.27
C ASP C 1334 -14.81 14.71 -8.00
N GLN C 1335 -15.21 15.47 -9.01
CA GLN C 1335 -16.43 15.16 -9.76
C GLN C 1335 -16.23 15.52 -11.22
N ILE C 1336 -17.21 15.12 -12.02
CA ILE C 1336 -17.25 15.52 -13.42
C ILE C 1336 -18.70 15.88 -13.77
N SER C 1337 -18.85 17.00 -14.48
CA SER C 1337 -20.14 17.48 -14.96
C SER C 1337 -20.15 17.39 -16.48
N LEU C 1338 -21.06 16.59 -17.01
CA LEU C 1338 -21.21 16.38 -18.43
C LEU C 1338 -22.35 17.25 -18.94
N PHE C 1339 -22.03 18.19 -19.82
CA PHE C 1339 -23.01 19.11 -20.37
C PHE C 1339 -23.62 18.54 -21.64
N ASP C 1340 -24.87 18.93 -21.91
CA ASP C 1340 -25.58 18.41 -23.07
C ASP C 1340 -25.23 19.24 -24.30
N GLN C 1341 -26.00 19.07 -25.37
CA GLN C 1341 -25.73 19.77 -26.62
C GLN C 1341 -25.96 21.27 -26.50
N THR C 1342 -26.89 21.69 -25.66
CA THR C 1342 -27.25 23.10 -25.57
C THR C 1342 -26.10 23.93 -25.01
N LEU C 1343 -25.48 23.46 -23.93
CA LEU C 1343 -24.37 24.22 -23.34
C LEU C 1343 -23.15 24.23 -24.26
N THR C 1344 -22.90 23.13 -24.97
CA THR C 1344 -21.80 23.11 -25.92
C THR C 1344 -22.05 24.09 -27.06
N GLU C 1345 -23.26 24.10 -27.62
CA GLU C 1345 -23.58 25.08 -28.65
C GLU C 1345 -23.54 26.49 -28.12
N LEU C 1346 -23.85 26.68 -26.83
CA LEU C 1346 -23.75 28.00 -26.22
C LEU C 1346 -22.31 28.46 -26.16
N LEU C 1347 -21.41 27.59 -25.72
CA LEU C 1347 -19.99 27.91 -25.74
C LEU C 1347 -19.51 28.21 -27.16
N HIS C 1348 -19.99 27.44 -28.14
CA HIS C 1348 -19.58 27.66 -29.52
C HIS C 1348 -20.11 28.96 -30.08
N ARG C 1349 -21.26 29.43 -29.57
CA ARG C 1349 -21.89 30.64 -30.10
C ARG C 1349 -21.79 31.85 -29.19
N ASP C 1350 -21.61 31.65 -27.87
CA ASP C 1350 -21.57 32.75 -26.93
C ASP C 1350 -20.60 32.39 -25.82
N PRO C 1351 -19.30 32.66 -26.00
CA PRO C 1351 -18.34 32.31 -24.96
C PRO C 1351 -18.49 33.16 -23.70
N GLU C 1352 -18.93 34.40 -23.83
CA GLU C 1352 -19.09 35.25 -22.65
C GLU C 1352 -20.21 34.75 -21.75
N GLU C 1353 -21.35 34.38 -22.33
CA GLU C 1353 -22.44 33.86 -21.51
C GLU C 1353 -22.06 32.52 -20.89
N PHE C 1354 -21.30 31.69 -21.60
CA PHE C 1354 -20.88 30.42 -21.04
C PHE C 1354 -19.91 30.61 -19.89
N ARG C 1355 -18.94 31.52 -20.05
CA ARG C 1355 -18.02 31.78 -18.94
C ARG C 1355 -18.74 32.45 -17.78
N ALA C 1356 -19.79 33.22 -18.05
CA ALA C 1356 -20.59 33.77 -16.95
C ALA C 1356 -21.34 32.66 -16.22
N LEU C 1357 -21.85 31.67 -16.97
CA LEU C 1357 -22.49 30.53 -16.33
C LEU C 1357 -21.50 29.74 -15.49
N MET C 1358 -20.27 29.57 -15.98
CA MET C 1358 -19.27 28.83 -15.21
C MET C 1358 -18.83 29.61 -13.98
N GLU C 1359 -18.74 30.93 -14.09
CA GLU C 1359 -18.46 31.75 -12.91
C GLU C 1359 -19.60 31.67 -11.91
N PHE C 1360 -20.84 31.61 -12.40
CA PHE C 1360 -21.97 31.42 -11.49
C PHE C 1360 -21.93 30.06 -10.83
N HIS C 1361 -21.52 29.03 -11.57
CA HIS C 1361 -21.32 27.72 -10.98
C HIS C 1361 -20.27 27.75 -9.88
N TYR C 1362 -19.15 28.43 -10.14
CA TYR C 1362 -18.10 28.54 -9.14
C TYR C 1362 -18.60 29.28 -7.90
N TYR C 1363 -19.30 30.40 -8.10
CA TYR C 1363 -19.80 31.18 -6.98
C TYR C 1363 -20.84 30.40 -6.19
N MET C 1364 -21.70 29.65 -6.88
CA MET C 1364 -22.72 28.87 -6.20
C MET C 1364 -22.11 27.73 -5.41
N SER C 1365 -21.09 27.05 -5.98
CA SER C 1365 -20.37 26.03 -5.24
C SER C 1365 -19.64 26.63 -4.04
N ASP C 1366 -19.16 27.86 -4.17
CA ASP C 1366 -18.55 28.54 -3.04
C ASP C 1366 -19.57 28.94 -1.99
N GLN C 1367 -20.83 29.12 -2.40
CA GLN C 1367 -21.89 29.39 -1.43
C GLN C 1367 -22.20 28.18 -0.57
N LEU C 1368 -21.87 26.98 -1.04
CA LEU C 1368 -21.73 25.82 -0.19
C LEU C 1368 -20.25 25.65 0.13
N ASN C 1369 -19.90 24.58 0.83
CA ASN C 1369 -18.49 24.31 1.09
C ASN C 1369 -17.87 23.48 -0.02
N LYS C 1370 -18.00 23.96 -1.26
CA LYS C 1370 -17.59 23.23 -2.45
C LYS C 1370 -16.64 24.07 -3.29
N PHE C 1371 -15.61 24.61 -2.66
CA PHE C 1371 -14.64 25.46 -3.35
C PHE C 1371 -13.98 24.72 -4.51
N VAL C 1372 -14.27 25.17 -5.73
CA VAL C 1372 -13.77 24.50 -6.92
C VAL C 1372 -12.27 24.75 -7.03
N SER C 1373 -11.48 23.67 -7.09
CA SER C 1373 -10.03 23.78 -7.04
C SER C 1373 -9.49 24.38 -8.33
N PRO C 1374 -8.34 25.05 -8.28
CA PRO C 1374 -7.72 25.56 -9.51
C PRO C 1374 -7.33 24.46 -10.50
N LYS C 1375 -7.27 23.21 -10.08
CA LYS C 1375 -6.99 22.11 -11.00
C LYS C 1375 -8.18 21.78 -11.88
N SER C 1376 -9.28 22.51 -11.76
CA SER C 1376 -10.48 22.21 -12.53
C SER C 1376 -10.28 22.59 -13.99
N VAL C 1377 -11.00 21.89 -14.87
CA VAL C 1377 -10.78 21.98 -16.31
C VAL C 1377 -12.13 21.92 -17.01
N ILE C 1378 -12.43 22.91 -17.84
CA ILE C 1378 -13.65 22.89 -18.63
C ILE C 1378 -13.29 22.67 -20.09
N GLY C 1379 -13.26 21.41 -20.50
CA GLY C 1379 -12.84 21.08 -21.86
C GLY C 1379 -13.79 20.09 -22.50
N ARG C 1380 -14.05 20.31 -23.78
CA ARG C 1380 -14.98 19.47 -24.54
C ARG C 1380 -14.29 18.31 -25.23
N PHE C 1381 -13.00 18.09 -24.97
CA PHE C 1381 -12.28 16.99 -25.59
C PHE C 1381 -11.83 15.95 -24.58
N VAL C 1382 -11.03 16.33 -23.58
CA VAL C 1382 -10.55 15.39 -22.59
C VAL C 1382 -11.38 15.54 -21.32
N ALA C 1383 -11.57 14.44 -20.61
CA ALA C 1383 -12.32 14.43 -19.36
C ALA C 1383 -11.62 13.55 -18.35
N GLU C 1384 -11.44 14.06 -17.14
CA GLU C 1384 -10.78 13.32 -16.06
C GLU C 1384 -11.76 13.09 -14.93
N PHE C 1385 -11.78 11.86 -14.41
CA PHE C 1385 -12.60 11.53 -13.26
C PHE C 1385 -12.05 10.28 -12.62
N LYS C 1386 -11.78 10.35 -11.31
CA LYS C 1386 -11.18 9.23 -10.57
C LYS C 1386 -9.87 8.78 -11.21
N SER C 1387 -9.06 9.73 -11.63
CA SER C 1387 -7.78 9.47 -12.30
C SER C 1387 -7.98 8.64 -13.57
N ARG C 1388 -9.16 8.75 -14.18
CA ARG C 1388 -9.46 8.13 -15.46
C ARG C 1388 -9.57 9.25 -16.50
N PHE C 1389 -8.75 9.19 -17.53
CA PHE C 1389 -8.69 10.20 -18.56
C PHE C 1389 -9.27 9.65 -19.85
N PHE C 1390 -10.19 10.40 -20.46
CA PHE C 1390 -10.84 9.99 -21.68
C PHE C 1390 -10.65 11.08 -22.73
N VAL C 1391 -10.21 10.67 -23.92
CA VAL C 1391 -9.75 11.61 -24.94
C VAL C 1391 -10.81 11.83 -26.00
N TRP C 1392 -11.20 10.76 -26.69
N TRP C 1392 -11.20 10.76 -26.69
CA TRP C 1392 -12.24 10.82 -27.72
CA TRP C 1392 -12.24 10.84 -27.71
C TRP C 1392 -13.17 9.63 -27.59
C TRP C 1392 -13.18 9.64 -27.59
N GLY C 1393 -13.57 9.31 -26.36
CA GLY C 1393 -14.32 8.12 -26.09
C GLY C 1393 -13.47 6.92 -25.75
N ASP C 1394 -12.18 6.98 -26.06
CA ASP C 1394 -11.20 6.00 -25.63
C ASP C 1394 -10.70 6.39 -24.24
N GLU C 1395 -9.62 5.76 -23.79
CA GLU C 1395 -9.08 6.03 -22.47
C GLU C 1395 -7.57 6.16 -22.55
N VAL C 1396 -7.02 7.11 -21.81
CA VAL C 1396 -5.56 7.25 -21.74
C VAL C 1396 -4.98 6.02 -21.05
N PRO C 1397 -4.01 5.34 -21.66
CA PRO C 1397 -3.42 4.16 -21.01
C PRO C 1397 -2.83 4.42 -19.64
N LEU C 1398 -2.22 5.59 -19.42
CA LEU C 1398 -1.50 5.89 -18.19
C LEU C 1398 -0.47 4.80 -17.89
N LEU C 1399 0.33 4.50 -18.91
CA LEU C 1399 1.25 3.37 -18.85
C LEU C 1399 2.26 3.54 -17.71
N THR C 1400 2.83 4.74 -17.56
CA THR C 1400 3.88 4.92 -16.57
C THR C 1400 3.37 4.74 -15.15
N LYS C 1401 2.11 5.09 -14.89
CA LYS C 1401 1.53 4.87 -13.57
C LYS C 1401 1.56 3.39 -13.19
N PHE C 1402 1.07 2.53 -14.08
CA PHE C 1402 1.05 1.10 -13.79
C PHE C 1402 2.45 0.50 -13.77
N VAL C 1403 3.33 0.98 -14.64
CA VAL C 1403 4.70 0.47 -14.65
C VAL C 1403 5.39 0.78 -13.33
N ALA C 1404 5.21 2.00 -12.81
CA ALA C 1404 5.82 2.36 -11.54
C ALA C 1404 5.17 1.61 -10.38
N ALA C 1405 3.84 1.44 -10.43
CA ALA C 1405 3.17 0.67 -9.39
C ALA C 1405 3.64 -0.78 -9.38
N ALA C 1406 4.03 -1.32 -10.54
CA ALA C 1406 4.55 -2.67 -10.60
C ALA C 1406 5.99 -2.74 -10.10
N LEU C 1407 6.82 -1.78 -10.51
CA LEU C 1407 8.22 -1.77 -10.07
C LEU C 1407 8.35 -1.42 -8.59
N HIS C 1408 7.31 -0.87 -7.97
CA HIS C 1408 7.37 -0.48 -6.57
C HIS C 1408 6.83 -1.53 -5.62
N ASN C 1409 5.69 -2.14 -5.93
CA ASN C 1409 5.02 -3.00 -4.97
C ASN C 1409 5.74 -4.34 -4.84
N ILE C 1410 6.73 -4.39 -3.94
CA ILE C 1410 7.47 -5.61 -3.62
C ILE C 1410 7.45 -5.72 -2.10
N LYS C 1411 6.59 -6.57 -1.56
CA LYS C 1411 6.46 -6.74 -0.12
C LYS C 1411 7.41 -7.81 0.38
N CYS C 1412 7.55 -7.88 1.71
CA CYS C 1412 8.42 -8.85 2.36
C CYS C 1412 7.68 -10.12 2.76
N LYS C 1413 6.59 -10.44 2.06
CA LYS C 1413 5.78 -11.60 2.39
C LYS C 1413 6.29 -12.82 1.63
N GLU C 1414 5.53 -13.91 1.69
CA GLU C 1414 5.94 -15.16 1.07
C GLU C 1414 6.09 -14.96 -0.44
N PRO C 1415 7.13 -15.53 -1.06
CA PRO C 1415 7.40 -15.23 -2.47
C PRO C 1415 6.26 -15.57 -3.42
N HIS C 1416 5.46 -16.59 -3.14
CA HIS C 1416 4.35 -16.89 -4.04
C HIS C 1416 3.23 -15.86 -3.91
N GLN C 1417 3.00 -15.33 -2.70
CA GLN C 1417 2.05 -14.24 -2.56
C GLN C 1417 2.56 -12.99 -3.26
N LEU C 1418 3.87 -12.73 -3.17
CA LEU C 1418 4.47 -11.63 -3.92
C LEU C 1418 4.25 -11.81 -5.42
N ALA C 1419 4.42 -13.03 -5.91
CA ALA C 1419 4.20 -13.30 -7.32
C ALA C 1419 2.74 -13.10 -7.71
N GLU C 1420 1.81 -13.51 -6.84
CA GLU C 1420 0.39 -13.28 -7.10
C GLU C 1420 0.09 -11.78 -7.18
N THR C 1421 0.66 -11.01 -6.27
CA THR C 1421 0.44 -9.56 -6.28
C THR C 1421 0.98 -8.93 -7.55
N ILE C 1422 2.20 -9.29 -7.92
CA ILE C 1422 2.79 -8.73 -9.14
C ILE C 1422 2.00 -9.17 -10.36
N ASP C 1423 1.47 -10.39 -10.35
CA ASP C 1423 0.66 -10.87 -11.47
C ASP C 1423 -0.63 -10.08 -11.58
N THR C 1424 -1.26 -9.74 -10.45
CA THR C 1424 -2.47 -8.93 -10.51
C THR C 1424 -2.17 -7.51 -11.00
N ILE C 1425 -1.07 -6.93 -10.54
CA ILE C 1425 -0.69 -5.60 -11.01
C ILE C 1425 -0.43 -5.61 -12.51
N VAL C 1426 0.30 -6.63 -12.99
CA VAL C 1426 0.58 -6.74 -14.41
C VAL C 1426 -0.70 -7.02 -15.19
N ASP C 1427 -1.66 -7.72 -14.59
CA ASP C 1427 -2.94 -7.93 -15.25
C ASP C 1427 -3.68 -6.62 -15.43
N GLN C 1428 -3.71 -5.78 -14.39
CA GLN C 1428 -4.29 -4.45 -14.53
C GLN C 1428 -3.55 -3.63 -15.59
N SER C 1429 -2.22 -3.73 -15.61
CA SER C 1429 -1.43 -2.98 -16.58
C SER C 1429 -1.80 -3.38 -18.01
N VAL C 1430 -1.85 -4.69 -18.28
CA VAL C 1430 -2.27 -5.16 -19.59
C VAL C 1430 -3.69 -4.74 -19.88
N ALA C 1431 -4.55 -4.72 -18.86
CA ALA C 1431 -5.94 -4.35 -19.05
C ALA C 1431 -6.08 -2.93 -19.54
N ASN C 1432 -5.35 -1.99 -18.93
CA ASN C 1432 -5.59 -0.59 -19.28
C ASN C 1432 -4.87 -0.19 -20.56
N GLY C 1433 -3.54 -0.12 -20.53
CA GLY C 1433 -2.83 0.28 -21.74
C GLY C 1433 -1.52 -0.40 -22.07
N VAL C 1434 -0.95 -1.12 -21.14
CA VAL C 1434 0.48 -1.47 -21.23
C VAL C 1434 0.63 -2.64 -22.22
N PRO C 1435 1.59 -2.57 -23.14
CA PRO C 1435 1.80 -3.69 -24.06
C PRO C 1435 2.37 -4.91 -23.34
N VAL C 1436 2.35 -6.04 -24.04
CA VAL C 1436 2.67 -7.31 -23.39
C VAL C 1436 4.16 -7.44 -23.14
N HIS C 1437 5.01 -6.90 -24.01
CA HIS C 1437 6.45 -7.04 -23.83
C HIS C 1437 6.93 -6.33 -22.58
N LEU C 1438 6.41 -5.13 -22.32
CA LEU C 1438 6.78 -4.40 -21.12
C LEU C 1438 6.36 -5.14 -19.86
N CYS C 1439 5.23 -5.84 -19.90
CA CYS C 1439 4.80 -6.60 -18.73
C CYS C 1439 5.61 -7.88 -18.57
N ASN C 1440 6.00 -8.51 -19.68
CA ASN C 1440 6.95 -9.61 -19.58
C ASN C 1440 8.25 -9.14 -18.92
N LEU C 1441 8.70 -7.94 -19.27
CA LEU C 1441 9.91 -7.41 -18.66
C LEU C 1441 9.71 -7.07 -17.19
N ILE C 1442 8.51 -6.60 -16.81
CA ILE C 1442 8.23 -6.37 -15.40
C ILE C 1442 8.27 -7.68 -14.63
N GLN C 1443 7.71 -8.74 -15.20
CA GLN C 1443 7.72 -10.03 -14.53
C GLN C 1443 9.14 -10.59 -14.45
N ILE C 1444 9.95 -10.37 -15.50
CA ILE C 1444 11.34 -10.78 -15.44
C ILE C 1444 12.09 -10.00 -14.37
N ARG C 1445 11.74 -8.72 -14.20
CA ARG C 1445 12.36 -7.91 -13.15
C ARG C 1445 12.01 -8.46 -11.77
N THR C 1446 10.74 -8.86 -11.58
CA THR C 1446 10.34 -9.43 -10.30
C THR C 1446 11.06 -10.77 -10.06
N LEU C 1447 11.17 -11.60 -11.10
CA LEU C 1447 11.89 -12.86 -10.94
C LEU C 1447 13.36 -12.62 -10.64
N SER C 1448 13.95 -11.55 -11.19
CA SER C 1448 15.33 -11.23 -10.88
C SER C 1448 15.47 -10.74 -9.44
N LEU C 1449 14.49 -9.97 -8.97
CA LEU C 1449 14.47 -9.59 -7.56
C LEU C 1449 14.43 -10.82 -6.66
N LEU C 1450 13.68 -11.84 -7.06
CA LEU C 1450 13.62 -13.06 -6.26
C LEU C 1450 14.91 -13.86 -6.38
N GLN C 1451 15.50 -13.91 -7.58
CA GLN C 1451 16.75 -14.64 -7.77
C GLN C 1451 17.90 -14.01 -6.99
N TYR C 1452 17.88 -12.68 -6.83
CA TYR C 1452 18.91 -12.05 -6.01
C TYR C 1452 18.83 -12.52 -4.57
N ALA C 1453 17.64 -12.84 -4.10
CA ALA C 1453 17.48 -13.43 -2.77
C ALA C 1453 17.86 -14.90 -2.73
N ARG C 1454 18.45 -15.42 -3.82
CA ARG C 1454 18.79 -16.84 -3.94
C ARG C 1454 17.56 -17.72 -3.70
N TYR C 1455 16.43 -17.32 -4.28
CA TYR C 1455 15.25 -18.15 -4.08
C TYR C 1455 15.10 -19.11 -5.25
N PRO C 1456 14.76 -20.37 -4.97
CA PRO C 1456 14.61 -21.35 -6.04
C PRO C 1456 13.36 -21.12 -6.85
N ILE C 1457 13.47 -20.26 -7.88
CA ILE C 1457 12.33 -19.91 -8.72
C ILE C 1457 11.62 -21.17 -9.16
N ASP C 1458 10.33 -21.23 -8.91
CA ASP C 1458 9.46 -22.35 -9.24
C ASP C 1458 8.67 -22.04 -10.49
N PRO C 1459 8.15 -23.06 -11.19
CA PRO C 1459 7.24 -22.80 -12.31
C PRO C 1459 5.95 -22.14 -11.89
N PHE C 1460 5.55 -22.26 -10.63
CA PHE C 1460 4.33 -21.62 -10.13
C PHE C 1460 4.62 -20.26 -9.51
N LEU C 1461 5.38 -19.42 -10.22
CA LEU C 1461 5.66 -18.07 -9.75
C LEU C 1461 5.15 -17.01 -10.73
N LEU C 1462 5.63 -17.02 -11.97
CA LEU C 1462 5.30 -15.98 -12.94
C LEU C 1462 5.60 -16.51 -14.33
N ASN C 1463 4.76 -16.13 -15.30
CA ASN C 1463 4.96 -16.50 -16.69
C ASN C 1463 5.46 -15.28 -17.46
N CYS C 1464 6.74 -15.28 -17.81
CA CYS C 1464 7.38 -14.16 -18.48
C CYS C 1464 7.52 -14.38 -19.98
N GLU C 1465 6.56 -15.07 -20.59
CA GLU C 1465 6.54 -15.32 -22.06
C GLU C 1465 5.08 -15.28 -22.53
N THR C 1466 4.28 -14.41 -21.91
CA THR C 1466 2.83 -14.25 -22.21
C THR C 1466 2.66 -13.55 -23.56
N ASP C 1467 1.50 -13.73 -24.21
CA ASP C 1467 1.24 -13.12 -25.54
C ASP C 1467 -0.16 -12.53 -25.60
N VAL C 1468 -0.50 -11.66 -24.64
CA VAL C 1468 -1.81 -10.93 -24.54
C VAL C 1468 -2.99 -11.84 -24.94
N ARG C 1469 -3.11 -13.00 -24.31
CA ARG C 1469 -4.22 -13.96 -24.55
C ARG C 1469 -4.56 -14.58 -23.20
N ASP C 1470 -3.53 -14.63 -22.34
CA ASP C 1470 -3.62 -15.12 -20.98
C ASP C 1470 -3.94 -14.03 -19.98
N TRP C 1471 -3.94 -12.77 -20.39
CA TRP C 1471 -4.41 -11.70 -19.52
C TRP C 1471 -5.86 -11.33 -19.82
N VAL C 1472 -6.21 -11.22 -21.11
CA VAL C 1472 -7.56 -10.83 -21.49
C VAL C 1472 -8.57 -11.88 -21.04
N ASP C 1473 -8.29 -13.15 -21.34
CA ASP C 1473 -9.19 -14.26 -21.03
C ASP C 1473 -8.43 -15.41 -20.39
N GLY C 1474 -7.59 -15.09 -19.41
CA GLY C 1474 -6.85 -16.11 -18.71
C GLY C 1474 -6.59 -15.75 -17.26
N ASN C 1475 -6.78 -16.71 -16.36
CA ASN C 1475 -6.46 -16.49 -14.96
C ASN C 1475 -4.97 -16.71 -14.72
N ARG C 1476 -4.53 -16.37 -13.51
CA ARG C 1476 -3.14 -16.63 -13.15
C ARG C 1476 -2.80 -18.10 -13.26
N SER C 1477 -3.76 -18.97 -12.89
CA SER C 1477 -3.56 -20.40 -13.07
C SER C 1477 -3.35 -20.74 -14.54
N TYR C 1478 -4.04 -20.04 -15.44
CA TYR C 1478 -3.85 -20.29 -16.87
C TYR C 1478 -2.46 -19.87 -17.31
N ARG C 1479 -1.93 -18.77 -16.77
CA ARG C 1479 -0.59 -18.33 -17.13
C ARG C 1479 0.46 -19.31 -16.62
N ILE C 1480 0.29 -19.81 -15.39
CA ILE C 1480 1.22 -20.81 -14.88
C ILE C 1480 1.12 -22.10 -15.68
N MET C 1481 -0.10 -22.46 -16.11
CA MET C 1481 -0.25 -23.64 -16.96
C MET C 1481 0.45 -23.45 -18.29
N ARG C 1482 0.35 -22.25 -18.88
CA ARG C 1482 1.07 -21.98 -20.11
C ARG C 1482 2.58 -22.09 -19.90
N GLN C 1483 3.06 -21.62 -18.75
CA GLN C 1483 4.49 -21.74 -18.44
C GLN C 1483 4.91 -23.21 -18.35
N ILE C 1484 4.11 -24.02 -17.68
CA ILE C 1484 4.44 -25.44 -17.55
C ILE C 1484 4.38 -26.13 -18.91
N GLU C 1485 3.42 -25.75 -19.75
CA GLU C 1485 3.37 -26.27 -21.10
C GLU C 1485 4.62 -25.92 -21.88
N GLY C 1486 5.12 -24.70 -21.71
CA GLY C 1486 6.38 -24.32 -22.32
C GLY C 1486 7.55 -25.11 -21.77
N LEU C 1487 7.45 -25.53 -20.50
CA LEU C 1487 8.51 -26.34 -19.90
C LEU C 1487 8.54 -27.74 -20.53
N ILE C 1488 7.44 -28.47 -20.43
CA ILE C 1488 7.36 -29.85 -20.87
C ILE C 1488 6.35 -29.95 -22.00
N PRO C 1489 6.73 -29.66 -23.24
CA PRO C 1489 5.75 -29.66 -24.35
C PRO C 1489 5.24 -31.04 -24.73
N ASP C 1490 5.77 -32.11 -24.13
CA ASP C 1490 5.38 -33.47 -24.49
C ASP C 1490 4.41 -34.09 -23.49
N ALA C 1491 4.77 -34.08 -22.21
CA ALA C 1491 3.89 -34.67 -21.19
C ALA C 1491 2.63 -33.84 -20.99
N CYS C 1492 2.76 -32.52 -21.04
CA CYS C 1492 1.60 -31.66 -20.88
C CYS C 1492 0.59 -31.86 -22.00
N SER C 1493 1.04 -32.28 -23.18
CA SER C 1493 0.09 -32.60 -24.25
C SER C 1493 -0.79 -33.78 -23.86
N LYS C 1494 -0.18 -34.85 -23.34
CA LYS C 1494 -0.95 -36.01 -22.90
C LYS C 1494 -1.86 -35.65 -21.75
N ILE C 1495 -1.38 -34.82 -20.81
CA ILE C 1495 -2.20 -34.43 -19.69
C ILE C 1495 -3.38 -33.59 -20.14
N ARG C 1496 -3.16 -32.70 -21.12
CA ARG C 1496 -4.26 -31.92 -21.66
C ARG C 1496 -5.25 -32.80 -22.41
N SER C 1497 -4.77 -33.85 -23.08
CA SER C 1497 -5.68 -34.77 -23.74
C SER C 1497 -6.56 -35.50 -22.74
N MET C 1498 -5.95 -36.05 -21.69
CA MET C 1498 -6.73 -36.76 -20.69
C MET C 1498 -7.67 -35.82 -19.95
N LEU C 1499 -7.26 -34.57 -19.74
CA LEU C 1499 -8.15 -33.61 -19.07
C LEU C 1499 -9.28 -33.17 -19.99
N ARG C 1500 -9.03 -33.07 -21.29
CA ARG C 1500 -10.10 -32.79 -22.23
C ARG C 1500 -11.14 -33.91 -22.22
N ARG C 1501 -10.66 -35.16 -22.25
CA ARG C 1501 -11.59 -36.29 -22.19
C ARG C 1501 -12.35 -36.31 -20.87
N LEU C 1502 -11.68 -35.99 -19.77
CA LEU C 1502 -12.35 -35.98 -18.47
C LEU C 1502 -13.39 -34.87 -18.39
N TYR C 1503 -13.06 -33.69 -18.89
CA TYR C 1503 -14.03 -32.60 -18.89
C TYR C 1503 -15.22 -32.94 -19.77
N ASN C 1504 -14.97 -33.59 -20.91
CA ASN C 1504 -16.07 -34.02 -21.78
C ASN C 1504 -16.97 -35.02 -21.06
N ARG C 1505 -16.37 -36.02 -20.42
CA ARG C 1505 -17.15 -37.03 -19.71
C ARG C 1505 -17.74 -36.52 -18.40
N LEU C 1506 -17.35 -35.33 -17.94
CA LEU C 1506 -17.87 -34.78 -16.70
C LEU C 1506 -19.00 -33.78 -16.93
N LYS C 1507 -18.84 -32.85 -17.86
CA LYS C 1507 -19.85 -31.79 -18.02
C LYS C 1507 -21.17 -32.35 -18.52
N THR C 1508 -21.12 -33.27 -19.49
CA THR C 1508 -22.31 -33.83 -20.11
C THR C 1508 -22.16 -35.33 -20.30
N GLY C 1509 -21.50 -36.00 -19.36
CA GLY C 1509 -21.28 -37.42 -19.47
C GLY C 1509 -21.49 -38.18 -18.17
N GLN C 1510 -20.84 -39.33 -18.05
CA GLN C 1510 -20.99 -40.17 -16.87
C GLN C 1510 -20.56 -39.42 -15.62
N LEU C 1511 -21.33 -39.60 -14.53
CA LEU C 1511 -21.04 -38.93 -13.27
C LEU C 1511 -19.66 -39.31 -12.77
N HIS C 1512 -18.74 -38.35 -12.75
CA HIS C 1512 -17.39 -38.57 -12.26
C HIS C 1512 -17.00 -37.66 -11.10
N GLU C 1513 -17.72 -36.55 -10.90
CA GLU C 1513 -17.33 -35.58 -9.88
C GLU C 1513 -17.53 -36.12 -8.47
N GLU C 1514 -18.44 -37.09 -8.28
CA GLU C 1514 -18.74 -37.55 -6.93
C GLU C 1514 -17.59 -38.36 -6.35
N PHE C 1515 -16.83 -39.08 -7.18
CA PHE C 1515 -15.70 -39.85 -6.70
C PHE C 1515 -14.36 -39.24 -7.08
N THR C 1516 -14.34 -38.21 -7.92
CA THR C 1516 -13.09 -37.51 -8.20
C THR C 1516 -12.56 -36.79 -6.97
N THR C 1517 -13.47 -36.28 -6.12
CA THR C 1517 -13.04 -35.66 -4.87
C THR C 1517 -12.25 -36.65 -4.00
N ASN C 1518 -12.66 -37.92 -4.00
CA ASN C 1518 -11.92 -38.94 -3.28
C ASN C 1518 -10.68 -39.38 -4.03
N TYR C 1519 -10.73 -39.37 -5.36
CA TYR C 1519 -9.57 -39.79 -6.16
C TYR C 1519 -8.42 -38.79 -6.06
N LEU C 1520 -8.73 -37.52 -5.81
CA LEU C 1520 -7.72 -36.48 -5.66
C LEU C 1520 -7.02 -36.51 -4.31
N SER C 1521 -7.25 -37.54 -3.48
CA SER C 1521 -6.66 -37.61 -2.16
C SER C 1521 -5.66 -38.75 -2.02
N SER C 1522 -5.46 -39.56 -3.05
CA SER C 1522 -4.51 -40.66 -2.99
C SER C 1522 -3.15 -40.19 -3.51
N GLU C 1523 -2.23 -41.13 -3.70
CA GLU C 1523 -0.91 -40.79 -4.20
C GLU C 1523 -1.00 -40.32 -5.65
N HIS C 1524 -0.31 -39.23 -5.96
CA HIS C 1524 -0.42 -38.62 -7.28
C HIS C 1524 0.19 -39.50 -8.37
N LEU C 1525 1.34 -40.11 -8.08
CA LEU C 1525 2.04 -40.91 -9.07
C LEU C 1525 1.16 -42.07 -9.56
N SER C 1526 0.50 -42.75 -8.64
CA SER C 1526 -0.39 -43.84 -9.02
C SER C 1526 -1.67 -43.32 -9.64
N SER C 1527 -2.25 -42.26 -9.07
CA SER C 1527 -3.53 -41.74 -9.55
C SER C 1527 -3.44 -41.24 -10.98
N LEU C 1528 -2.28 -40.74 -11.39
CA LEU C 1528 -2.12 -40.30 -12.78
C LEU C 1528 -2.37 -41.46 -13.74
N LYS C 1529 -1.61 -42.54 -13.59
CA LYS C 1529 -1.79 -43.69 -14.47
C LYS C 1529 -3.17 -44.31 -14.31
N ASN C 1530 -3.71 -44.30 -13.08
CA ASN C 1530 -5.05 -44.85 -12.88
C ASN C 1530 -6.09 -44.08 -13.66
N LEU C 1531 -6.00 -42.74 -13.65
CA LEU C 1531 -6.95 -41.94 -14.41
C LEU C 1531 -6.74 -42.10 -15.91
N CYS C 1532 -5.50 -42.14 -16.36
CA CYS C 1532 -5.26 -42.32 -17.79
C CYS C 1532 -5.77 -43.66 -18.28
N GLU C 1533 -5.71 -44.71 -17.46
CA GLU C 1533 -6.28 -45.99 -17.86
C GLU C 1533 -7.80 -46.00 -17.73
N LEU C 1534 -8.35 -45.31 -16.73
CA LEU C 1534 -9.80 -45.22 -16.60
C LEU C 1534 -10.41 -44.49 -17.80
N LEU C 1535 -9.70 -43.53 -18.36
CA LEU C 1535 -10.18 -42.82 -19.55
C LEU C 1535 -9.68 -43.45 -20.84
N GLY C 1536 -8.70 -44.35 -20.78
CA GLY C 1536 -8.21 -45.04 -21.96
C GLY C 1536 -7.06 -44.38 -22.66
N VAL C 1537 -6.74 -43.12 -22.32
CA VAL C 1537 -5.64 -42.42 -22.96
C VAL C 1537 -4.31 -43.01 -22.49
N GLU C 1538 -3.30 -42.92 -23.34
CA GLU C 1538 -1.97 -43.42 -23.00
C GLU C 1538 -1.42 -42.65 -21.79
N PRO C 1539 -1.00 -43.33 -20.74
CA PRO C 1539 -0.49 -42.64 -19.56
C PRO C 1539 0.88 -42.03 -19.83
N PRO C 1540 1.30 -41.07 -19.02
CA PRO C 1540 2.63 -40.49 -19.21
C PRO C 1540 3.72 -41.51 -18.95
N SER C 1541 4.81 -41.39 -19.71
CA SER C 1541 5.92 -42.32 -19.58
C SER C 1541 6.64 -42.11 -18.24
N GLU C 1542 7.51 -43.06 -17.91
CA GLU C 1542 8.28 -42.96 -16.68
C GLU C 1542 9.20 -41.75 -16.68
N SER C 1543 9.71 -41.35 -17.86
CA SER C 1543 10.59 -40.20 -17.95
C SER C 1543 9.80 -38.90 -17.92
N ASP C 1544 8.62 -38.88 -18.57
CA ASP C 1544 7.78 -37.69 -18.61
C ASP C 1544 6.83 -37.61 -17.42
N LEU C 1545 7.10 -38.34 -16.35
CA LEU C 1545 6.31 -38.28 -15.14
C LEU C 1545 7.14 -37.96 -13.90
N GLU C 1546 8.46 -38.11 -13.96
CA GLU C 1546 9.32 -37.82 -12.83
C GLU C 1546 9.63 -36.34 -12.68
N TYR C 1547 9.13 -35.49 -13.57
CA TYR C 1547 9.36 -34.05 -13.45
C TYR C 1547 8.68 -33.52 -12.18
N SER C 1548 9.43 -32.79 -11.38
CA SER C 1548 8.91 -32.23 -10.14
C SER C 1548 9.53 -30.87 -9.90
N TRP C 1549 8.89 -30.10 -9.03
CA TRP C 1549 9.37 -28.78 -8.65
C TRP C 1549 9.63 -28.73 -7.16
N LEU C 1550 10.68 -28.01 -6.77
CA LEU C 1550 11.07 -27.91 -5.37
C LEU C 1550 10.11 -26.98 -4.64
N ASN C 1551 9.22 -27.55 -3.82
CA ASN C 1551 8.28 -26.78 -3.03
C ASN C 1551 8.86 -26.63 -1.63
N LEU C 1552 9.46 -25.46 -1.37
CA LEU C 1552 10.04 -25.22 -0.05
C LEU C 1552 8.98 -25.25 1.04
N ALA C 1553 7.77 -24.80 0.74
CA ALA C 1553 6.67 -24.81 1.71
C ALA C 1553 5.83 -26.08 1.60
N ALA C 1554 6.50 -27.24 1.66
CA ALA C 1554 5.80 -28.51 1.56
C ALA C 1554 5.25 -28.96 2.91
N HIS C 1555 6.11 -28.97 3.93
CA HIS C 1555 5.68 -29.38 5.25
C HIS C 1555 5.03 -28.23 6.02
N HIS C 1556 5.64 -27.05 5.96
CA HIS C 1556 5.10 -25.85 6.59
C HIS C 1556 5.52 -24.65 5.76
N PRO C 1557 4.73 -23.58 5.75
CA PRO C 1557 5.09 -22.41 4.95
C PRO C 1557 6.36 -21.74 5.47
N LEU C 1558 6.95 -20.92 4.61
CA LEU C 1558 8.16 -20.18 4.97
C LEU C 1558 7.85 -19.23 6.12
N ARG C 1559 8.68 -19.27 7.17
CA ARG C 1559 8.50 -18.39 8.33
C ARG C 1559 9.05 -17.01 7.97
N MET C 1560 8.26 -16.29 7.18
CA MET C 1560 8.59 -14.91 6.80
C MET C 1560 8.31 -14.01 7.99
N VAL C 1561 9.33 -13.80 8.82
CA VAL C 1561 9.18 -12.98 10.01
C VAL C 1561 8.94 -11.53 9.63
N ILE C 1579 -1.85 -29.17 6.40
CA ILE C 1579 -2.74 -28.03 6.59
C ILE C 1579 -2.84 -27.23 5.29
N PRO C 1580 -4.04 -27.21 4.71
CA PRO C 1580 -4.24 -26.41 3.48
C PRO C 1580 -4.20 -24.92 3.77
N THR C 1581 -4.00 -24.15 2.71
CA THR C 1581 -3.86 -22.70 2.82
C THR C 1581 -5.16 -21.94 2.54
N ILE C 1582 -6.11 -22.55 1.84
CA ILE C 1582 -7.37 -21.88 1.53
C ILE C 1582 -8.14 -21.55 2.80
N VAL C 1583 -7.98 -22.38 3.84
CA VAL C 1583 -8.68 -22.18 5.10
C VAL C 1583 -8.03 -21.04 5.88
N LYS C 1584 -6.96 -20.45 5.33
CA LYS C 1584 -6.25 -19.36 5.97
C LYS C 1584 -6.37 -18.03 5.23
N THR C 1585 -6.66 -18.04 3.93
CA THR C 1585 -6.79 -16.79 3.20
C THR C 1585 -8.14 -16.13 3.41
N ILE C 1586 -9.15 -16.88 3.87
CA ILE C 1586 -10.45 -16.31 4.16
C ILE C 1586 -10.52 -15.63 5.51
N GLN C 1587 -9.47 -15.77 6.33
CA GLN C 1587 -9.41 -15.12 7.65
C GLN C 1587 -9.07 -13.65 7.47
N ASN C 1588 -10.08 -12.89 7.05
CA ASN C 1588 -9.92 -11.46 6.81
C ASN C 1588 -11.26 -10.74 6.98
N SER C 1613 6.85 -0.71 7.72
CA SER C 1613 8.17 -0.31 7.25
C SER C 1613 8.06 0.41 5.90
N SER C 1614 8.95 0.04 4.97
CA SER C 1614 8.95 0.65 3.65
C SER C 1614 9.03 -0.41 2.56
N ILE C 1615 9.23 0.03 1.32
CA ILE C 1615 9.36 -0.91 0.20
C ILE C 1615 10.77 -1.47 0.13
N ALA C 1616 11.78 -0.60 0.21
CA ALA C 1616 13.16 -1.07 0.22
C ALA C 1616 13.43 -1.90 1.45
N SER C 1617 12.85 -1.53 2.59
CA SER C 1617 12.93 -2.38 3.77
C SER C 1617 12.23 -3.71 3.54
N GLY C 1618 11.16 -3.70 2.74
CA GLY C 1618 10.51 -4.95 2.39
C GLY C 1618 11.41 -5.86 1.58
N PHE C 1619 12.13 -5.29 0.60
CA PHE C 1619 13.06 -6.09 -0.19
C PHE C 1619 14.22 -6.57 0.67
N VAL C 1620 14.70 -5.73 1.58
CA VAL C 1620 15.76 -6.13 2.50
C VAL C 1620 15.30 -7.29 3.37
N GLY C 1621 14.09 -7.21 3.91
CA GLY C 1621 13.55 -8.29 4.71
C GLY C 1621 13.32 -9.55 3.90
N LEU C 1622 12.92 -9.40 2.64
CA LEU C 1622 12.74 -10.57 1.78
C LEU C 1622 14.07 -11.27 1.53
N CYS C 1623 15.11 -10.49 1.26
CA CYS C 1623 16.43 -11.09 1.04
C CYS C 1623 17.03 -11.65 2.32
N ARG C 1624 16.68 -11.08 3.47
CA ARG C 1624 17.22 -11.59 4.74
C ARG C 1624 16.50 -12.87 5.17
N THR C 1625 15.18 -12.92 5.00
CA THR C 1625 14.42 -14.11 5.37
C THR C 1625 14.77 -15.27 4.44
N LEU C 1626 14.79 -15.02 3.14
CA LEU C 1626 15.17 -16.07 2.20
C LEU C 1626 16.64 -16.45 2.28
N GLY C 1627 17.41 -15.80 3.16
CA GLY C 1627 18.78 -16.18 3.39
C GLY C 1627 18.97 -16.85 4.74
N SER C 1628 18.04 -16.60 5.66
CA SER C 1628 18.08 -17.19 6.98
C SER C 1628 17.29 -18.50 7.00
N LYS C 1629 17.04 -19.03 8.19
CA LYS C 1629 16.31 -20.28 8.32
C LYS C 1629 14.82 -20.06 8.05
N CYS C 1630 14.43 -20.09 6.78
CA CYS C 1630 13.05 -19.82 6.40
C CYS C 1630 12.25 -21.09 6.14
N VAL C 1631 12.85 -22.09 5.52
CA VAL C 1631 12.15 -23.34 5.24
C VAL C 1631 12.07 -24.17 6.51
N ARG C 1632 10.95 -24.84 6.72
CA ARG C 1632 10.75 -25.69 7.88
C ARG C 1632 10.76 -27.15 7.47
N GLY C 1633 11.24 -27.99 8.39
CA GLY C 1633 11.38 -29.41 8.11
C GLY C 1633 10.23 -30.23 8.67
N PRO C 1634 10.27 -31.53 8.43
CA PRO C 1634 9.20 -32.40 8.96
C PRO C 1634 9.25 -32.56 10.46
N ASN C 1635 10.44 -32.48 11.06
CA ASN C 1635 10.61 -32.63 12.49
C ASN C 1635 10.44 -31.31 13.24
N LYS C 1636 9.73 -30.35 12.64
CA LYS C 1636 9.54 -29.02 13.22
C LYS C 1636 10.89 -28.36 13.53
N GLU C 1637 11.79 -28.39 12.55
CA GLU C 1637 13.09 -27.74 12.67
C GLU C 1637 13.33 -26.89 11.44
N ASN C 1638 13.94 -25.72 11.64
CA ASN C 1638 14.18 -24.77 10.57
C ASN C 1638 15.59 -24.98 10.00
N LEU C 1639 15.73 -24.67 8.71
CA LEU C 1639 16.99 -24.82 8.03
C LEU C 1639 17.07 -23.78 6.92
N TYR C 1640 18.25 -23.61 6.36
CA TYR C 1640 18.45 -22.65 5.28
C TYR C 1640 18.11 -23.28 3.94
N ILE C 1641 17.90 -22.43 2.94
CA ILE C 1641 17.67 -22.93 1.60
C ILE C 1641 18.95 -23.56 1.05
N LYS C 1642 20.11 -23.03 1.44
CA LYS C 1642 21.38 -23.61 1.03
C LYS C 1642 21.48 -25.07 1.46
N SER C 1643 20.98 -25.39 2.64
CA SER C 1643 20.98 -26.77 3.09
C SER C 1643 20.11 -27.64 2.18
N ILE C 1644 19.01 -27.09 1.67
CA ILE C 1644 18.15 -27.88 0.79
C ILE C 1644 18.81 -28.10 -0.57
N GLN C 1645 19.45 -27.06 -1.12
CA GLN C 1645 20.24 -27.27 -2.33
C GLN C 1645 21.35 -28.29 -2.12
N SER C 1646 21.98 -28.27 -0.93
CA SER C 1646 23.04 -29.23 -0.65
C SER C 1646 22.49 -30.65 -0.59
N LEU C 1647 21.35 -30.84 0.09
CA LEU C 1647 20.73 -32.16 0.15
C LEU C 1647 20.28 -32.62 -1.22
N ILE C 1648 19.90 -31.70 -2.10
CA ILE C 1648 19.56 -32.07 -3.47
C ILE C 1648 20.80 -32.53 -4.22
N THR C 1649 21.91 -31.78 -4.09
CA THR C 1649 23.16 -32.21 -4.67
C THR C 1649 23.72 -33.46 -4.00
N GLY C 1650 23.22 -33.79 -2.80
CA GLY C 1650 23.57 -35.02 -2.14
C GLY C 1650 22.71 -36.18 -2.62
N THR C 1651 22.36 -36.15 -3.90
CA THR C 1651 21.53 -37.17 -4.51
C THR C 1651 21.93 -37.32 -5.97
N GLN C 1652 22.01 -38.56 -6.44
CA GLN C 1652 22.42 -38.84 -7.80
C GLN C 1652 21.26 -38.83 -8.80
N GLY C 1653 20.06 -38.46 -8.37
CA GLY C 1653 18.91 -38.52 -9.25
C GLY C 1653 18.51 -37.20 -9.89
N ILE C 1654 18.46 -36.13 -9.09
CA ILE C 1654 17.95 -34.86 -9.57
C ILE C 1654 18.87 -34.29 -10.64
N GLU C 1655 18.30 -33.45 -11.51
CA GLU C 1655 19.04 -32.92 -12.66
C GLU C 1655 19.11 -31.40 -12.72
N LEU C 1656 18.10 -30.68 -12.25
CA LEU C 1656 18.12 -29.21 -12.20
C LEU C 1656 18.31 -28.61 -13.60
N LEU C 1657 17.29 -28.80 -14.43
CA LEU C 1657 17.26 -28.26 -15.78
C LEU C 1657 16.31 -27.08 -15.85
N THR C 1658 16.85 -25.90 -16.16
CA THR C 1658 16.06 -24.68 -16.32
C THR C 1658 15.80 -24.43 -17.80
N ASN C 1659 14.70 -23.75 -18.10
CA ASN C 1659 14.30 -23.60 -19.50
C ASN C 1659 15.03 -22.45 -20.19
N SER C 1660 14.73 -21.21 -19.80
CA SER C 1660 15.44 -20.07 -20.38
C SER C 1660 15.78 -18.97 -19.40
N ILE C 1661 15.04 -18.81 -18.29
CA ILE C 1661 15.21 -17.65 -17.43
C ILE C 1661 15.31 -18.11 -15.98
N GLY C 1662 15.48 -19.41 -15.77
CA GLY C 1662 15.57 -19.97 -14.45
C GLY C 1662 14.28 -20.49 -13.87
N VAL C 1663 13.42 -21.11 -14.69
CA VAL C 1663 12.19 -21.67 -14.18
C VAL C 1663 12.46 -22.79 -13.19
N GLN C 1664 13.58 -23.50 -13.37
CA GLN C 1664 14.14 -24.41 -12.35
C GLN C 1664 13.14 -25.50 -11.96
N TYR C 1665 12.87 -26.37 -12.93
CA TYR C 1665 12.09 -27.57 -12.70
C TYR C 1665 13.02 -28.78 -12.75
N TRP C 1666 12.80 -29.72 -11.82
CA TRP C 1666 13.66 -30.88 -11.65
C TRP C 1666 12.97 -32.12 -12.20
N ARG C 1667 13.73 -33.20 -12.30
CA ARG C 1667 13.20 -34.48 -12.78
C ARG C 1667 13.69 -35.63 -11.89
N VAL C 1668 13.52 -35.47 -10.59
CA VAL C 1668 13.88 -36.51 -9.62
C VAL C 1668 13.24 -37.84 -10.01
N PRO C 1669 14.02 -38.92 -10.15
CA PRO C 1669 13.45 -40.19 -10.61
C PRO C 1669 12.49 -40.78 -9.59
N LEU C 1670 11.75 -41.80 -10.04
CA LEU C 1670 10.74 -42.45 -9.21
C LEU C 1670 11.33 -43.52 -8.31
N GLY C 1671 12.58 -43.92 -8.51
CA GLY C 1671 13.18 -44.94 -7.66
C GLY C 1671 13.36 -44.48 -6.23
N LEU C 1672 13.73 -43.21 -6.05
CA LEU C 1672 13.95 -42.64 -4.72
C LEU C 1672 12.80 -41.75 -4.28
N ARG C 1673 11.64 -41.86 -4.91
CA ARG C 1673 10.51 -40.99 -4.61
C ARG C 1673 9.92 -41.37 -3.26
N ASN C 1674 10.23 -40.57 -2.24
CA ASN C 1674 9.72 -40.76 -0.88
C ASN C 1674 10.02 -42.17 -0.37
N LYS C 1675 11.29 -42.56 -0.47
CA LYS C 1675 11.71 -43.90 -0.09
C LYS C 1675 12.02 -43.98 1.40
N SER C 1676 12.98 -43.19 1.87
CA SER C 1676 13.43 -43.24 3.25
C SER C 1676 13.40 -41.87 3.90
N GLU C 1677 12.41 -41.05 3.55
CA GLU C 1677 12.26 -39.69 4.07
C GLU C 1677 13.53 -38.87 3.81
N SER C 1678 13.83 -38.69 2.53
CA SER C 1678 14.97 -37.89 2.11
C SER C 1678 14.52 -36.45 1.86
N VAL C 1679 15.39 -35.66 1.23
CA VAL C 1679 15.02 -34.29 0.86
C VAL C 1679 13.96 -34.25 -0.22
N VAL C 1680 13.67 -35.40 -0.86
CA VAL C 1680 12.67 -35.46 -1.91
C VAL C 1680 11.27 -35.12 -1.39
N SER C 1681 11.09 -35.07 -0.07
CA SER C 1681 9.81 -34.69 0.49
C SER C 1681 9.44 -33.26 0.14
N TYR C 1682 10.44 -32.40 -0.07
CA TYR C 1682 10.16 -31.02 -0.48
C TYR C 1682 9.73 -30.94 -1.93
N PHE C 1683 10.15 -31.90 -2.75
CA PHE C 1683 9.76 -31.90 -4.15
C PHE C 1683 8.30 -32.32 -4.30
N ARG C 1684 7.64 -31.74 -5.30
CA ARG C 1684 6.25 -32.04 -5.58
C ARG C 1684 6.12 -32.35 -7.07
N PRO C 1685 5.42 -33.42 -7.44
CA PRO C 1685 5.35 -33.80 -8.86
C PRO C 1685 4.74 -32.69 -9.70
N LEU C 1686 5.34 -32.47 -10.87
CA LEU C 1686 4.95 -31.34 -11.71
C LEU C 1686 3.72 -31.67 -12.56
N LEU C 1687 3.63 -32.90 -13.06
CA LEU C 1687 2.51 -33.26 -13.92
C LEU C 1687 1.20 -33.30 -13.13
N TRP C 1688 1.26 -33.75 -11.88
CA TRP C 1688 0.06 -33.76 -11.04
C TRP C 1688 -0.45 -32.34 -10.79
N ASP C 1689 0.45 -31.42 -10.43
CA ASP C 1689 0.05 -30.03 -10.22
C ASP C 1689 -0.45 -29.41 -11.51
N TYR C 1690 0.18 -29.72 -12.64
CA TYR C 1690 -0.28 -29.21 -13.92
C TYR C 1690 -1.68 -29.71 -14.24
N MET C 1691 -1.95 -30.98 -13.95
CA MET C 1691 -3.29 -31.52 -14.18
C MET C 1691 -4.31 -30.83 -13.29
N CYS C 1692 -3.99 -30.66 -12.01
CA CYS C 1692 -4.89 -29.95 -11.10
C CYS C 1692 -5.19 -28.56 -11.62
N ILE C 1693 -4.15 -27.81 -12.01
CA ILE C 1693 -4.32 -26.43 -12.42
C ILE C 1693 -5.12 -26.35 -13.71
N SER C 1694 -4.84 -27.25 -14.66
CA SER C 1694 -5.56 -27.24 -15.93
C SER C 1694 -7.03 -27.60 -15.71
N LEU C 1695 -7.31 -28.56 -14.83
CA LEU C 1695 -8.70 -28.93 -14.56
C LEU C 1695 -9.44 -27.78 -13.88
N SER C 1696 -8.81 -27.15 -12.89
CA SER C 1696 -9.46 -26.04 -12.21
C SER C 1696 -9.70 -24.88 -13.17
N THR C 1697 -8.75 -24.62 -14.07
CA THR C 1697 -8.93 -23.55 -15.04
C THR C 1697 -10.04 -23.89 -16.03
N ALA C 1698 -10.11 -25.14 -16.46
CA ALA C 1698 -11.21 -25.57 -17.33
C ALA C 1698 -12.55 -25.38 -16.63
N ILE C 1699 -12.61 -25.66 -15.33
CA ILE C 1699 -13.83 -25.40 -14.58
C ILE C 1699 -14.10 -23.91 -14.47
N GLU C 1700 -13.04 -23.09 -14.41
CA GLU C 1700 -13.22 -21.65 -14.26
C GLU C 1700 -13.63 -20.99 -15.58
N LEU C 1701 -12.78 -21.11 -16.61
CA LEU C 1701 -12.97 -20.37 -17.86
C LEU C 1701 -13.00 -21.35 -19.04
N GLY C 1702 -14.18 -21.90 -19.32
CA GLY C 1702 -14.41 -22.66 -20.53
C GLY C 1702 -13.61 -23.94 -20.69
N ALA C 1703 -13.87 -24.67 -21.77
CA ALA C 1703 -13.14 -25.88 -22.10
C ALA C 1703 -12.11 -25.67 -23.20
N TRP C 1704 -12.01 -24.46 -23.75
CA TRP C 1704 -11.03 -24.17 -24.78
C TRP C 1704 -9.60 -24.24 -24.27
N VAL C 1705 -9.40 -24.21 -22.96
CA VAL C 1705 -8.05 -24.20 -22.40
C VAL C 1705 -7.36 -25.53 -22.66
N LEU C 1706 -8.11 -26.64 -22.66
CA LEU C 1706 -7.49 -27.95 -22.86
C LEU C 1706 -7.02 -28.15 -24.29
N GLY C 1707 -7.46 -27.31 -25.21
CA GLY C 1707 -7.01 -27.47 -26.59
C GLY C 1707 -5.51 -27.31 -26.71
N ASP C 1708 -4.95 -28.02 -27.68
CA ASP C 1708 -3.52 -27.95 -27.92
C ASP C 1708 -3.15 -26.54 -28.36
N PRO C 1709 -2.15 -25.91 -27.75
CA PRO C 1709 -1.82 -24.52 -28.12
C PRO C 1709 -1.22 -24.43 -29.52
N LYS C 1710 -1.96 -23.83 -30.44
CA LYS C 1710 -1.48 -23.60 -31.81
C LYS C 1710 -1.07 -22.13 -31.90
N THR C 1711 0.22 -21.88 -31.68
CA THR C 1711 0.73 -20.51 -31.74
C THR C 1711 0.60 -19.96 -33.15
N THR C 1712 -0.02 -18.79 -33.27
CA THR C 1712 -0.24 -18.16 -34.57
C THR C 1712 0.01 -16.66 -34.50
N ASN C 1721 1.88 -0.20 -35.62
CA ASN C 1721 1.61 1.08 -34.92
C ASN C 1721 1.15 0.79 -33.49
N PRO C 1722 1.87 1.34 -32.52
CA PRO C 1722 1.49 1.11 -31.11
C PRO C 1722 0.44 2.10 -30.61
N CYS C 1723 -0.64 2.27 -31.36
CA CYS C 1723 -1.67 3.22 -30.98
C CYS C 1723 -3.10 2.71 -31.13
N ASP C 1724 -3.31 1.46 -31.53
CA ASP C 1724 -4.64 0.90 -31.69
C ASP C 1724 -4.97 0.02 -30.50
N TYR C 1725 -6.19 0.14 -30.01
CA TYR C 1725 -6.66 -0.65 -28.87
C TYR C 1725 -7.99 -1.29 -29.21
N PHE C 1726 -8.33 -2.33 -28.45
CA PHE C 1726 -9.58 -3.07 -28.65
C PHE C 1726 -10.19 -3.36 -27.29
N PRO C 1727 -11.20 -2.59 -26.88
CA PRO C 1727 -11.83 -2.83 -25.57
C PRO C 1727 -12.69 -4.09 -25.57
N LEU C 1728 -12.05 -5.25 -25.42
CA LEU C 1728 -12.78 -6.51 -25.41
C LEU C 1728 -13.09 -6.93 -23.97
N LYS C 1729 -13.76 -8.07 -23.84
CA LYS C 1729 -14.20 -8.54 -22.55
C LYS C 1729 -13.67 -9.95 -22.30
N PRO C 1730 -13.50 -10.33 -21.03
CA PRO C 1730 -13.05 -11.70 -20.71
C PRO C 1730 -14.14 -12.72 -20.94
N THR C 1731 -14.33 -13.14 -22.19
CA THR C 1731 -15.36 -14.12 -22.52
C THR C 1731 -15.08 -15.45 -21.84
N ALA C 1732 -15.91 -15.81 -20.87
CA ALA C 1732 -15.73 -17.05 -20.12
C ALA C 1732 -17.04 -17.42 -19.45
N SER C 1733 -17.56 -18.61 -19.76
CA SER C 1733 -18.76 -19.13 -19.09
C SER C 1733 -18.33 -19.69 -17.74
N LYS C 1734 -18.24 -18.79 -16.76
CA LYS C 1734 -17.67 -19.15 -15.47
C LYS C 1734 -18.64 -20.01 -14.66
N LEU C 1735 -18.06 -20.86 -13.81
CA LEU C 1735 -18.82 -21.64 -12.84
C LEU C 1735 -18.54 -21.19 -11.41
N LEU C 1736 -18.07 -19.94 -11.24
CA LEU C 1736 -17.67 -19.38 -9.96
C LEU C 1736 -18.31 -18.01 -9.77
N GLU C 1737 -19.63 -17.95 -9.93
CA GLU C 1737 -20.40 -16.71 -9.85
C GLU C 1737 -19.90 -15.79 -8.75
N ASP C 1738 -19.81 -14.49 -9.07
CA ASP C 1738 -19.11 -13.50 -8.27
C ASP C 1738 -19.74 -13.28 -6.89
N ARG C 1739 -20.86 -13.92 -6.61
CA ARG C 1739 -21.44 -13.88 -5.27
C ARG C 1739 -20.71 -14.78 -4.29
N VAL C 1740 -19.53 -15.25 -4.65
CA VAL C 1740 -18.80 -16.23 -3.83
C VAL C 1740 -17.88 -15.45 -2.91
N GLY C 1741 -18.45 -14.97 -1.81
CA GLY C 1741 -17.66 -14.42 -0.73
C GLY C 1741 -17.55 -15.42 0.41
N LEU C 1742 -18.68 -15.96 0.80
CA LEU C 1742 -18.77 -17.05 1.78
C LEU C 1742 -19.77 -18.08 1.28
N ASN C 1743 -19.61 -18.48 0.02
CA ASN C 1743 -20.59 -19.29 -0.68
C ASN C 1743 -20.45 -20.75 -0.25
N HIS C 1744 -21.09 -21.66 -0.99
CA HIS C 1744 -21.10 -23.08 -0.64
C HIS C 1744 -19.72 -23.69 -0.46
N ILE C 1745 -18.65 -22.94 -0.76
CA ILE C 1745 -17.30 -23.45 -0.54
C ILE C 1745 -17.12 -23.87 0.93
N ILE C 1746 -17.73 -23.12 1.85
CA ILE C 1746 -17.61 -23.46 3.25
C ILE C 1746 -18.37 -24.74 3.56
N HIS C 1747 -19.50 -24.96 2.88
CA HIS C 1747 -20.23 -26.21 3.05
C HIS C 1747 -19.41 -27.41 2.60
N SER C 1748 -18.73 -27.28 1.46
CA SER C 1748 -17.85 -28.36 1.00
C SER C 1748 -16.68 -28.56 1.95
N LEU C 1749 -16.12 -27.46 2.48
CA LEU C 1749 -15.04 -27.57 3.45
C LEU C 1749 -15.49 -28.34 4.68
N ARG C 1750 -16.69 -28.03 5.19
CA ARG C 1750 -17.20 -28.73 6.36
C ARG C 1750 -17.63 -30.16 6.05
N ARG C 1751 -17.99 -30.44 4.79
CA ARG C 1751 -18.42 -31.78 4.42
C ARG C 1751 -17.24 -32.72 4.21
N LEU C 1752 -16.13 -32.20 3.70
CA LEU C 1752 -14.95 -33.02 3.47
C LEU C 1752 -13.92 -32.92 4.58
N TYR C 1753 -13.67 -31.71 5.11
CA TYR C 1753 -12.70 -31.48 6.18
C TYR C 1753 -13.43 -30.95 7.40
N PRO C 1754 -14.02 -31.84 8.21
CA PRO C 1754 -14.74 -31.39 9.42
C PRO C 1754 -13.79 -30.82 10.47
N SER C 1755 -12.70 -31.54 10.74
CA SER C 1755 -11.73 -31.06 11.72
C SER C 1755 -11.12 -29.74 11.30
N VAL C 1756 -10.83 -29.58 10.00
CA VAL C 1756 -10.33 -28.30 9.50
C VAL C 1756 -11.44 -27.25 9.54
N PHE C 1757 -12.71 -27.68 9.46
CA PHE C 1757 -13.82 -26.75 9.62
C PHE C 1757 -13.96 -26.27 11.07
N GLU C 1758 -13.51 -27.07 12.03
CA GLU C 1758 -13.56 -26.65 13.43
C GLU C 1758 -12.36 -25.81 13.83
N LYS C 1759 -11.15 -26.28 13.55
CA LYS C 1759 -9.93 -25.59 13.91
C LYS C 1759 -9.51 -24.64 12.79
N HIS C 1760 -9.05 -23.45 13.17
CA HIS C 1760 -8.64 -22.39 12.25
C HIS C 1760 -9.75 -21.94 11.32
N ILE C 1761 -11.01 -22.25 11.63
CA ILE C 1761 -12.16 -21.83 10.85
C ILE C 1761 -13.29 -21.47 11.80
N LEU C 1762 -13.82 -20.25 11.64
CA LEU C 1762 -14.92 -19.73 12.45
C LEU C 1762 -14.57 -19.66 13.93
N ILE C 1779 -26.69 -30.49 -6.72
CA ILE C 1779 -25.36 -30.09 -6.28
C ILE C 1779 -24.75 -29.14 -7.32
N LYS C 1780 -23.83 -28.30 -6.88
CA LYS C 1780 -23.19 -27.31 -7.72
C LYS C 1780 -21.82 -27.80 -8.19
N PHE C 1781 -21.40 -27.30 -9.34
CA PHE C 1781 -20.09 -27.62 -9.91
C PHE C 1781 -19.01 -26.79 -9.20
N LEU C 1782 -18.89 -27.00 -7.90
CA LEU C 1782 -17.96 -26.26 -7.06
C LEU C 1782 -17.13 -27.14 -6.14
N ASP C 1783 -17.55 -28.38 -5.88
CA ASP C 1783 -16.77 -29.27 -5.02
C ASP C 1783 -15.39 -29.53 -5.59
N LEU C 1784 -15.26 -29.56 -6.92
CA LEU C 1784 -13.95 -29.78 -7.53
C LEU C 1784 -13.03 -28.57 -7.32
N CYS C 1785 -13.59 -27.36 -7.35
CA CYS C 1785 -12.77 -26.18 -7.14
C CYS C 1785 -12.17 -26.16 -5.74
N VAL C 1786 -12.90 -26.67 -4.74
CA VAL C 1786 -12.37 -26.71 -3.39
C VAL C 1786 -11.52 -27.96 -3.19
N ALA C 1787 -11.76 -29.01 -3.97
CA ALA C 1787 -10.97 -30.23 -3.84
C ALA C 1787 -9.61 -30.11 -4.51
N LEU C 1788 -9.49 -29.28 -5.54
CA LEU C 1788 -8.26 -29.17 -6.32
C LEU C 1788 -7.24 -28.21 -5.71
N ASP C 1789 -7.45 -27.75 -4.47
CA ASP C 1789 -6.46 -26.94 -3.78
C ASP C 1789 -6.19 -27.38 -2.34
N VAL C 1790 -7.12 -28.09 -1.69
CA VAL C 1790 -6.85 -28.54 -0.34
C VAL C 1790 -5.84 -29.67 -0.33
N ASN C 1791 -5.82 -30.48 -1.40
CA ASN C 1791 -4.87 -31.58 -1.53
C ASN C 1791 -3.81 -31.34 -2.59
N CYS C 1792 -4.12 -30.59 -3.64
CA CYS C 1792 -3.16 -30.28 -4.69
C CYS C 1792 -2.55 -28.90 -4.41
N GLU C 1793 -1.67 -28.88 -3.42
CA GLU C 1793 -1.10 -27.62 -2.90
C GLU C 1793 -0.07 -27.11 -3.89
N ALA C 1794 -0.56 -26.50 -4.96
CA ALA C 1794 0.26 -25.75 -5.90
C ALA C 1794 -0.05 -24.27 -5.88
N LEU C 1795 -1.31 -23.90 -6.07
CA LEU C 1795 -1.77 -22.53 -5.91
C LEU C 1795 -2.98 -22.50 -4.98
N SER C 1796 -3.61 -21.34 -4.85
CA SER C 1796 -4.90 -21.28 -4.19
C SER C 1796 -6.01 -21.64 -5.16
N LEU C 1797 -5.95 -21.12 -6.39
CA LEU C 1797 -6.84 -21.43 -7.51
C LEU C 1797 -8.23 -20.84 -7.27
N VAL C 1798 -8.47 -20.34 -6.06
CA VAL C 1798 -9.61 -19.46 -5.80
C VAL C 1798 -9.11 -18.30 -4.93
N SER C 1799 -8.66 -17.23 -5.57
CA SER C 1799 -8.14 -16.08 -4.83
C SER C 1799 -8.56 -14.73 -5.40
N HIS C 1800 -9.06 -14.68 -6.63
CA HIS C 1800 -9.51 -13.43 -7.24
C HIS C 1800 -10.98 -13.16 -6.95
N ILE C 1801 -11.60 -13.97 -6.09
CA ILE C 1801 -12.99 -13.78 -5.72
C ILE C 1801 -13.17 -13.42 -4.26
N VAL C 1802 -12.21 -13.75 -3.39
CA VAL C 1802 -12.31 -13.43 -1.97
C VAL C 1802 -11.15 -12.58 -1.47
N LYS C 1803 -9.98 -12.63 -2.12
CA LYS C 1803 -8.83 -11.81 -1.75
C LYS C 1803 -8.54 -10.74 -2.79
N TRP C 1804 -8.39 -11.13 -4.05
CA TRP C 1804 -8.20 -10.21 -5.15
C TRP C 1804 -9.55 -9.96 -5.83
N LYS C 1805 -9.53 -9.21 -6.93
CA LYS C 1805 -10.73 -8.91 -7.69
C LYS C 1805 -10.45 -9.09 -9.18
N ARG C 1806 -11.46 -9.58 -9.90
CA ARG C 1806 -11.31 -9.83 -11.32
C ARG C 1806 -11.23 -8.52 -12.09
N GLU C 1807 -10.70 -8.61 -13.30
CA GLU C 1807 -10.59 -7.47 -14.21
C GLU C 1807 -11.44 -7.74 -15.45
N GLU C 1808 -12.21 -6.74 -15.86
CA GLU C 1808 -13.02 -6.82 -17.06
C GLU C 1808 -12.73 -5.61 -17.94
N HIS C 1809 -13.31 -5.62 -19.13
CA HIS C 1809 -13.13 -4.56 -20.12
C HIS C 1809 -11.64 -4.29 -20.37
N TYR C 1810 -10.99 -5.31 -20.94
CA TYR C 1810 -9.58 -5.24 -21.26
C TYR C 1810 -9.36 -4.37 -22.48
N ILE C 1811 -8.60 -3.29 -22.32
CA ILE C 1811 -8.22 -2.42 -23.42
C ILE C 1811 -6.78 -2.79 -23.78
N VAL C 1812 -6.61 -3.68 -24.75
CA VAL C 1812 -5.28 -4.15 -25.12
C VAL C 1812 -5.01 -3.80 -26.58
N LEU C 1813 -3.72 -3.81 -26.93
CA LEU C 1813 -3.31 -3.54 -28.29
C LEU C 1813 -3.89 -4.59 -29.23
N SER C 1814 -4.44 -4.13 -30.36
CA SER C 1814 -5.03 -5.05 -31.33
C SER C 1814 -3.96 -5.78 -32.13
N SER C 1815 -2.81 -5.14 -32.36
CA SER C 1815 -1.73 -5.81 -33.07
C SER C 1815 -1.17 -6.97 -32.27
N GLU C 1816 -1.09 -6.84 -30.94
CA GLU C 1816 -0.61 -7.91 -30.09
C GLU C 1816 -1.65 -9.00 -29.86
N LEU C 1817 -2.88 -8.82 -30.37
CA LEU C 1817 -3.86 -9.90 -30.34
C LEU C 1817 -3.69 -10.85 -31.51
N ARG C 1818 -3.16 -10.36 -32.63
CA ARG C 1818 -2.95 -11.21 -33.80
C ARG C 1818 -1.67 -12.04 -33.70
N PHE C 1819 -0.73 -11.63 -32.86
CA PHE C 1819 0.48 -12.40 -32.62
C PHE C 1819 0.32 -13.38 -31.46
N SER C 1820 -0.91 -13.69 -31.08
CA SER C 1820 -1.19 -14.54 -29.94
C SER C 1820 -1.27 -16.01 -30.36
N HIS C 1821 -1.43 -16.87 -29.37
CA HIS C 1821 -1.64 -18.30 -29.58
C HIS C 1821 -3.12 -18.64 -29.46
N THR C 1822 -3.49 -19.78 -30.02
CA THR C 1822 -4.88 -20.24 -30.02
C THR C 1822 -4.92 -21.71 -29.62
N ARG C 1823 -6.10 -22.13 -29.16
CA ARG C 1823 -6.31 -23.51 -28.74
C ARG C 1823 -7.80 -23.82 -28.82
N THR C 1824 -8.11 -25.04 -29.24
CA THR C 1824 -9.50 -25.49 -29.40
C THR C 1824 -10.24 -25.48 -28.06
#